data_3CVH
#
_entry.id   3CVH
#
_cell.length_a   80.570
_cell.length_b   111.345
_cell.length_c   219.087
_cell.angle_alpha   90.00
_cell.angle_beta   90.00
_cell.angle_gamma   90.00
#
_symmetry.space_group_name_H-M   'P 21 21 21'
#
loop_
_entity.id
_entity.type
_entity.pdbx_description
1 polymer 'H-2 class I histocompatibility antigen, K-B alpha chain'
2 polymer Beta-2-microglobulin
3 polymer Ovalbumin
4 polymer '25-D1.16 heavy chain'
5 polymer '25-D1.16 light chain'
6 water water
#
loop_
_entity_poly.entity_id
_entity_poly.type
_entity_poly.pdbx_seq_one_letter_code
_entity_poly.pdbx_strand_id
1 'polypeptide(L)'
;GPHSLRYFVTAVSRPGLGEPRYMEVGYVDDTEFVRFDSDAENPRYEPRARWMEQEGPEYWERETQKAKGNEQSFRVDLRT
LLGYYNQSKGGSHTIQVISGCEVGSDGRLLRGYQQYAYDGCDYIALNEDLKTWTAADMAALITKHKWEQAGEAERLRAYL
EGTCVEWLRRYLKNGNATLLRTDSPKAHVTHHSRPEDKVTLRCWALGFYPADITLTWQLNGEELIQDMELVETRPAGDGT
FQKWASVVVPLGKEQYYTCHVYHQGLPEPLTLRW
;
A,M
2 'polypeptide(L)'
;IQKTPQIQVYSRHPPENGKPNILNCYVTQFHPPHIEIQMLKNGKKIPKVEMSDMSFSKDWSFYILAHTEFTPTETDTYAC
RVKHDSMAEPKTVYWDRDM
;
B,N
3 'polypeptide(L)' SIINFEKL C,O
4 'polypeptide(L)'
;VLLQQSGPELVKPGASVKIPCKASGYTFTDYNMDWVKQSHGKSLEWIGDINPNNGGTIYNQKFKGKATLTVDKSSSAAYM
EVRSLTSEDTAVYYCARKPYYGNFAWFAYWGQGTLVTVSAAKTTPPSVYPLAPGSAAQTNSMVTLGCLVKGYFPEPVTVT
WNSGSLSSGVHTFPAVLQSDLYTLSSSVTVPSSTWPSETVTCNVAHPASSTKVDKKIVP
;
H,Q
5 'polypeptide(L)'
;IQVTQSSSSFSVSLGDRVTITCKASEDIYNRLAWYQQKPGNAPRLLISGATSLETGVPDRFSGSGSRKDYTLIITSLQTE
DVATYYCQQYWSTPLTFGAGTKLELKRADAAPTVSIFPPSSEQLTSGGASVVCFLNNFYPKDINVKWKIDGSERQNGVLN
SWTDQDSKDSTYSMSSTLTLTKDEYERHNSYTCEATHKTSTSPIVKSFN
;
L,R
#
# COMPACT_ATOMS: atom_id res chain seq x y z
N GLY A 1 -1.51 4.68 -4.16
CA GLY A 1 -1.95 4.17 -2.84
C GLY A 1 -3.29 3.46 -2.93
N PRO A 2 -3.48 2.40 -2.11
CA PRO A 2 -4.81 1.76 -2.06
C PRO A 2 -5.84 2.63 -1.33
N HIS A 3 -7.12 2.36 -1.56
CA HIS A 3 -8.21 3.00 -0.83
C HIS A 3 -9.40 2.06 -0.69
N SER A 4 -10.24 2.30 0.30
CA SER A 4 -11.40 1.45 0.49
C SER A 4 -12.66 2.25 0.77
N LEU A 5 -13.78 1.64 0.38
CA LEU A 5 -15.10 2.16 0.69
C LEU A 5 -15.82 1.02 1.40
N ARG A 6 -16.22 1.26 2.63
CA ARG A 6 -16.92 0.25 3.41
C ARG A 6 -18.13 0.80 4.12
N TYR A 7 -19.18 -0.02 4.18
CA TYR A 7 -20.35 0.33 4.96
C TYR A 7 -20.47 -0.64 6.10
N PHE A 8 -20.88 -0.13 7.25
CA PHE A 8 -21.07 -0.94 8.44
C PHE A 8 -22.54 -0.87 8.80
N VAL A 9 -23.26 -1.95 8.52
CA VAL A 9 -24.71 -1.98 8.78
C VAL A 9 -25.05 -2.73 10.05
N THR A 10 -26.12 -2.27 10.69
CA THR A 10 -26.53 -2.77 11.97
C THR A 10 -28.05 -2.58 12.11
N ALA A 11 -28.74 -3.68 12.33
CA ALA A 11 -30.17 -3.70 12.62
C ALA A 11 -30.39 -4.47 13.91
N VAL A 12 -31.07 -3.84 14.87
CA VAL A 12 -31.26 -4.44 16.19
C VAL A 12 -32.72 -4.40 16.54
N SER A 13 -33.32 -5.58 16.73
CA SER A 13 -34.74 -5.66 17.12
C SER A 13 -34.90 -5.18 18.56
N ARG A 14 -36.14 -4.95 18.98
CA ARG A 14 -36.42 -4.56 20.37
C ARG A 14 -37.90 -4.72 20.70
N PRO A 15 -38.43 -5.94 20.53
CA PRO A 15 -39.89 -6.13 20.61
C PRO A 15 -40.44 -5.57 21.90
N GLY A 16 -41.58 -4.89 21.82
CA GLY A 16 -42.16 -4.20 22.97
C GLY A 16 -41.78 -2.73 23.01
N LEU A 17 -41.06 -2.27 21.98
CA LEU A 17 -40.70 -0.87 21.84
C LEU A 17 -40.89 -0.38 20.40
N GLY A 18 -41.42 -1.24 19.53
CA GLY A 18 -41.66 -0.89 18.13
C GLY A 18 -40.55 -1.27 17.16
N GLU A 19 -40.34 -0.42 16.15
CA GLU A 19 -39.41 -0.71 15.06
C GLU A 19 -38.00 -1.06 15.54
N PRO A 20 -37.35 -2.03 14.86
CA PRO A 20 -35.94 -2.29 15.13
C PRO A 20 -35.14 -1.05 14.82
N ARG A 21 -34.04 -0.87 15.54
CA ARG A 21 -33.14 0.23 15.22
C ARG A 21 -32.28 -0.17 14.03
N TYR A 22 -32.32 0.66 12.98
CA TYR A 22 -31.53 0.40 11.79
C TYR A 22 -30.51 1.52 11.57
N MET A 23 -29.30 1.13 11.18
CA MET A 23 -28.24 2.10 10.89
C MET A 23 -27.33 1.69 9.75
N GLU A 24 -26.89 2.69 8.98
CA GLU A 24 -25.91 2.51 7.91
C GLU A 24 -24.80 3.52 8.16
N VAL A 25 -23.58 3.04 8.38
CA VAL A 25 -22.46 3.97 8.59
C VAL A 25 -21.41 3.77 7.52
N GLY A 26 -20.98 4.88 6.91
CA GLY A 26 -20.08 4.83 5.76
C GLY A 26 -18.63 5.18 6.06
N TYR A 27 -17.72 4.44 5.43
CA TYR A 27 -16.29 4.62 5.66
C TYR A 27 -15.48 4.67 4.38
N VAL A 28 -14.73 5.76 4.20
CA VAL A 28 -13.64 5.80 3.22
C VAL A 28 -12.32 5.64 3.97
N ASP A 29 -11.56 4.63 3.59
CA ASP A 29 -10.41 4.16 4.37
C ASP A 29 -10.93 3.84 5.78
N ASP A 30 -10.61 4.64 6.80
CA ASP A 30 -11.19 4.35 8.12
C ASP A 30 -12.00 5.52 8.67
N THR A 31 -12.30 6.45 7.77
CA THR A 31 -12.96 7.69 8.15
C THR A 31 -14.44 7.67 7.84
N GLU A 32 -15.25 7.79 8.88
CA GLU A 32 -16.70 7.85 8.73
C GLU A 32 -17.11 9.10 7.93
N PHE A 33 -17.79 8.89 6.80
CA PHE A 33 -18.15 10.01 5.95
C PHE A 33 -19.66 10.20 5.78
N VAL A 34 -20.42 9.13 5.97
CA VAL A 34 -21.88 9.20 5.95
C VAL A 34 -22.47 8.38 7.09
N ARG A 35 -23.71 8.70 7.43
CA ARG A 35 -24.40 8.02 8.52
C ARG A 35 -25.91 8.16 8.40
N PHE A 36 -26.59 7.02 8.43
CA PHE A 36 -28.04 6.96 8.54
C PHE A 36 -28.36 6.26 9.85
N ASP A 37 -29.28 6.84 10.62
CA ASP A 37 -29.73 6.27 11.89
C ASP A 37 -31.23 6.42 11.97
N SER A 38 -31.94 5.30 12.12
CA SER A 38 -33.41 5.32 12.04
C SER A 38 -34.06 6.05 13.22
N ASP A 39 -33.33 6.19 14.32
CA ASP A 39 -33.83 6.81 15.54
C ASP A 39 -33.68 8.31 15.65
N ALA A 40 -32.91 8.91 14.73
CA ALA A 40 -32.70 10.37 14.73
C ALA A 40 -34.04 11.10 14.57
N GLU A 41 -34.07 12.38 14.95
CA GLU A 41 -35.28 13.21 14.83
C GLU A 41 -35.82 13.21 13.40
N ASN A 42 -34.90 13.46 12.46
CA ASN A 42 -35.17 13.35 11.03
C ASN A 42 -34.23 12.30 10.40
N PRO A 43 -34.73 11.05 10.25
CA PRO A 43 -33.88 9.92 9.82
C PRO A 43 -33.52 10.03 8.34
N ARG A 44 -32.43 10.73 8.06
CA ARG A 44 -31.90 10.90 6.71
C ARG A 44 -30.44 10.50 6.68
N TYR A 45 -29.89 10.32 5.48
CA TYR A 45 -28.45 10.30 5.34
C TYR A 45 -27.91 11.68 5.67
N GLU A 46 -26.85 11.68 6.47
CA GLU A 46 -26.21 12.92 6.91
C GLU A 46 -24.72 12.82 6.62
N PRO A 47 -24.09 13.94 6.24
CA PRO A 47 -22.65 13.88 6.08
C PRO A 47 -21.94 13.83 7.42
N ARG A 48 -20.75 13.24 7.44
CA ARG A 48 -19.97 13.08 8.67
C ARG A 48 -18.53 13.56 8.46
N ALA A 49 -18.27 14.03 7.25
CA ALA A 49 -16.99 14.59 6.89
C ALA A 49 -17.27 15.82 6.05
N ARG A 50 -16.96 16.98 6.60
CA ARG A 50 -17.10 18.27 5.93
C ARG A 50 -17.23 18.16 4.40
N TRP A 51 -16.29 17.47 3.78
CA TRP A 51 -16.23 17.39 2.32
C TRP A 51 -17.41 16.73 1.61
N MET A 52 -18.36 16.20 2.37
CA MET A 52 -19.56 15.61 1.75
C MET A 52 -20.67 16.64 1.52
N GLU A 53 -20.50 17.86 2.04
CA GLU A 53 -21.43 18.96 1.77
C GLU A 53 -21.54 19.19 0.26
N GLN A 54 -20.42 19.03 -0.45
CA GLN A 54 -20.35 19.24 -1.90
C GLN A 54 -21.19 18.28 -2.72
N GLU A 55 -22.10 17.55 -2.06
CA GLU A 55 -23.04 16.68 -2.77
C GLU A 55 -24.41 17.33 -2.71
N GLY A 56 -25.01 17.54 -3.87
CA GLY A 56 -26.31 18.18 -3.98
C GLY A 56 -27.46 17.33 -3.42
N PRO A 57 -28.65 17.95 -3.26
CA PRO A 57 -29.82 17.32 -2.63
C PRO A 57 -30.22 15.94 -3.19
N GLU A 58 -29.97 15.70 -4.47
CA GLU A 58 -30.32 14.42 -5.07
C GLU A 58 -29.57 13.25 -4.47
N TYR A 59 -28.31 13.45 -4.18
CA TYR A 59 -27.51 12.40 -3.56
C TYR A 59 -28.19 11.94 -2.27
N TRP A 60 -28.44 12.87 -1.36
CA TRP A 60 -28.97 12.54 -0.05
C TRP A 60 -30.36 11.91 -0.12
N GLU A 61 -31.18 12.38 -1.06
CA GLU A 61 -32.49 11.80 -1.29
C GLU A 61 -32.39 10.35 -1.73
N ARG A 62 -31.58 10.11 -2.77
CA ARG A 62 -31.34 8.76 -3.32
C ARG A 62 -30.88 7.78 -2.24
N GLU A 63 -29.97 8.23 -1.39
CA GLU A 63 -29.39 7.39 -0.35
C GLU A 63 -30.36 7.16 0.81
N THR A 64 -31.08 8.20 1.18
CA THR A 64 -32.13 8.11 2.20
C THR A 64 -33.20 7.12 1.77
N GLN A 65 -33.71 7.28 0.54
CA GLN A 65 -34.72 6.39 -0.02
C GLN A 65 -34.27 4.93 0.05
N LYS A 66 -33.02 4.68 -0.32
CA LYS A 66 -32.45 3.35 -0.33
C LYS A 66 -32.30 2.76 1.07
N ALA A 67 -31.93 3.59 2.04
CA ALA A 67 -31.78 3.10 3.42
C ALA A 67 -33.13 2.59 3.91
N LYS A 68 -34.16 3.38 3.65
CA LYS A 68 -35.50 3.03 4.07
C LYS A 68 -35.89 1.67 3.48
N GLY A 69 -35.44 1.40 2.26
CA GLY A 69 -35.67 0.11 1.60
C GLY A 69 -34.89 -1.00 2.28
N ASN A 70 -33.60 -0.75 2.49
CA ASN A 70 -32.74 -1.63 3.26
C ASN A 70 -33.28 -1.88 4.66
N GLU A 71 -33.68 -0.80 5.33
CA GLU A 71 -34.31 -0.87 6.65
C GLU A 71 -35.46 -1.85 6.64
N GLN A 72 -36.38 -1.70 5.68
CA GLN A 72 -37.52 -2.62 5.55
C GLN A 72 -37.08 -4.06 5.42
N SER A 73 -36.09 -4.29 4.56
CA SER A 73 -35.59 -5.63 4.28
C SER A 73 -35.08 -6.31 5.54
N PHE A 74 -34.16 -5.64 6.23
CA PHE A 74 -33.58 -6.10 7.50
C PHE A 74 -34.64 -6.34 8.57
N ARG A 75 -35.62 -5.44 8.62
CA ARG A 75 -36.78 -5.60 9.50
C ARG A 75 -37.39 -6.99 9.36
N VAL A 76 -37.52 -7.46 8.12
CA VAL A 76 -37.99 -8.83 7.87
C VAL A 76 -36.90 -9.85 8.20
N ASP A 77 -35.66 -9.57 7.80
CA ASP A 77 -34.54 -10.49 8.01
C ASP A 77 -34.52 -11.02 9.44
N LEU A 78 -34.73 -10.11 10.40
CA LEU A 78 -34.74 -10.41 11.83
C LEU A 78 -35.78 -11.45 12.24
N ARG A 79 -36.85 -11.59 11.46
CA ARG A 79 -37.91 -12.54 11.76
C ARG A 79 -37.58 -13.92 11.19
N THR A 80 -37.10 -13.91 9.95
CA THR A 80 -36.64 -15.09 9.24
C THR A 80 -35.60 -15.81 10.07
N LEU A 81 -34.65 -15.02 10.59
CA LEU A 81 -33.54 -15.55 11.35
C LEU A 81 -34.03 -16.09 12.70
N LEU A 82 -35.10 -15.47 13.20
CA LEU A 82 -35.79 -15.93 14.40
C LEU A 82 -36.29 -17.35 14.15
N GLY A 83 -36.93 -17.54 13.00
CA GLY A 83 -37.43 -18.84 12.57
C GLY A 83 -36.33 -19.86 12.30
N TYR A 84 -35.32 -19.45 11.52
CA TYR A 84 -34.19 -20.31 11.21
C TYR A 84 -33.60 -20.90 12.47
N TYR A 85 -33.53 -20.07 13.52
CA TYR A 85 -32.93 -20.49 14.80
C TYR A 85 -33.97 -20.92 15.84
N ASN A 86 -35.24 -20.97 15.42
CA ASN A 86 -36.36 -21.36 16.27
C ASN A 86 -36.29 -20.67 17.63
N GLN A 87 -36.23 -19.34 17.59
CA GLN A 87 -36.08 -18.53 18.79
C GLN A 87 -37.39 -17.85 19.21
N SER A 88 -37.60 -17.68 20.51
CA SER A 88 -38.70 -16.92 21.09
C SER A 88 -38.86 -15.52 20.51
N LYS A 89 -40.05 -14.94 20.67
CA LYS A 89 -40.36 -13.60 20.14
C LYS A 89 -39.95 -12.46 21.07
N GLY A 90 -39.57 -12.81 22.30
CA GLY A 90 -39.37 -11.83 23.35
C GLY A 90 -38.18 -10.90 23.17
N GLY A 91 -36.98 -11.44 23.35
CA GLY A 91 -35.74 -10.66 23.41
C GLY A 91 -35.26 -10.02 22.12
N SER A 92 -34.18 -9.24 22.26
CA SER A 92 -33.64 -8.40 21.20
C SER A 92 -32.45 -9.06 20.50
N HIS A 93 -32.38 -8.92 19.17
CA HIS A 93 -31.34 -9.54 18.37
C HIS A 93 -30.73 -8.57 17.39
N THR A 94 -29.51 -8.88 16.94
CA THR A 94 -28.70 -8.00 16.11
C THR A 94 -28.27 -8.69 14.82
N ILE A 95 -28.47 -8.00 13.69
CA ILE A 95 -27.83 -8.38 12.44
C ILE A 95 -26.82 -7.28 12.13
N GLN A 96 -25.67 -7.69 11.61
CA GLN A 96 -24.59 -6.77 11.28
C GLN A 96 -24.01 -7.18 9.94
N VAL A 97 -23.68 -6.18 9.14
CA VAL A 97 -23.06 -6.41 7.86
C VAL A 97 -21.88 -5.48 7.71
N ILE A 98 -20.80 -6.01 7.14
CA ILE A 98 -19.75 -5.18 6.58
C ILE A 98 -19.77 -5.40 5.06
N SER A 99 -19.82 -4.30 4.33
CA SER A 99 -19.90 -4.38 2.89
C SER A 99 -19.06 -3.29 2.23
N GLY A 100 -18.33 -3.65 1.18
CA GLY A 100 -17.52 -2.68 0.46
C GLY A 100 -16.34 -3.29 -0.24
N CYS A 101 -15.40 -2.43 -0.65
CA CYS A 101 -14.33 -2.81 -1.56
C CYS A 101 -13.00 -2.10 -1.28
N GLU A 102 -11.90 -2.83 -1.45
CA GLU A 102 -10.57 -2.24 -1.47
C GLU A 102 -10.03 -2.23 -2.91
N VAL A 103 -9.68 -1.04 -3.42
CA VAL A 103 -9.15 -0.89 -4.80
C VAL A 103 -7.85 -0.13 -4.88
N GLY A 104 -6.92 -0.63 -5.69
CA GLY A 104 -5.62 0.02 -5.88
C GLY A 104 -5.69 1.36 -6.60
N SER A 105 -4.56 2.06 -6.61
CA SER A 105 -4.43 3.30 -7.38
C SER A 105 -4.71 3.12 -8.87
N ASP A 106 -4.51 1.90 -9.39
CA ASP A 106 -4.80 1.62 -10.81
C ASP A 106 -6.29 1.35 -11.09
N GLY A 107 -7.11 1.33 -10.04
CA GLY A 107 -8.56 1.19 -10.18
C GLY A 107 -9.06 -0.23 -10.30
N ARG A 108 -8.22 -1.21 -9.95
CA ARG A 108 -8.60 -2.61 -9.93
C ARG A 108 -8.99 -3.01 -8.52
N LEU A 109 -9.98 -3.89 -8.44
CA LEU A 109 -10.43 -4.38 -7.15
C LEU A 109 -9.38 -5.31 -6.55
N LEU A 110 -8.87 -4.96 -5.37
CA LEU A 110 -7.96 -5.81 -4.61
C LEU A 110 -8.71 -6.83 -3.75
N ARG A 111 -9.70 -6.35 -2.99
CA ARG A 111 -10.51 -7.20 -2.11
C ARG A 111 -11.94 -6.68 -2.02
N GLY A 112 -12.92 -7.58 -2.01
CA GLY A 112 -14.30 -7.23 -1.76
C GLY A 112 -14.82 -7.89 -0.49
N TYR A 113 -15.55 -7.13 0.33
CA TYR A 113 -16.13 -7.65 1.56
C TYR A 113 -17.65 -7.70 1.47
N GLN A 114 -18.23 -8.73 2.08
CA GLN A 114 -19.66 -8.83 2.35
C GLN A 114 -19.81 -9.89 3.43
N GLN A 115 -19.78 -9.43 4.67
CA GLN A 115 -19.82 -10.30 5.83
C GLN A 115 -21.06 -9.98 6.68
N TYR A 116 -21.59 -11.01 7.33
CA TYR A 116 -22.83 -10.91 8.07
C TYR A 116 -22.62 -11.54 9.41
N ALA A 117 -23.28 -10.98 10.43
CA ALA A 117 -23.26 -11.58 11.76
C ALA A 117 -24.63 -11.49 12.35
N TYR A 118 -25.00 -12.55 13.06
CA TYR A 118 -26.21 -12.59 13.85
C TYR A 118 -25.83 -12.75 15.29
N ASP A 119 -26.28 -11.82 16.12
CA ASP A 119 -26.01 -11.83 17.57
C ASP A 119 -24.53 -11.87 17.93
N GLY A 120 -23.70 -11.28 17.09
CA GLY A 120 -22.28 -11.15 17.36
C GLY A 120 -21.43 -12.29 16.84
N CYS A 121 -22.08 -13.26 16.20
CA CYS A 121 -21.40 -14.44 15.66
C CYS A 121 -21.46 -14.42 14.15
N ASP A 122 -20.35 -14.81 13.52
CA ASP A 122 -20.30 -14.97 12.08
C ASP A 122 -21.52 -15.74 11.61
N TYR A 123 -22.18 -15.21 10.59
CA TYR A 123 -23.30 -15.90 10.01
C TYR A 123 -22.92 -16.42 8.63
N ILE A 124 -22.56 -15.49 7.73
CA ILE A 124 -22.16 -15.84 6.36
C ILE A 124 -21.29 -14.76 5.73
N ALA A 125 -20.35 -15.18 4.87
CA ALA A 125 -19.49 -14.23 4.19
C ALA A 125 -19.14 -14.67 2.77
N LEU A 126 -18.97 -13.68 1.89
CA LEU A 126 -18.48 -13.92 0.54
C LEU A 126 -16.97 -14.18 0.59
N ASN A 127 -16.53 -15.29 -0.02
CA ASN A 127 -15.12 -15.68 0.00
C ASN A 127 -14.22 -14.75 -0.80
N GLU A 128 -12.90 -14.81 -0.54
CA GLU A 128 -11.88 -14.04 -1.26
C GLU A 128 -12.09 -14.02 -2.79
N ASP A 129 -12.56 -15.15 -3.33
CA ASP A 129 -12.72 -15.35 -4.77
C ASP A 129 -13.93 -14.64 -5.38
N LEU A 130 -14.86 -14.22 -4.53
CA LEU A 130 -16.04 -13.43 -4.95
C LEU A 130 -17.11 -14.24 -5.67
N LYS A 131 -17.05 -15.57 -5.53
CA LYS A 131 -18.01 -16.44 -6.23
C LYS A 131 -18.66 -17.44 -5.29
N THR A 132 -18.04 -17.69 -4.15
CA THR A 132 -18.51 -18.73 -3.24
C THR A 132 -18.71 -18.17 -1.83
N TRP A 133 -19.55 -18.85 -1.05
CA TRP A 133 -19.92 -18.39 0.27
C TRP A 133 -19.49 -19.35 1.38
N THR A 134 -19.19 -18.79 2.55
CA THR A 134 -18.92 -19.58 3.74
C THR A 134 -20.07 -19.35 4.72
N ALA A 135 -20.85 -20.40 4.94
CA ALA A 135 -21.90 -20.41 5.94
C ALA A 135 -21.34 -21.03 7.21
N ALA A 136 -21.75 -20.52 8.36
CA ALA A 136 -21.16 -20.91 9.65
C ALA A 136 -22.03 -21.85 10.48
N ASP A 137 -23.21 -22.20 9.97
CA ASP A 137 -24.08 -23.20 10.60
C ASP A 137 -25.30 -23.58 9.73
N MET A 138 -26.24 -24.31 10.32
CA MET A 138 -27.40 -24.81 9.59
C MET A 138 -28.44 -23.74 9.25
N ALA A 139 -28.47 -22.65 10.02
CA ALA A 139 -29.34 -21.54 9.65
C ALA A 139 -28.75 -20.83 8.45
N ALA A 140 -27.45 -20.54 8.52
CA ALA A 140 -26.74 -19.85 7.45
C ALA A 140 -26.75 -20.60 6.12
N LEU A 141 -26.83 -21.93 6.20
CA LEU A 141 -26.85 -22.79 5.01
C LEU A 141 -28.15 -22.63 4.22
N ILE A 142 -29.22 -22.23 4.92
CA ILE A 142 -30.53 -22.02 4.30
C ILE A 142 -30.45 -20.73 3.50
N THR A 143 -29.85 -19.71 4.10
CA THR A 143 -29.55 -18.47 3.40
C THR A 143 -28.64 -18.79 2.22
N LYS A 144 -27.62 -19.62 2.44
CA LYS A 144 -26.65 -19.94 1.40
C LYS A 144 -27.34 -20.54 0.18
N HIS A 145 -28.25 -21.46 0.41
CA HIS A 145 -28.90 -22.13 -0.72
C HIS A 145 -29.79 -21.16 -1.51
N LYS A 146 -30.39 -20.20 -0.80
CA LYS A 146 -31.26 -19.23 -1.43
C LYS A 146 -30.46 -18.29 -2.33
N TRP A 147 -29.34 -17.81 -1.81
CA TRP A 147 -28.43 -16.93 -2.54
C TRP A 147 -27.80 -17.57 -3.80
N GLU A 148 -27.58 -18.88 -3.78
CA GLU A 148 -27.07 -19.58 -4.95
C GLU A 148 -28.16 -19.73 -6.02
N GLN A 149 -29.38 -19.98 -5.56
CA GLN A 149 -30.57 -19.98 -6.42
C GLN A 149 -30.76 -18.63 -7.07
N ALA A 150 -30.50 -17.56 -6.31
CA ALA A 150 -30.80 -16.20 -6.76
C ALA A 150 -29.66 -15.56 -7.54
N GLY A 151 -28.46 -16.15 -7.46
CA GLY A 151 -27.31 -15.59 -8.13
C GLY A 151 -26.82 -14.34 -7.42
N GLU A 152 -26.73 -14.43 -6.09
CA GLU A 152 -26.30 -13.31 -5.26
C GLU A 152 -24.81 -12.95 -5.36
N ALA A 153 -23.93 -13.95 -5.26
CA ALA A 153 -22.50 -13.73 -5.42
C ALA A 153 -22.19 -12.96 -6.72
N GLU A 154 -22.75 -13.42 -7.84
CA GLU A 154 -22.56 -12.76 -9.14
C GLU A 154 -22.97 -11.29 -9.07
N ARG A 155 -24.14 -11.03 -8.47
CA ARG A 155 -24.65 -9.69 -8.25
C ARG A 155 -23.66 -8.92 -7.42
N LEU A 156 -23.31 -9.42 -6.25
CA LEU A 156 -22.36 -8.72 -5.42
C LEU A 156 -21.11 -8.35 -6.23
N ARG A 157 -20.54 -9.35 -6.88
CA ARG A 157 -19.37 -9.18 -7.70
C ARG A 157 -19.55 -8.03 -8.71
N ALA A 158 -20.77 -7.90 -9.23
CA ALA A 158 -21.08 -6.83 -10.17
C ALA A 158 -20.99 -5.48 -9.47
N TYR A 159 -21.52 -5.42 -8.26
CA TYR A 159 -21.50 -4.19 -7.49
C TYR A 159 -20.09 -3.85 -7.01
N LEU A 160 -19.35 -4.88 -6.60
CA LEU A 160 -18.04 -4.69 -5.99
C LEU A 160 -16.94 -4.22 -6.94
N GLU A 161 -17.03 -4.64 -8.21
CA GLU A 161 -16.08 -4.22 -9.24
C GLU A 161 -16.58 -3.02 -10.05
N GLY A 162 -17.89 -2.79 -9.98
CA GLY A 162 -18.54 -1.74 -10.73
C GLY A 162 -18.89 -0.63 -9.77
N THR A 163 -20.13 -0.66 -9.27
CA THR A 163 -20.69 0.37 -8.41
C THR A 163 -19.71 0.84 -7.34
N CYS A 164 -19.33 -0.08 -6.44
CA CYS A 164 -18.44 0.24 -5.32
C CYS A 164 -17.21 1.01 -5.75
N VAL A 165 -16.60 0.59 -6.86
CA VAL A 165 -15.37 1.19 -7.36
C VAL A 165 -15.62 2.62 -7.76
N GLU A 166 -16.67 2.83 -8.55
CA GLU A 166 -16.94 4.13 -9.14
C GLU A 166 -17.33 5.18 -8.11
N TRP A 167 -18.13 4.80 -7.12
CA TRP A 167 -18.44 5.72 -6.02
C TRP A 167 -17.22 6.10 -5.19
N LEU A 168 -16.35 5.11 -4.88
CA LEU A 168 -15.10 5.39 -4.18
C LEU A 168 -14.28 6.41 -4.95
N ARG A 169 -14.18 6.22 -6.27
CA ARG A 169 -13.42 7.12 -7.14
C ARG A 169 -13.90 8.55 -6.97
N ARG A 170 -15.23 8.73 -7.04
CA ARG A 170 -15.85 10.02 -6.78
C ARG A 170 -15.61 10.48 -5.35
N TYR A 171 -15.85 9.61 -4.37
CA TYR A 171 -15.67 9.99 -2.97
C TYR A 171 -14.26 10.49 -2.70
N LEU A 172 -13.28 9.88 -3.36
CA LEU A 172 -11.89 10.31 -3.30
C LEU A 172 -11.73 11.63 -4.04
N LYS A 173 -12.33 11.73 -5.23
CA LYS A 173 -12.29 12.95 -6.01
C LYS A 173 -12.81 14.16 -5.21
N ASN A 174 -13.78 13.91 -4.32
CA ASN A 174 -14.40 14.98 -3.54
C ASN A 174 -13.53 15.49 -2.40
N GLY A 175 -13.18 14.60 -1.47
CA GLY A 175 -12.41 14.99 -0.29
C GLY A 175 -11.01 14.43 -0.16
N ASN A 176 -10.27 14.36 -1.27
CA ASN A 176 -8.89 13.81 -1.24
C ASN A 176 -7.92 14.67 -0.45
N ALA A 177 -8.09 15.99 -0.52
CA ALA A 177 -7.29 16.91 0.26
C ALA A 177 -7.36 16.56 1.76
N THR A 178 -8.58 16.39 2.27
CA THR A 178 -8.85 16.21 3.69
C THR A 178 -8.40 14.84 4.23
N LEU A 179 -8.53 13.80 3.43
CA LEU A 179 -8.25 12.43 3.90
C LEU A 179 -6.76 12.14 4.10
N LEU A 180 -5.89 12.96 3.51
CA LEU A 180 -4.46 12.87 3.77
C LEU A 180 -4.08 13.31 5.18
N ARG A 181 -4.93 14.15 5.79
CA ARG A 181 -4.69 14.73 7.11
C ARG A 181 -3.93 13.80 8.06
N THR A 182 -2.74 14.23 8.45
CA THR A 182 -2.03 13.59 9.55
C THR A 182 -1.70 14.62 10.63
N ASP A 183 -1.79 14.19 11.88
CA ASP A 183 -1.41 14.98 13.02
C ASP A 183 -0.31 14.20 13.77
N SER A 184 0.89 14.78 13.80
CA SER A 184 2.05 14.13 14.41
C SER A 184 1.84 13.95 15.91
N PRO A 185 2.26 12.78 16.45
CA PRO A 185 2.14 12.55 17.89
C PRO A 185 3.11 13.41 18.68
N LYS A 186 2.62 14.05 19.73
CA LYS A 186 3.50 14.76 20.65
C LYS A 186 3.76 13.83 21.82
N ALA A 187 5.03 13.57 22.08
CA ALA A 187 5.44 12.56 23.04
C ALA A 187 6.17 13.14 24.25
N HIS A 188 5.97 12.51 25.39
CA HIS A 188 6.75 12.75 26.61
C HIS A 188 6.90 11.44 27.39
N VAL A 189 7.90 11.40 28.28
CA VAL A 189 8.09 10.25 29.16
C VAL A 189 7.89 10.66 30.62
N THR A 190 7.13 9.83 31.33
CA THR A 190 6.77 10.13 32.72
C THR A 190 7.42 9.10 33.67
N HIS A 191 7.84 9.57 34.83
CA HIS A 191 8.50 8.73 35.83
C HIS A 191 7.52 8.44 36.95
N HIS A 192 7.50 7.18 37.40
CA HIS A 192 6.65 6.78 38.52
C HIS A 192 7.42 5.94 39.51
N SER A 193 7.42 6.38 40.76
CA SER A 193 7.99 5.62 41.87
C SER A 193 7.11 4.41 42.16
N ARG A 194 7.76 3.31 42.51
CA ARG A 194 7.07 2.09 42.94
C ARG A 194 7.57 1.66 44.32
N PRO A 195 6.87 0.74 44.99
CA PRO A 195 7.46 0.08 46.17
C PRO A 195 8.68 -0.78 45.78
N GLU A 196 9.04 -1.74 46.64
CA GLU A 196 10.22 -2.61 46.44
C GLU A 196 11.49 -1.79 46.24
N ASP A 197 11.84 -1.55 44.97
CA ASP A 197 13.03 -0.78 44.62
C ASP A 197 12.96 -0.30 43.17
N LYS A 198 12.20 -1.03 42.35
CA LYS A 198 12.12 -0.77 40.90
C LYS A 198 11.27 0.44 40.57
N VAL A 199 11.40 0.93 39.33
CA VAL A 199 10.57 2.03 38.83
C VAL A 199 10.02 1.72 37.43
N THR A 200 8.89 2.33 37.10
CA THR A 200 8.31 2.18 35.78
C THR A 200 8.17 3.53 35.08
N LEU A 201 8.77 3.64 33.90
CA LEU A 201 8.62 4.81 33.05
C LEU A 201 7.56 4.51 32.02
N ARG A 202 6.72 5.50 31.74
CA ARG A 202 5.58 5.33 30.85
C ARG A 202 5.69 6.30 29.70
N CYS A 203 5.74 5.74 28.48
CA CYS A 203 5.92 6.54 27.27
C CYS A 203 4.61 6.93 26.59
N TRP A 204 4.37 8.23 26.51
CA TRP A 204 3.09 8.75 26.03
C TRP A 204 3.17 9.20 24.59
N ALA A 205 2.07 8.98 23.86
CA ALA A 205 1.87 9.52 22.51
C ALA A 205 0.54 10.26 22.48
N LEU A 206 0.60 11.57 22.35
CA LEU A 206 -0.61 12.41 22.48
C LEU A 206 -0.91 13.26 21.26
N GLY A 207 -2.21 13.39 20.96
CA GLY A 207 -2.71 14.24 19.88
C GLY A 207 -2.37 13.85 18.45
N PHE A 208 -2.48 12.56 18.13
CA PHE A 208 -2.10 12.08 16.81
C PHE A 208 -3.27 11.58 15.97
N TYR A 209 -3.09 11.60 14.65
CA TYR A 209 -4.08 11.19 13.66
C TYR A 209 -3.40 10.76 12.35
N PRO A 210 -3.87 9.65 11.74
CA PRO A 210 -4.85 8.69 12.22
C PRO A 210 -4.33 7.78 13.35
N ALA A 211 -5.13 6.78 13.74
CA ALA A 211 -4.87 6.02 14.96
C ALA A 211 -3.69 5.05 14.88
N ASP A 212 -3.35 4.58 13.69
CA ASP A 212 -2.20 3.69 13.54
C ASP A 212 -0.95 4.31 14.18
N ILE A 213 -0.36 3.58 15.11
CA ILE A 213 0.86 4.03 15.78
C ILE A 213 1.61 2.80 16.34
N THR A 214 2.88 2.99 16.68
CA THR A 214 3.68 1.92 17.28
C THR A 214 4.58 2.52 18.37
N LEU A 215 4.56 1.91 19.55
CA LEU A 215 5.42 2.36 20.64
C LEU A 215 6.32 1.22 21.12
N THR A 216 7.61 1.50 21.23
CA THR A 216 8.57 0.48 21.63
C THR A 216 9.57 0.97 22.69
N TRP A 217 9.86 0.11 23.64
CA TRP A 217 10.89 0.37 24.64
C TRP A 217 12.10 -0.52 24.38
N GLN A 218 13.27 0.09 24.43
CA GLN A 218 14.52 -0.61 24.19
C GLN A 218 15.62 -0.21 25.16
N LEU A 219 16.37 -1.22 25.61
CA LEU A 219 17.54 -1.02 26.46
C LEU A 219 18.75 -0.76 25.56
N ASN A 220 19.04 0.53 25.34
CA ASN A 220 20.18 1.04 24.57
C ASN A 220 20.43 0.50 23.14
N GLY A 221 19.50 -0.31 22.63
CA GLY A 221 19.60 -0.86 21.28
C GLY A 221 18.64 -2.02 21.01
N GLU A 222 18.45 -2.86 22.02
CA GLU A 222 17.61 -4.05 21.94
C GLU A 222 16.24 -3.77 22.57
N GLU A 223 15.18 -3.94 21.79
CA GLU A 223 13.80 -3.62 22.24
C GLU A 223 13.12 -4.71 23.06
N LEU A 224 12.45 -4.30 24.14
CA LEU A 224 11.75 -5.25 25.02
C LEU A 224 10.31 -5.45 24.57
N ILE A 225 10.01 -6.62 24.02
CA ILE A 225 8.66 -6.93 23.57
C ILE A 225 7.94 -7.96 24.45
N GLN A 226 8.54 -8.27 25.60
CA GLN A 226 7.97 -9.25 26.54
C GLN A 226 7.65 -8.68 27.93
N ASP A 227 8.26 -7.55 28.26
CA ASP A 227 8.05 -6.90 29.55
C ASP A 227 7.17 -5.65 29.42
N MET A 228 6.80 -5.33 28.18
CA MET A 228 6.08 -4.10 27.88
C MET A 228 4.58 -4.21 28.20
N GLU A 229 4.08 -3.21 28.92
CA GLU A 229 2.65 -3.09 29.20
C GLU A 229 2.11 -1.93 28.39
N LEU A 230 1.01 -2.18 27.68
CA LEU A 230 0.40 -1.15 26.83
C LEU A 230 -1.12 -1.06 26.90
N VAL A 231 -1.65 0.13 26.66
CA VAL A 231 -3.09 0.35 26.55
C VAL A 231 -3.50 0.44 25.09
N GLU A 232 -4.74 0.05 24.79
CA GLU A 232 -5.23 0.16 23.43
C GLU A 232 -5.38 1.64 23.07
N THR A 233 -5.06 1.99 21.82
CA THR A 233 -5.19 3.34 21.30
C THR A 233 -6.60 3.83 21.59
N ARG A 234 -6.73 5.06 22.04
CA ARG A 234 -8.03 5.60 22.45
C ARG A 234 -8.24 7.05 21.97
N PRO A 235 -9.49 7.43 21.67
CA PRO A 235 -9.71 8.81 21.21
C PRO A 235 -9.70 9.81 22.35
N ALA A 236 -9.06 10.95 22.13
CA ALA A 236 -9.22 12.11 23.01
C ALA A 236 -10.63 12.74 22.88
N GLY A 237 -11.28 12.50 21.75
CA GLY A 237 -12.61 13.01 21.52
C GLY A 237 -12.58 14.39 20.89
N ASP A 238 -11.37 14.83 20.52
CA ASP A 238 -11.18 16.09 19.80
C ASP A 238 -10.83 15.79 18.36
N GLY A 239 -10.72 14.50 18.04
CA GLY A 239 -10.34 14.06 16.70
C GLY A 239 -9.07 13.23 16.73
N THR A 240 -8.15 13.61 17.61
CA THR A 240 -6.91 12.88 17.78
C THR A 240 -7.04 11.64 18.68
N PHE A 241 -5.97 10.84 18.71
CA PHE A 241 -5.93 9.62 19.50
C PHE A 241 -4.79 9.65 20.50
N GLN A 242 -4.81 8.72 21.44
CA GLN A 242 -3.72 8.58 22.38
C GLN A 242 -3.42 7.13 22.72
N LYS A 243 -2.16 6.90 23.10
CA LYS A 243 -1.70 5.59 23.55
C LYS A 243 -0.47 5.78 24.45
N TRP A 244 -0.25 4.84 25.37
CA TRP A 244 1.00 4.78 26.13
C TRP A 244 1.57 3.37 26.27
N ALA A 245 2.86 3.29 26.60
CA ALA A 245 3.54 2.01 26.78
C ALA A 245 4.58 2.11 27.90
N SER A 246 4.49 1.21 28.88
CA SER A 246 5.38 1.24 30.04
C SER A 246 6.22 -0.03 30.20
N VAL A 247 7.17 0.00 31.14
CA VAL A 247 8.15 -1.07 31.35
C VAL A 247 8.74 -0.97 32.75
N VAL A 248 9.06 -2.11 33.36
CA VAL A 248 9.68 -2.16 34.69
C VAL A 248 11.21 -2.18 34.57
N VAL A 249 11.87 -1.29 35.31
CA VAL A 249 13.34 -1.15 35.26
C VAL A 249 13.97 -1.01 36.66
N PRO A 250 15.24 -1.45 36.84
CA PRO A 250 15.97 -1.20 38.10
C PRO A 250 16.29 0.29 38.32
N LEU A 251 16.26 0.71 39.58
CA LEU A 251 16.47 2.12 39.94
C LEU A 251 17.94 2.53 39.84
N GLY A 252 18.18 3.63 39.14
CA GLY A 252 19.54 4.15 38.94
C GLY A 252 19.83 4.42 37.48
N LYS A 253 19.50 3.46 36.62
CA LYS A 253 19.82 3.54 35.20
C LYS A 253 18.56 3.55 34.32
N GLU A 254 17.68 4.51 34.59
CA GLU A 254 16.48 4.70 33.77
C GLU A 254 16.78 5.49 32.49
N GLN A 255 17.87 6.26 32.51
CA GLN A 255 18.37 6.94 31.30
C GLN A 255 18.85 5.95 30.23
N TYR A 256 19.25 4.75 30.68
CA TYR A 256 19.66 3.66 29.78
C TYR A 256 18.51 3.17 28.87
N TYR A 257 17.27 3.53 29.23
CA TYR A 257 16.08 3.09 28.50
C TYR A 257 15.55 4.18 27.57
N THR A 258 15.28 3.79 26.32
CA THR A 258 14.81 4.72 25.31
C THR A 258 13.44 4.32 24.75
N CYS A 259 12.57 5.32 24.57
CA CYS A 259 11.26 5.07 23.97
C CYS A 259 11.23 5.47 22.48
N HIS A 260 10.53 4.66 21.68
CA HIS A 260 10.40 4.92 20.26
C HIS A 260 8.96 4.99 19.80
N VAL A 261 8.61 6.10 19.15
CA VAL A 261 7.28 6.32 18.58
C VAL A 261 7.38 6.28 17.06
N TYR A 262 6.54 5.47 16.44
CA TYR A 262 6.47 5.35 14.98
C TYR A 262 5.08 5.71 14.48
N HIS A 263 5.00 6.80 13.71
CA HIS A 263 3.73 7.24 13.17
C HIS A 263 3.91 7.85 11.77
N GLN A 264 2.97 7.55 10.88
CA GLN A 264 3.00 7.95 9.46
C GLN A 264 3.02 9.46 9.23
N GLY A 265 2.72 10.23 10.27
CA GLY A 265 2.69 11.68 10.16
C GLY A 265 3.91 12.33 10.77
N LEU A 266 4.98 11.55 10.90
CA LEU A 266 6.24 11.99 11.47
C LEU A 266 7.36 11.80 10.45
N PRO A 267 8.14 12.86 10.20
CA PRO A 267 9.30 12.79 9.30
C PRO A 267 10.31 11.75 9.77
N GLU A 268 10.52 11.69 11.09
CA GLU A 268 11.39 10.71 11.71
C GLU A 268 10.72 10.12 12.94
N PRO A 269 10.93 8.81 13.19
CA PRO A 269 10.48 8.22 14.44
C PRO A 269 11.03 9.00 15.63
N LEU A 270 10.15 9.31 16.58
CA LEU A 270 10.58 9.99 17.79
C LEU A 270 11.31 9.02 18.71
N THR A 271 12.49 9.44 19.17
CA THR A 271 13.26 8.66 20.12
C THR A 271 13.43 9.48 21.42
N LEU A 272 12.78 9.04 22.49
CA LEU A 272 12.71 9.83 23.73
C LEU A 272 13.54 9.27 24.87
N ARG A 273 14.11 10.20 25.63
CA ARG A 273 14.94 9.89 26.80
C ARG A 273 14.40 10.66 28.01
N TRP A 274 14.32 9.97 29.16
CA TRP A 274 13.93 10.61 30.42
C TRP A 274 15.07 11.44 31.03
N ILE B 1 -24.38 -14.08 21.25
CA ILE B 1 -23.26 -14.33 22.21
C ILE B 1 -22.84 -13.03 22.89
N GLN B 2 -22.83 -13.05 24.22
CA GLN B 2 -22.53 -11.88 25.02
C GLN B 2 -21.04 -11.64 25.09
N LYS B 3 -20.65 -10.36 25.05
CA LYS B 3 -19.24 -9.98 25.12
C LYS B 3 -19.05 -8.88 26.17
N THR B 4 -18.17 -9.12 27.14
CA THR B 4 -17.94 -8.20 28.26
C THR B 4 -17.26 -6.92 27.80
N PRO B 5 -17.82 -5.75 28.19
CA PRO B 5 -17.26 -4.45 27.81
C PRO B 5 -15.94 -4.17 28.49
N GLN B 6 -15.04 -3.50 27.78
CA GLN B 6 -13.79 -3.06 28.37
C GLN B 6 -13.79 -1.52 28.47
N ILE B 7 -13.23 -1.00 29.57
CA ILE B 7 -13.34 0.44 29.88
C ILE B 7 -11.98 1.08 30.05
N GLN B 8 -11.84 2.29 29.52
CA GLN B 8 -10.69 3.16 29.78
C GLN B 8 -11.19 4.53 30.24
N VAL B 9 -10.58 5.08 31.28
CA VAL B 9 -10.97 6.39 31.83
C VAL B 9 -9.76 7.32 31.86
N TYR B 10 -9.85 8.43 31.13
CA TYR B 10 -8.68 9.27 30.90
C TYR B 10 -9.06 10.71 30.56
N SER B 11 -8.09 11.62 30.71
CA SER B 11 -8.32 13.01 30.33
C SER B 11 -8.02 13.23 28.84
N ARG B 12 -8.60 14.28 28.27
CA ARG B 12 -8.33 14.63 26.88
C ARG B 12 -6.98 15.34 26.80
N HIS B 13 -6.72 16.21 27.77
CA HIS B 13 -5.46 16.93 27.85
C HIS B 13 -4.73 16.50 29.12
N PRO B 14 -3.40 16.73 29.21
CA PRO B 14 -2.67 16.44 30.45
C PRO B 14 -3.34 17.02 31.69
N PRO B 15 -3.61 16.18 32.70
CA PRO B 15 -4.36 16.57 33.90
C PRO B 15 -3.63 17.55 34.82
N GLU B 16 -3.76 18.86 34.58
CA GLU B 16 -3.25 19.84 35.53
C GLU B 16 -4.36 20.29 36.51
N ASN B 17 -4.04 20.28 37.80
CA ASN B 17 -5.01 20.60 38.86
C ASN B 17 -5.61 21.99 38.77
N GLY B 18 -6.92 22.07 38.99
CA GLY B 18 -7.63 23.34 38.98
C GLY B 18 -7.71 23.96 37.61
N LYS B 19 -7.40 23.17 36.58
CA LYS B 19 -7.48 23.60 35.19
C LYS B 19 -8.57 22.79 34.46
N PRO B 20 -9.56 23.48 33.86
CA PRO B 20 -10.70 22.82 33.19
C PRO B 20 -10.29 21.83 32.09
N ASN B 21 -10.82 20.62 32.15
CA ASN B 21 -10.47 19.55 31.23
C ASN B 21 -11.72 18.81 30.76
N ILE B 22 -11.53 17.76 29.97
CA ILE B 22 -12.61 16.85 29.59
C ILE B 22 -12.22 15.44 30.05
N LEU B 23 -13.17 14.73 30.66
CA LEU B 23 -12.94 13.36 31.11
C LEU B 23 -13.66 12.35 30.20
N ASN B 24 -12.90 11.41 29.66
CA ASN B 24 -13.45 10.40 28.76
C ASN B 24 -13.71 9.06 29.43
N CYS B 25 -14.57 8.28 28.81
CA CYS B 25 -14.84 6.92 29.22
C CYS B 25 -15.05 6.12 27.96
N TYR B 26 -14.01 5.42 27.53
CA TYR B 26 -13.99 4.74 26.26
C TYR B 26 -14.42 3.30 26.47
N VAL B 27 -15.59 2.96 25.93
CA VAL B 27 -16.19 1.65 26.17
C VAL B 27 -16.21 0.83 24.92
N THR B 28 -15.31 -0.14 24.85
CA THR B 28 -15.18 -0.97 23.65
C THR B 28 -15.60 -2.38 23.96
N GLN B 29 -15.61 -3.21 22.92
CA GLN B 29 -15.58 -4.67 23.04
C GLN B 29 -16.87 -5.31 23.59
N PHE B 30 -17.98 -4.58 23.55
CA PHE B 30 -19.24 -5.14 24.08
C PHE B 30 -20.23 -5.67 23.04
N HIS B 31 -21.08 -6.59 23.47
CA HIS B 31 -22.17 -7.11 22.65
C HIS B 31 -23.18 -7.81 23.56
N PRO B 32 -24.48 -7.46 23.45
CA PRO B 32 -25.20 -6.62 22.48
C PRO B 32 -24.82 -5.14 22.57
N PRO B 33 -25.35 -4.32 21.65
CA PRO B 33 -25.00 -2.89 21.65
C PRO B 33 -25.65 -2.16 22.80
N HIS B 34 -26.64 -2.78 23.45
CA HIS B 34 -27.35 -2.15 24.55
C HIS B 34 -26.47 -1.96 25.79
N ILE B 35 -26.29 -0.70 26.17
CA ILE B 35 -25.38 -0.33 27.25
C ILE B 35 -25.86 0.96 27.98
N GLU B 36 -25.66 1.02 29.29
CA GLU B 36 -25.83 2.26 30.05
C GLU B 36 -24.48 2.70 30.65
N ILE B 37 -24.06 3.92 30.34
CA ILE B 37 -22.80 4.46 30.86
C ILE B 37 -23.03 5.61 31.83
N GLN B 38 -22.45 5.48 33.03
CA GLN B 38 -22.50 6.55 34.03
C GLN B 38 -21.10 7.08 34.31
N MET B 39 -21.03 8.33 34.74
CA MET B 39 -19.78 8.90 35.21
C MET B 39 -19.97 9.53 36.59
N LEU B 40 -19.12 9.15 37.53
CA LEU B 40 -19.28 9.59 38.93
C LEU B 40 -18.15 10.51 39.36
N LYS B 41 -18.50 11.50 40.19
CA LYS B 41 -17.51 12.34 40.89
C LYS B 41 -17.67 12.11 42.39
N ASN B 42 -16.62 11.63 43.04
CA ASN B 42 -16.70 11.21 44.44
C ASN B 42 -17.87 10.24 44.71
N GLY B 43 -18.10 9.32 43.76
CA GLY B 43 -19.15 8.31 43.89
C GLY B 43 -20.55 8.81 43.60
N LYS B 44 -20.64 10.09 43.23
CA LYS B 44 -21.90 10.76 42.94
C LYS B 44 -22.03 10.99 41.42
N LYS B 45 -23.13 10.51 40.85
CA LYS B 45 -23.43 10.63 39.42
C LYS B 45 -23.40 12.06 38.86
N ILE B 46 -22.56 12.27 37.84
CA ILE B 46 -22.47 13.52 37.10
C ILE B 46 -23.60 13.59 36.07
N PRO B 47 -24.55 14.54 36.23
CA PRO B 47 -25.56 14.70 35.18
C PRO B 47 -24.96 15.39 33.96
N LYS B 48 -25.54 15.13 32.79
CA LYS B 48 -25.08 15.75 31.54
C LYS B 48 -23.71 15.20 31.08
N VAL B 49 -23.66 13.88 30.93
CA VAL B 49 -22.53 13.21 30.33
C VAL B 49 -22.87 12.95 28.87
N GLU B 50 -22.06 13.51 27.98
CA GLU B 50 -22.24 13.36 26.53
C GLU B 50 -21.93 11.94 26.06
N MET B 51 -22.58 11.52 24.96
CA MET B 51 -22.31 10.23 24.32
C MET B 51 -22.08 10.40 22.84
N SER B 52 -20.95 9.89 22.35
CA SER B 52 -20.69 9.80 20.92
C SER B 52 -21.69 8.85 20.27
N ASP B 53 -21.71 8.84 18.95
CA ASP B 53 -22.47 7.83 18.23
C ASP B 53 -21.82 6.48 18.45
N MET B 54 -22.60 5.41 18.34
CA MET B 54 -22.05 4.08 18.54
C MET B 54 -21.47 3.53 17.24
N SER B 55 -20.40 2.76 17.36
CA SER B 55 -19.83 2.08 16.22
C SER B 55 -19.49 0.66 16.62
N PHE B 56 -19.07 -0.14 15.64
CA PHE B 56 -18.56 -1.48 15.91
C PHE B 56 -17.39 -1.78 15.00
N SER B 57 -16.57 -2.76 15.36
CA SER B 57 -15.34 -3.01 14.62
C SER B 57 -15.33 -4.33 13.85
N LYS B 58 -14.20 -4.64 13.24
CA LYS B 58 -14.08 -5.80 12.34
C LYS B 58 -14.39 -7.14 13.02
N ASP B 59 -14.37 -7.16 14.35
CA ASP B 59 -14.71 -8.36 15.11
C ASP B 59 -16.15 -8.35 15.64
N TRP B 60 -16.95 -7.40 15.14
CA TRP B 60 -18.40 -7.27 15.43
C TRP B 60 -18.75 -6.54 16.73
N SER B 61 -17.75 -6.32 17.59
CA SER B 61 -18.00 -5.69 18.89
C SER B 61 -18.27 -4.18 18.80
N PHE B 62 -19.08 -3.68 19.71
CA PHE B 62 -19.44 -2.27 19.72
C PHE B 62 -18.52 -1.44 20.59
N TYR B 63 -18.38 -0.16 20.22
CA TYR B 63 -17.56 0.78 20.97
C TYR B 63 -18.16 2.18 20.99
N ILE B 64 -17.97 2.86 22.11
CA ILE B 64 -18.60 4.15 22.35
C ILE B 64 -17.78 4.98 23.34
N LEU B 65 -17.77 6.29 23.12
CA LEU B 65 -17.04 7.22 23.97
C LEU B 65 -17.97 8.16 24.73
N ALA B 66 -17.98 8.03 26.05
CA ALA B 66 -18.72 8.97 26.89
C ALA B 66 -17.76 9.99 27.46
N HIS B 67 -18.22 11.23 27.63
CA HIS B 67 -17.37 12.28 28.20
C HIS B 67 -18.12 13.39 28.93
N THR B 68 -17.40 14.08 29.81
CA THR B 68 -17.94 15.26 30.51
C THR B 68 -16.82 16.24 30.84
N GLU B 69 -17.16 17.52 30.83
CA GLU B 69 -16.28 18.57 31.33
C GLU B 69 -15.95 18.32 32.80
N PHE B 70 -14.67 18.38 33.16
CA PHE B 70 -14.27 18.23 34.55
C PHE B 70 -13.03 19.05 34.88
N THR B 71 -12.98 19.56 36.11
CA THR B 71 -11.79 20.27 36.60
C THR B 71 -11.14 19.43 37.70
N PRO B 72 -10.05 18.73 37.35
CA PRO B 72 -9.34 17.83 38.26
C PRO B 72 -8.64 18.57 39.40
N THR B 73 -8.68 17.97 40.59
CA THR B 73 -7.99 18.51 41.74
C THR B 73 -7.00 17.46 42.19
N GLU B 74 -6.22 17.77 43.21
CA GLU B 74 -5.30 16.80 43.81
C GLU B 74 -6.04 15.58 44.37
N THR B 75 -7.28 15.79 44.82
CA THR B 75 -7.90 14.88 45.76
C THR B 75 -9.31 14.39 45.42
N ASP B 76 -9.89 14.85 44.32
CA ASP B 76 -11.21 14.38 43.88
C ASP B 76 -11.12 13.01 43.21
N THR B 77 -12.20 12.24 43.30
CA THR B 77 -12.34 10.91 42.70
C THR B 77 -13.25 10.93 41.47
N TYR B 78 -12.88 10.18 40.43
CA TYR B 78 -13.69 10.05 39.21
C TYR B 78 -13.73 8.62 38.69
N ALA B 79 -14.93 8.14 38.41
CA ALA B 79 -15.15 6.76 37.99
C ALA B 79 -16.06 6.73 36.79
N CYS B 80 -15.99 5.64 36.02
CA CYS B 80 -17.01 5.32 35.03
C CYS B 80 -17.65 4.00 35.43
N ARG B 81 -18.99 3.99 35.48
CA ARG B 81 -19.75 2.80 35.82
C ARG B 81 -20.56 2.35 34.60
N VAL B 82 -20.37 1.10 34.19
CA VAL B 82 -20.99 0.56 32.98
C VAL B 82 -21.98 -0.56 33.31
N LYS B 83 -23.18 -0.48 32.77
CA LYS B 83 -24.19 -1.53 32.92
C LYS B 83 -24.35 -2.27 31.61
N HIS B 84 -24.31 -3.61 31.68
CA HIS B 84 -24.40 -4.45 30.49
C HIS B 84 -24.89 -5.86 30.83
N ASP B 85 -25.67 -6.43 29.93
CA ASP B 85 -26.29 -7.75 30.17
C ASP B 85 -25.26 -8.86 30.34
N SER B 86 -24.10 -8.71 29.70
CA SER B 86 -23.03 -9.71 29.75
C SER B 86 -22.46 -9.82 31.16
N MET B 87 -22.77 -8.83 31.98
CA MET B 87 -22.20 -8.76 33.32
C MET B 87 -23.24 -8.97 34.40
N ALA B 88 -22.81 -9.63 35.48
CA ALA B 88 -23.68 -9.93 36.59
C ALA B 88 -24.09 -8.66 37.33
N GLU B 89 -23.11 -7.81 37.63
CA GLU B 89 -23.34 -6.49 38.24
C GLU B 89 -22.64 -5.41 37.42
N PRO B 90 -22.89 -4.11 37.72
CA PRO B 90 -22.19 -3.08 36.94
C PRO B 90 -20.67 -3.12 37.14
N LYS B 91 -19.94 -2.62 36.16
CA LYS B 91 -18.48 -2.53 36.23
C LYS B 91 -18.08 -1.09 36.44
N THR B 92 -17.08 -0.86 37.29
CA THR B 92 -16.61 0.48 37.60
C THR B 92 -15.10 0.52 37.45
N VAL B 93 -14.62 1.61 36.87
CA VAL B 93 -13.18 1.84 36.70
C VAL B 93 -12.84 3.27 37.12
N TYR B 94 -11.94 3.41 38.09
CA TYR B 94 -11.59 4.73 38.60
C TYR B 94 -10.58 5.43 37.72
N TRP B 95 -10.65 6.76 37.69
CA TRP B 95 -9.70 7.58 36.97
C TRP B 95 -8.32 7.60 37.63
N ASP B 96 -7.30 7.25 36.85
CA ASP B 96 -5.92 7.32 37.30
C ASP B 96 -5.14 8.35 36.47
N ARG B 97 -4.86 9.50 37.08
CA ARG B 97 -4.17 10.61 36.41
C ARG B 97 -2.88 10.19 35.70
N ASP B 98 -2.37 9.01 36.05
CA ASP B 98 -1.14 8.51 35.46
C ASP B 98 -1.35 7.40 34.43
N MET B 99 -2.56 6.82 34.37
CA MET B 99 -2.87 5.77 33.39
C MET B 99 -3.66 6.37 32.23
N SER C 1 -21.86 4.65 -2.40
CA SER C 1 -23.28 4.20 -2.28
C SER C 1 -23.35 2.75 -1.82
N ILE C 2 -24.10 2.51 -0.76
CA ILE C 2 -24.27 1.15 -0.25
C ILE C 2 -25.14 0.33 -1.19
N ILE C 3 -24.87 -0.97 -1.24
CA ILE C 3 -25.64 -1.87 -2.06
C ILE C 3 -27.07 -1.92 -1.51
N ASN C 4 -28.01 -2.25 -2.39
CA ASN C 4 -29.30 -2.75 -1.97
C ASN C 4 -29.10 -4.17 -1.46
N PHE C 5 -29.44 -4.40 -0.21
CA PHE C 5 -29.21 -5.69 0.40
C PHE C 5 -30.21 -6.75 -0.05
N GLU C 6 -29.70 -7.97 -0.21
CA GLU C 6 -30.50 -9.14 -0.55
C GLU C 6 -31.19 -9.61 0.70
N LYS C 7 -32.29 -10.34 0.56
CA LYS C 7 -32.93 -10.91 1.74
C LYS C 7 -32.25 -12.20 2.17
N LEU C 8 -32.02 -12.35 3.47
CA LEU C 8 -31.51 -13.63 3.95
C LEU C 8 -32.65 -14.58 4.38
N VAL D 1 -48.30 -24.27 -11.70
CA VAL D 1 -48.37 -23.08 -10.80
C VAL D 1 -49.50 -22.14 -11.21
N LEU D 2 -50.30 -21.72 -10.24
CA LEU D 2 -51.47 -20.90 -10.50
C LEU D 2 -51.77 -19.98 -9.33
N LEU D 3 -52.04 -18.72 -9.64
CA LEU D 3 -52.44 -17.73 -8.64
C LEU D 3 -53.79 -17.15 -9.00
N GLN D 4 -54.80 -17.49 -8.20
CA GLN D 4 -56.18 -17.10 -8.47
C GLN D 4 -56.62 -15.86 -7.69
N GLN D 5 -57.07 -14.86 -8.43
CA GLN D 5 -57.55 -13.62 -7.85
C GLN D 5 -59.06 -13.50 -8.02
N SER D 6 -59.66 -12.57 -7.29
CA SER D 6 -61.11 -12.33 -7.38
C SER D 6 -61.47 -11.50 -8.60
N GLY D 7 -62.77 -11.46 -8.92
CA GLY D 7 -63.30 -10.72 -10.07
C GLY D 7 -63.34 -9.22 -9.82
N PRO D 8 -63.97 -8.46 -10.73
CA PRO D 8 -63.99 -7.00 -10.66
C PRO D 8 -64.62 -6.50 -9.38
N GLU D 9 -64.07 -5.43 -8.83
CA GLU D 9 -64.59 -4.78 -7.64
C GLU D 9 -64.99 -3.34 -7.96
N LEU D 10 -66.21 -2.97 -7.63
CA LEU D 10 -66.63 -1.58 -7.73
C LEU D 10 -66.69 -1.01 -6.33
N VAL D 11 -65.98 0.08 -6.11
CA VAL D 11 -65.91 0.68 -4.78
C VAL D 11 -65.99 2.20 -4.79
N LYS D 12 -66.30 2.76 -3.63
CA LYS D 12 -66.64 4.16 -3.53
C LYS D 12 -65.45 4.99 -3.04
N PRO D 13 -65.34 6.25 -3.52
CA PRO D 13 -64.27 7.13 -3.08
C PRO D 13 -64.22 7.21 -1.56
N GLY D 14 -63.02 7.06 -1.00
CA GLY D 14 -62.83 7.03 0.44
C GLY D 14 -62.84 5.63 1.04
N ALA D 15 -63.59 4.72 0.43
CA ALA D 15 -63.68 3.35 0.92
C ALA D 15 -62.38 2.58 0.64
N SER D 16 -62.31 1.34 1.12
CA SER D 16 -61.19 0.46 0.83
C SER D 16 -61.67 -0.90 0.32
N VAL D 17 -60.76 -1.67 -0.25
CA VAL D 17 -61.08 -2.97 -0.80
C VAL D 17 -59.94 -3.96 -0.52
N LYS D 18 -60.30 -5.23 -0.38
CA LYS D 18 -59.34 -6.29 -0.10
C LYS D 18 -59.39 -7.33 -1.23
N ILE D 19 -58.24 -7.51 -1.89
CA ILE D 19 -58.14 -8.42 -3.01
C ILE D 19 -57.41 -9.68 -2.56
N PRO D 20 -58.00 -10.85 -2.85
CA PRO D 20 -57.38 -12.13 -2.51
C PRO D 20 -56.56 -12.69 -3.66
N CYS D 21 -55.62 -13.55 -3.32
CA CYS D 21 -54.72 -14.21 -4.26
C CYS D 21 -54.41 -15.61 -3.72
N LYS D 22 -55.11 -16.60 -4.27
CA LYS D 22 -54.96 -17.97 -3.81
C LYS D 22 -53.93 -18.70 -4.68
N ALA D 23 -52.88 -19.23 -4.04
CA ALA D 23 -51.77 -19.86 -4.76
C ALA D 23 -51.81 -21.37 -4.63
N SER D 24 -51.47 -22.04 -5.72
CA SER D 24 -51.40 -23.51 -5.75
C SER D 24 -50.33 -23.98 -6.72
N GLY D 25 -49.91 -25.23 -6.55
CA GLY D 25 -48.95 -25.86 -7.46
C GLY D 25 -47.49 -25.68 -7.09
N TYR D 26 -47.23 -25.28 -5.84
CA TYR D 26 -45.86 -25.11 -5.32
C TYR D 26 -45.85 -24.93 -3.80
N THR D 27 -44.68 -25.15 -3.19
CA THR D 27 -44.49 -24.98 -1.75
C THR D 27 -44.60 -23.50 -1.40
N PHE D 28 -45.76 -23.13 -0.87
CA PHE D 28 -46.06 -21.74 -0.57
C PHE D 28 -44.96 -21.07 0.24
N THR D 29 -44.45 -21.77 1.24
CA THR D 29 -43.54 -21.13 2.21
C THR D 29 -42.10 -20.83 1.72
N ASP D 30 -41.76 -21.28 0.51
CA ASP D 30 -40.41 -21.15 -0.02
C ASP D 30 -40.30 -19.92 -0.90
N TYR D 31 -41.38 -19.16 -0.98
CA TYR D 31 -41.42 -18.01 -1.85
C TYR D 31 -42.16 -16.90 -1.15
N ASN D 32 -42.03 -15.70 -1.68
CA ASN D 32 -42.82 -14.58 -1.26
C ASN D 32 -43.90 -14.28 -2.28
N MET D 33 -44.77 -13.32 -1.97
CA MET D 33 -45.84 -12.94 -2.86
C MET D 33 -45.67 -11.47 -3.15
N ASP D 34 -45.49 -11.12 -4.41
CA ASP D 34 -45.37 -9.72 -4.79
C ASP D 34 -46.70 -9.28 -5.35
N TRP D 35 -46.92 -7.98 -5.38
CA TRP D 35 -48.14 -7.42 -5.91
C TRP D 35 -47.77 -6.29 -6.84
N VAL D 36 -48.49 -6.17 -7.95
CA VAL D 36 -48.16 -5.18 -8.96
C VAL D 36 -49.44 -4.45 -9.34
N LYS D 37 -49.34 -3.16 -9.58
CA LYS D 37 -50.47 -2.36 -10.01
C LYS D 37 -50.30 -1.92 -11.44
N GLN D 38 -51.33 -2.08 -12.27
CA GLN D 38 -51.31 -1.61 -13.66
C GLN D 38 -52.50 -0.70 -13.93
N SER D 39 -52.21 0.48 -14.46
CA SER D 39 -53.22 1.51 -14.66
C SER D 39 -52.81 2.46 -15.79
N HIS D 40 -53.79 3.00 -16.52
CA HIS D 40 -53.54 4.10 -17.44
C HIS D 40 -52.84 5.17 -16.62
N GLY D 41 -51.72 5.70 -17.09
CA GLY D 41 -51.09 6.80 -16.36
C GLY D 41 -49.73 6.51 -15.76
N LYS D 42 -49.58 5.36 -15.12
CA LYS D 42 -48.27 4.94 -14.64
C LYS D 42 -47.88 3.54 -15.11
N SER D 43 -48.73 2.93 -15.95
CA SER D 43 -48.53 1.55 -16.38
C SER D 43 -48.36 0.61 -15.17
N LEU D 44 -47.33 -0.23 -15.24
CA LEU D 44 -47.04 -1.20 -14.19
C LEU D 44 -46.16 -0.57 -13.10
N GLU D 45 -46.56 -0.72 -11.84
CA GLU D 45 -45.77 -0.26 -10.68
C GLU D 45 -45.69 -1.40 -9.66
N TRP D 46 -44.56 -1.52 -8.98
CA TRP D 46 -44.35 -2.65 -8.10
C TRP D 46 -45.32 -2.76 -6.91
N ILE D 47 -45.16 -1.98 -5.85
CA ILE D 47 -46.01 -2.06 -4.62
C ILE D 47 -45.32 -2.70 -3.41
N GLY D 48 -45.10 -4.02 -3.43
CA GLY D 48 -44.53 -4.70 -2.27
C GLY D 48 -44.55 -6.21 -2.28
N ASP D 49 -43.94 -6.81 -1.26
CA ASP D 49 -44.04 -8.27 -1.06
C ASP D 49 -44.22 -8.70 0.40
N ILE D 50 -44.69 -9.93 0.59
CA ILE D 50 -44.91 -10.49 1.92
C ILE D 50 -44.16 -11.78 2.07
N ASN D 51 -43.60 -11.98 3.26
CA ASN D 51 -43.05 -13.25 3.66
C ASN D 51 -44.15 -14.13 4.32
N PRO D 52 -44.40 -15.32 3.75
CA PRO D 52 -45.47 -16.21 4.20
C PRO D 52 -45.21 -16.87 5.55
N ASN D 53 -43.96 -16.87 5.99
CA ASN D 53 -43.60 -17.51 7.26
C ASN D 53 -43.79 -16.61 8.46
N ASN D 54 -43.75 -15.30 8.25
CA ASN D 54 -43.79 -14.35 9.36
C ASN D 54 -44.51 -13.04 9.05
N GLY D 55 -45.06 -12.93 7.85
CA GLY D 55 -45.84 -11.76 7.47
C GLY D 55 -45.03 -10.50 7.31
N GLY D 56 -43.71 -10.64 7.29
CA GLY D 56 -42.82 -9.50 7.04
C GLY D 56 -43.15 -8.85 5.72
N THR D 57 -43.24 -7.52 5.73
CA THR D 57 -43.62 -6.78 4.53
C THR D 57 -42.59 -5.73 4.09
N ILE D 58 -42.51 -5.51 2.78
CA ILE D 58 -41.71 -4.44 2.19
C ILE D 58 -42.58 -3.70 1.19
N TYR D 59 -42.63 -2.38 1.29
CA TYR D 59 -43.45 -1.59 0.38
C TYR D 59 -42.64 -0.61 -0.43
N ASN D 60 -43.04 -0.39 -1.67
CA ASN D 60 -42.60 0.74 -2.45
C ASN D 60 -42.95 1.97 -1.63
N GLN D 61 -41.98 2.85 -1.40
CA GLN D 61 -42.27 4.09 -0.66
C GLN D 61 -43.53 4.76 -1.21
N LYS D 62 -43.81 4.59 -2.50
CA LYS D 62 -44.98 5.19 -3.14
C LYS D 62 -46.32 4.66 -2.65
N PHE D 63 -46.33 3.41 -2.17
CA PHE D 63 -47.55 2.72 -1.78
C PHE D 63 -47.66 2.49 -0.27
N LYS D 64 -46.61 2.85 0.46
CA LYS D 64 -46.60 2.83 1.93
C LYS D 64 -47.80 3.56 2.54
N GLY D 65 -48.67 2.81 3.22
CA GLY D 65 -49.83 3.43 3.83
C GLY D 65 -51.07 3.35 2.97
N LYS D 66 -50.88 3.18 1.66
CA LYS D 66 -52.00 3.08 0.72
C LYS D 66 -52.42 1.62 0.56
N ALA D 67 -51.46 0.73 0.74
CA ALA D 67 -51.69 -0.70 0.63
C ALA D 67 -51.23 -1.44 1.88
N THR D 68 -51.95 -2.49 2.24
CA THR D 68 -51.51 -3.38 3.31
C THR D 68 -51.56 -4.83 2.86
N LEU D 69 -50.43 -5.51 3.00
CA LEU D 69 -50.26 -6.90 2.61
C LEU D 69 -50.38 -7.83 3.82
N THR D 70 -51.18 -8.88 3.68
CA THR D 70 -51.31 -9.91 4.73
C THR D 70 -51.16 -11.32 4.15
N VAL D 71 -50.90 -12.31 5.00
CA VAL D 71 -50.78 -13.71 4.54
C VAL D 71 -51.49 -14.72 5.42
N ASP D 72 -52.25 -15.61 4.79
CA ASP D 72 -52.64 -16.83 5.46
C ASP D 72 -51.79 -17.99 4.95
N LYS D 73 -50.71 -18.26 5.67
CA LYS D 73 -49.82 -19.38 5.40
C LYS D 73 -50.58 -20.70 5.17
N SER D 74 -51.57 -21.00 6.01
CA SER D 74 -52.19 -22.33 5.97
C SER D 74 -53.10 -22.59 4.74
N SER D 75 -53.76 -21.54 4.26
CA SER D 75 -54.61 -21.68 3.07
C SER D 75 -53.93 -21.12 1.82
N SER D 76 -52.60 -21.00 1.91
CA SER D 76 -51.75 -20.52 0.81
C SER D 76 -52.37 -19.31 0.14
N ALA D 77 -52.67 -18.28 0.92
CA ALA D 77 -53.42 -17.12 0.43
C ALA D 77 -52.78 -15.81 0.85
N ALA D 78 -52.62 -14.90 -0.12
CA ALA D 78 -52.15 -13.54 0.17
C ALA D 78 -53.23 -12.51 -0.16
N TYR D 79 -53.35 -11.51 0.69
CA TYR D 79 -54.35 -10.48 0.49
C TYR D 79 -53.70 -9.12 0.47
N MET D 80 -54.19 -8.26 -0.42
CA MET D 80 -53.84 -6.84 -0.39
C MET D 80 -55.08 -5.96 -0.13
N GLU D 81 -54.94 -5.03 0.81
CA GLU D 81 -55.97 -4.03 1.06
C GLU D 81 -55.52 -2.65 0.60
N VAL D 82 -56.23 -2.07 -0.35
CA VAL D 82 -55.95 -0.71 -0.77
C VAL D 82 -56.94 0.22 -0.08
N ARG D 83 -56.45 1.10 0.79
CA ARG D 83 -57.30 1.98 1.60
C ARG D 83 -57.53 3.40 1.03
N SER D 84 -58.55 4.07 1.57
CA SER D 84 -58.87 5.47 1.26
C SER D 84 -58.76 5.79 -0.24
N LEU D 85 -59.60 5.12 -1.03
CA LEU D 85 -59.44 5.05 -2.47
C LEU D 85 -59.77 6.33 -3.24
N THR D 86 -58.89 6.72 -4.16
CA THR D 86 -59.17 7.80 -5.09
C THR D 86 -59.35 7.22 -6.50
N SER D 87 -59.77 8.06 -7.44
CA SER D 87 -59.81 7.69 -8.85
C SER D 87 -58.43 7.31 -9.37
N GLU D 88 -57.39 7.72 -8.67
CA GLU D 88 -56.03 7.40 -9.07
C GLU D 88 -55.65 5.97 -8.68
N ASP D 89 -56.52 5.34 -7.90
CA ASP D 89 -56.39 3.92 -7.53
C ASP D 89 -57.14 2.96 -8.46
N THR D 90 -57.96 3.50 -9.36
CA THR D 90 -58.66 2.68 -10.34
C THR D 90 -57.63 2.00 -11.24
N ALA D 91 -57.65 0.67 -11.29
CA ALA D 91 -56.58 -0.07 -11.96
C ALA D 91 -56.75 -1.55 -11.82
N VAL D 92 -55.90 -2.32 -12.50
CA VAL D 92 -55.86 -3.76 -12.35
C VAL D 92 -54.69 -4.11 -11.45
N TYR D 93 -54.99 -4.90 -10.42
CA TYR D 93 -54.00 -5.29 -9.44
C TYR D 93 -53.69 -6.77 -9.59
N TYR D 94 -52.40 -7.04 -9.81
CA TYR D 94 -51.90 -8.39 -9.94
C TYR D 94 -51.20 -8.81 -8.66
N CYS D 95 -51.36 -10.09 -8.30
CA CYS D 95 -50.34 -10.71 -7.46
C CYS D 95 -49.41 -11.48 -8.38
N ALA D 96 -48.15 -11.63 -7.98
CA ALA D 96 -47.17 -12.29 -8.82
C ALA D 96 -46.08 -12.94 -7.99
N ARG D 97 -45.35 -13.86 -8.60
CA ARG D 97 -44.32 -14.63 -7.91
C ARG D 97 -42.99 -14.60 -8.66
N LYS D 98 -41.90 -14.26 -7.96
CA LYS D 98 -40.57 -14.38 -8.54
C LYS D 98 -40.27 -15.86 -8.85
N PRO D 99 -39.29 -16.13 -9.73
CA PRO D 99 -38.87 -17.52 -9.93
C PRO D 99 -38.10 -18.10 -8.75
N TYR D 100 -37.58 -17.23 -7.87
CA TYR D 100 -36.93 -17.69 -6.64
C TYR D 100 -37.17 -16.67 -5.53
N TYR D 101 -36.72 -16.97 -4.32
CA TYR D 101 -36.82 -16.07 -3.20
C TYR D 101 -35.71 -15.01 -3.27
N GLY D 102 -36.09 -13.74 -3.24
CA GLY D 102 -35.15 -12.62 -3.22
C GLY D 102 -35.79 -11.28 -3.53
N ASN D 103 -35.01 -10.22 -3.34
CA ASN D 103 -35.45 -8.85 -3.61
C ASN D 103 -35.34 -8.43 -5.08
N PHE D 104 -34.46 -9.09 -5.84
CA PHE D 104 -34.09 -8.65 -7.19
C PHE D 104 -34.31 -9.74 -8.24
N ALA D 105 -35.48 -9.74 -8.86
CA ALA D 105 -35.81 -10.74 -9.85
C ALA D 105 -36.90 -10.23 -10.78
N TRP D 106 -37.45 -11.15 -11.57
CA TRP D 106 -38.52 -10.88 -12.48
C TRP D 106 -39.70 -11.72 -12.05
N PHE D 107 -40.85 -11.51 -12.68
CA PHE D 107 -42.05 -12.21 -12.30
C PHE D 107 -42.39 -13.30 -13.31
N ALA D 108 -42.26 -14.55 -12.88
CA ALA D 108 -42.42 -15.70 -13.75
C ALA D 108 -43.87 -16.14 -13.86
N TYR D 109 -44.67 -15.77 -12.87
CA TYR D 109 -46.07 -16.16 -12.79
C TYR D 109 -46.90 -14.97 -12.34
N TRP D 110 -48.07 -14.85 -12.92
CA TRP D 110 -48.97 -13.77 -12.61
C TRP D 110 -50.34 -14.33 -12.31
N GLY D 111 -51.03 -13.70 -11.36
CA GLY D 111 -52.47 -13.93 -11.20
C GLY D 111 -53.22 -13.22 -12.32
N GLN D 112 -54.48 -13.59 -12.53
CA GLN D 112 -55.22 -13.07 -13.66
C GLN D 112 -55.50 -11.58 -13.55
N GLY D 113 -55.27 -11.02 -12.36
CA GLY D 113 -55.47 -9.59 -12.10
C GLY D 113 -56.90 -9.28 -11.73
N THR D 114 -57.06 -8.32 -10.80
CA THR D 114 -58.36 -7.87 -10.36
C THR D 114 -58.52 -6.38 -10.65
N LEU D 115 -59.49 -6.05 -11.51
CA LEU D 115 -59.83 -4.67 -11.82
C LEU D 115 -60.62 -4.03 -10.69
N VAL D 116 -60.19 -2.85 -10.29
CA VAL D 116 -60.82 -2.11 -9.21
C VAL D 116 -61.25 -0.77 -9.81
N THR D 117 -62.52 -0.44 -9.70
CA THR D 117 -63.05 0.83 -10.21
C THR D 117 -63.54 1.69 -9.06
N VAL D 118 -63.00 2.89 -8.95
CA VAL D 118 -63.41 3.78 -7.87
C VAL D 118 -64.42 4.78 -8.43
N SER D 119 -65.67 4.68 -7.99
CA SER D 119 -66.70 5.61 -8.41
C SER D 119 -67.79 5.75 -7.34
N ALA D 120 -68.47 6.89 -7.36
CA ALA D 120 -69.55 7.16 -6.39
C ALA D 120 -70.93 6.97 -7.00
N ALA D 121 -70.97 6.74 -8.30
CA ALA D 121 -72.24 6.59 -9.01
C ALA D 121 -73.03 5.37 -8.55
N LYS D 122 -74.36 5.52 -8.51
CA LYS D 122 -75.23 4.41 -8.17
C LYS D 122 -75.69 3.73 -9.44
N THR D 123 -76.07 2.46 -9.36
CA THR D 123 -76.57 1.71 -10.51
C THR D 123 -77.61 2.52 -11.29
N THR D 124 -77.46 2.55 -12.60
CA THR D 124 -78.38 3.28 -13.46
C THR D 124 -78.47 2.52 -14.78
N PRO D 125 -79.71 2.20 -15.20
CA PRO D 125 -79.92 1.46 -16.43
C PRO D 125 -79.76 2.37 -17.66
N PRO D 126 -79.35 1.80 -18.82
CA PRO D 126 -79.22 2.58 -20.04
C PRO D 126 -80.54 2.94 -20.68
N SER D 127 -80.58 4.10 -21.34
CA SER D 127 -81.63 4.41 -22.29
C SER D 127 -81.12 3.96 -23.65
N VAL D 128 -81.97 3.28 -24.42
CA VAL D 128 -81.58 2.68 -25.69
C VAL D 128 -82.31 3.30 -26.88
N TYR D 129 -81.56 3.89 -27.79
CA TYR D 129 -82.15 4.62 -28.91
C TYR D 129 -81.77 4.05 -30.28
N PRO D 130 -82.75 3.94 -31.20
CA PRO D 130 -82.50 3.49 -32.56
C PRO D 130 -81.86 4.55 -33.43
N LEU D 131 -80.97 4.12 -34.33
CA LEU D 131 -80.30 5.01 -35.25
C LEU D 131 -80.59 4.56 -36.66
N ALA D 132 -81.51 5.26 -37.30
CA ALA D 132 -81.85 5.01 -38.68
C ALA D 132 -81.34 6.17 -39.51
N PRO D 133 -80.85 5.90 -40.74
CA PRO D 133 -80.25 6.94 -41.58
C PRO D 133 -81.29 7.93 -42.12
N GLY D 134 -80.81 8.96 -42.81
CA GLY D 134 -81.69 9.92 -43.51
C GLY D 134 -81.17 10.33 -44.89
N SER D 141 -77.78 0.99 -51.46
CA SER D 141 -76.80 -0.05 -51.79
C SER D 141 -76.34 -0.87 -50.58
N MET D 142 -75.99 -0.21 -49.48
CA MET D 142 -75.42 -0.92 -48.33
C MET D 142 -75.89 -0.50 -46.92
N VAL D 143 -76.54 0.64 -46.76
CA VAL D 143 -77.18 1.05 -45.48
C VAL D 143 -76.56 0.62 -44.12
N THR D 144 -76.09 1.59 -43.35
CA THR D 144 -75.64 1.33 -41.99
C THR D 144 -76.71 1.75 -40.99
N LEU D 145 -76.85 0.95 -39.93
CA LEU D 145 -77.81 1.19 -38.88
C LEU D 145 -77.11 1.13 -37.54
N GLY D 146 -77.71 1.71 -36.51
CA GLY D 146 -77.03 1.76 -35.23
C GLY D 146 -77.93 1.69 -34.02
N CYS D 147 -77.30 1.76 -32.85
CA CYS D 147 -77.97 1.74 -31.57
C CYS D 147 -77.18 2.64 -30.61
N LEU D 148 -77.90 3.52 -29.90
CA LEU D 148 -77.25 4.41 -28.94
C LEU D 148 -77.63 4.02 -27.52
N VAL D 149 -76.64 3.59 -26.75
CA VAL D 149 -76.87 3.10 -25.40
C VAL D 149 -76.37 4.16 -24.42
N LYS D 150 -77.29 4.96 -23.90
CA LYS D 150 -76.91 6.20 -23.21
C LYS D 150 -77.31 6.24 -21.72
N GLY D 151 -76.34 6.61 -20.88
CA GLY D 151 -76.58 6.97 -19.49
C GLY D 151 -76.63 5.84 -18.49
N TYR D 152 -75.66 4.93 -18.53
CA TYR D 152 -75.68 3.79 -17.62
C TYR D 152 -74.44 3.71 -16.73
N PHE D 153 -74.60 3.02 -15.60
CA PHE D 153 -73.50 2.71 -14.70
C PHE D 153 -73.89 1.46 -13.94
N PRO D 154 -72.94 0.54 -13.72
CA PRO D 154 -71.61 0.54 -14.25
C PRO D 154 -71.53 -0.32 -15.50
N GLU D 155 -70.32 -0.78 -15.82
CA GLU D 155 -70.11 -1.69 -16.90
C GLU D 155 -70.18 -3.13 -16.40
N PRO D 156 -70.43 -4.10 -17.30
CA PRO D 156 -70.61 -3.87 -18.73
C PRO D 156 -72.05 -3.75 -19.21
N VAL D 157 -72.18 -3.53 -20.51
CA VAL D 157 -73.42 -3.53 -21.26
C VAL D 157 -73.17 -4.48 -22.44
N THR D 158 -74.16 -5.30 -22.75
CA THR D 158 -74.03 -6.23 -23.87
C THR D 158 -74.88 -5.71 -25.02
N VAL D 159 -74.42 -5.94 -26.24
CA VAL D 159 -75.17 -5.52 -27.42
C VAL D 159 -75.03 -6.56 -28.52
N THR D 160 -76.17 -7.04 -29.04
CA THR D 160 -76.15 -7.98 -30.16
C THR D 160 -77.16 -7.54 -31.19
N TRP D 161 -76.96 -7.94 -32.44
CA TRP D 161 -77.93 -7.67 -33.51
C TRP D 161 -78.68 -8.92 -33.97
N ASN D 162 -80.01 -8.82 -34.06
CA ASN D 162 -80.90 -9.93 -34.40
C ASN D 162 -80.62 -11.16 -33.56
N SER D 163 -80.47 -10.94 -32.26
CA SER D 163 -80.13 -11.99 -31.28
C SER D 163 -78.83 -12.72 -31.65
N GLY D 164 -77.96 -12.01 -32.37
CA GLY D 164 -76.65 -12.54 -32.73
C GLY D 164 -76.53 -13.00 -34.16
N SER D 165 -77.65 -13.09 -34.87
CA SER D 165 -77.64 -13.49 -36.28
C SER D 165 -76.80 -12.55 -37.14
N LEU D 166 -76.83 -11.26 -36.80
CA LEU D 166 -76.02 -10.27 -37.46
C LEU D 166 -74.83 -9.92 -36.60
N SER D 167 -73.66 -10.49 -36.94
CA SER D 167 -72.44 -10.21 -36.18
C SER D 167 -71.29 -9.77 -37.07
N SER D 168 -71.16 -10.42 -38.23
CA SER D 168 -70.05 -10.18 -39.16
C SER D 168 -69.81 -8.71 -39.51
N GLY D 169 -70.88 -7.96 -39.78
CA GLY D 169 -70.76 -6.53 -40.10
C GLY D 169 -71.17 -5.61 -38.96
N VAL D 170 -70.61 -5.82 -37.79
CA VAL D 170 -70.99 -5.08 -36.60
C VAL D 170 -69.78 -4.37 -35.96
N HIS D 171 -69.99 -3.15 -35.46
CA HIS D 171 -68.97 -2.43 -34.72
C HIS D 171 -69.54 -1.85 -33.45
N THR D 172 -69.10 -2.39 -32.32
CA THR D 172 -69.49 -1.88 -31.03
C THR D 172 -68.30 -1.18 -30.38
N PHE D 173 -68.52 0.07 -29.96
CA PHE D 173 -67.44 0.94 -29.55
C PHE D 173 -67.32 0.99 -28.04
N PRO D 174 -66.06 1.01 -27.54
CA PRO D 174 -65.77 1.25 -26.13
C PRO D 174 -66.65 2.35 -25.55
N ALA D 175 -67.09 2.14 -24.32
CA ALA D 175 -67.94 3.11 -23.63
C ALA D 175 -67.16 4.37 -23.24
N VAL D 176 -67.86 5.47 -23.05
CA VAL D 176 -67.23 6.71 -22.62
C VAL D 176 -68.00 7.30 -21.44
N LEU D 177 -67.26 7.85 -20.46
CA LEU D 177 -67.86 8.54 -19.32
C LEU D 177 -68.48 9.88 -19.72
N GLN D 178 -69.81 9.97 -19.58
CA GLN D 178 -70.54 11.21 -19.76
C GLN D 178 -70.13 12.10 -18.64
N SER D 179 -70.95 12.14 -17.59
CA SER D 179 -70.60 12.82 -16.37
C SER D 179 -70.01 11.76 -15.45
N ASP D 180 -70.86 10.97 -14.80
CA ASP D 180 -70.33 9.76 -14.20
C ASP D 180 -70.97 8.48 -14.71
N LEU D 181 -71.75 8.64 -15.79
CA LEU D 181 -72.42 7.55 -16.47
C LEU D 181 -71.75 7.27 -17.80
N TYR D 182 -71.91 6.04 -18.30
CA TYR D 182 -71.34 5.59 -19.56
C TYR D 182 -72.27 5.70 -20.77
N THR D 183 -71.67 5.81 -21.96
CA THR D 183 -72.39 5.81 -23.21
C THR D 183 -71.61 5.06 -24.26
N LEU D 184 -72.27 4.17 -24.97
CA LEU D 184 -71.65 3.51 -26.11
C LEU D 184 -72.62 3.45 -27.25
N SER D 185 -72.12 3.02 -28.40
CA SER D 185 -72.91 2.85 -29.59
C SER D 185 -72.45 1.60 -30.31
N SER D 186 -73.32 1.06 -31.13
CA SER D 186 -73.03 -0.13 -31.94
C SER D 186 -73.57 0.17 -33.31
N SER D 187 -72.80 -0.15 -34.35
CA SER D 187 -73.27 0.04 -35.72
C SER D 187 -73.43 -1.34 -36.38
N VAL D 188 -74.32 -1.41 -37.36
CA VAL D 188 -74.48 -2.66 -38.12
C VAL D 188 -74.63 -2.33 -39.61
N THR D 189 -74.00 -3.13 -40.47
CA THR D 189 -74.18 -2.97 -41.92
C THR D 189 -74.91 -4.16 -42.55
N VAL D 190 -76.05 -3.88 -43.17
CA VAL D 190 -76.85 -4.89 -43.86
C VAL D 190 -77.08 -4.44 -45.31
N PRO D 191 -77.37 -5.39 -46.22
CA PRO D 191 -77.66 -4.94 -47.59
C PRO D 191 -78.92 -4.10 -47.57
N SER D 192 -78.91 -3.00 -48.30
CA SER D 192 -80.02 -2.02 -48.30
C SER D 192 -81.33 -2.58 -48.83
N SER D 193 -81.23 -3.60 -49.68
CA SER D 193 -82.39 -4.33 -50.20
C SER D 193 -83.14 -5.10 -49.10
N THR D 194 -82.47 -5.34 -47.97
CA THR D 194 -83.06 -6.16 -46.91
C THR D 194 -83.61 -5.38 -45.70
N TRP D 195 -83.45 -4.06 -45.71
CA TRP D 195 -84.03 -3.22 -44.66
C TRP D 195 -84.90 -2.09 -45.24
N PRO D 196 -86.16 -1.95 -44.75
CA PRO D 196 -86.78 -2.60 -43.58
C PRO D 196 -87.41 -3.94 -43.89
N SER D 197 -87.33 -4.38 -45.15
CA SER D 197 -87.99 -5.59 -45.59
C SER D 197 -87.89 -6.69 -44.52
N GLU D 198 -86.65 -7.01 -44.14
CA GLU D 198 -86.39 -7.89 -43.02
C GLU D 198 -86.05 -7.05 -41.79
N THR D 199 -86.57 -7.51 -40.65
CA THR D 199 -86.40 -6.85 -39.36
C THR D 199 -84.93 -6.75 -38.96
N VAL D 200 -84.54 -5.58 -38.46
CA VAL D 200 -83.24 -5.41 -37.83
C VAL D 200 -83.43 -4.88 -36.42
N THR D 201 -83.25 -5.76 -35.44
CA THR D 201 -83.38 -5.39 -34.03
C THR D 201 -82.03 -5.43 -33.32
N CYS D 202 -81.93 -4.61 -32.28
CA CYS D 202 -80.70 -4.42 -31.52
C CYS D 202 -80.99 -4.80 -30.07
N ASN D 203 -80.14 -5.65 -29.51
CA ASN D 203 -80.39 -6.20 -28.18
C ASN D 203 -79.37 -5.75 -27.15
N VAL D 204 -79.84 -4.97 -26.17
CA VAL D 204 -78.98 -4.45 -25.12
C VAL D 204 -79.32 -5.09 -23.77
N ALA D 205 -78.28 -5.53 -23.08
CA ALA D 205 -78.45 -6.00 -21.71
C ALA D 205 -77.49 -5.29 -20.78
N HIS D 206 -77.94 -5.08 -19.56
CA HIS D 206 -77.17 -4.46 -18.50
C HIS D 206 -77.41 -5.24 -17.19
N PRO D 207 -76.75 -6.43 -17.06
CA PRO D 207 -76.87 -7.27 -15.87
C PRO D 207 -77.07 -6.49 -14.56
N ALA D 208 -76.15 -5.58 -14.26
CA ALA D 208 -76.16 -4.83 -13.00
C ALA D 208 -77.52 -4.25 -12.65
N SER D 209 -78.23 -3.73 -13.64
CA SER D 209 -79.56 -3.15 -13.42
C SER D 209 -80.69 -4.11 -13.79
N SER D 210 -80.37 -5.38 -13.95
CA SER D 210 -81.36 -6.42 -14.29
C SER D 210 -82.25 -6.05 -15.48
N THR D 211 -81.69 -5.37 -16.49
CA THR D 211 -82.47 -4.94 -17.64
C THR D 211 -82.01 -5.51 -18.99
N LYS D 212 -82.97 -5.91 -19.81
CA LYS D 212 -82.75 -6.41 -21.17
C LYS D 212 -83.68 -5.62 -22.09
N VAL D 213 -83.12 -5.00 -23.12
CA VAL D 213 -83.92 -4.18 -24.04
C VAL D 213 -83.69 -4.53 -25.51
N ASP D 214 -84.79 -4.72 -26.24
CA ASP D 214 -84.76 -4.88 -27.69
C ASP D 214 -85.26 -3.62 -28.36
N LYS D 215 -84.54 -3.13 -29.37
CA LYS D 215 -84.97 -1.97 -30.13
C LYS D 215 -84.94 -2.23 -31.64
N LYS D 216 -86.12 -2.31 -32.23
CA LYS D 216 -86.29 -2.49 -33.68
C LYS D 216 -85.91 -1.19 -34.36
N ILE D 217 -85.09 -1.28 -35.40
CA ILE D 217 -84.69 -0.08 -36.13
C ILE D 217 -85.62 0.13 -37.30
N VAL D 218 -86.50 1.13 -37.19
CA VAL D 218 -87.48 1.45 -38.23
C VAL D 218 -87.05 2.71 -38.97
N PRO D 219 -87.39 2.79 -40.29
CA PRO D 219 -87.05 3.98 -41.09
C PRO D 219 -87.78 5.20 -40.58
N ILE E 1 -34.36 4.36 -10.27
CA ILE E 1 -33.99 3.80 -11.60
C ILE E 1 -35.19 3.80 -12.56
N GLN E 2 -35.16 4.73 -13.51
CA GLN E 2 -36.25 4.82 -14.49
C GLN E 2 -35.92 3.98 -15.72
N VAL E 3 -36.92 3.24 -16.20
CA VAL E 3 -36.78 2.39 -17.37
C VAL E 3 -37.69 2.97 -18.45
N THR E 4 -37.10 3.31 -19.60
CA THR E 4 -37.79 4.07 -20.65
C THR E 4 -37.77 3.39 -22.00
N GLN E 5 -38.93 3.38 -22.65
CA GLN E 5 -39.11 2.61 -23.89
C GLN E 5 -39.26 3.42 -25.17
N SER E 6 -39.05 4.75 -25.10
CA SER E 6 -39.11 5.67 -26.25
C SER E 6 -40.44 5.57 -26.99
N SER E 7 -40.51 4.65 -27.96
CA SER E 7 -41.73 4.39 -28.69
C SER E 7 -42.78 3.75 -27.78
N SER E 8 -43.94 4.39 -27.66
CA SER E 8 -45.05 3.79 -26.93
C SER E 8 -45.92 2.88 -27.82
N SER E 9 -46.02 3.20 -29.10
CA SER E 9 -46.64 2.31 -30.08
C SER E 9 -45.80 2.22 -31.36
N PHE E 10 -45.98 1.15 -32.12
CA PHE E 10 -45.14 0.92 -33.27
C PHE E 10 -45.94 0.21 -34.36
N SER E 11 -45.94 0.78 -35.57
CA SER E 11 -46.56 0.15 -36.73
C SER E 11 -45.62 -0.89 -37.33
N VAL E 12 -46.17 -2.03 -37.72
CA VAL E 12 -45.35 -3.16 -38.17
C VAL E 12 -46.03 -4.02 -39.24
N SER E 13 -45.23 -4.71 -40.03
CA SER E 13 -45.77 -5.63 -41.03
C SER E 13 -45.46 -7.07 -40.65
N LEU E 14 -46.29 -8.00 -41.09
CA LEU E 14 -46.04 -9.42 -40.83
C LEU E 14 -44.77 -9.79 -41.55
N GLY E 15 -43.91 -10.54 -40.88
CA GLY E 15 -42.61 -10.91 -41.46
C GLY E 15 -41.48 -9.94 -41.16
N ASP E 16 -41.82 -8.72 -40.77
CA ASP E 16 -40.81 -7.75 -40.33
C ASP E 16 -39.87 -8.25 -39.22
N ARG E 17 -38.67 -7.65 -39.19
CA ARG E 17 -37.80 -7.69 -38.01
C ARG E 17 -38.11 -6.48 -37.15
N VAL E 18 -38.47 -6.72 -35.89
CA VAL E 18 -38.90 -5.64 -34.99
C VAL E 18 -37.94 -5.49 -33.84
N THR E 19 -37.56 -4.26 -33.54
CA THR E 19 -36.63 -3.97 -32.45
C THR E 19 -37.25 -2.97 -31.50
N ILE E 20 -37.45 -3.39 -30.25
CA ILE E 20 -38.02 -2.53 -29.22
C ILE E 20 -36.94 -2.13 -28.23
N THR E 21 -36.62 -0.83 -28.16
CA THR E 21 -35.55 -0.37 -27.27
C THR E 21 -36.03 -0.21 -25.83
N CYS E 22 -35.11 -0.34 -24.88
CA CYS E 22 -35.38 -0.11 -23.46
C CYS E 22 -34.16 0.59 -22.88
N LYS E 23 -34.39 1.74 -22.25
CA LYS E 23 -33.28 2.58 -21.77
C LYS E 23 -33.35 2.75 -20.26
N ALA E 24 -32.27 2.37 -19.59
CA ALA E 24 -32.16 2.49 -18.13
C ALA E 24 -31.49 3.80 -17.74
N SER E 25 -31.87 4.35 -16.59
CA SER E 25 -31.33 5.65 -16.15
C SER E 25 -29.97 5.51 -15.44
N GLU E 26 -29.67 4.28 -15.03
CA GLU E 26 -28.37 3.89 -14.46
C GLU E 26 -27.99 2.54 -15.05
N ASP E 27 -26.69 2.21 -15.00
CA ASP E 27 -26.23 0.88 -15.38
C ASP E 27 -26.97 -0.16 -14.54
N ILE E 28 -27.67 -1.07 -15.22
CA ILE E 28 -28.43 -2.12 -14.52
C ILE E 28 -27.80 -3.49 -14.66
N TYR E 29 -26.61 -3.54 -15.26
CA TYR E 29 -25.79 -4.76 -15.33
C TYR E 29 -26.56 -6.00 -15.78
N ASN E 30 -27.20 -5.91 -16.95
CA ASN E 30 -27.96 -7.02 -17.56
C ASN E 30 -29.10 -7.59 -16.73
N ARG E 31 -29.40 -6.99 -15.59
CA ARG E 31 -30.58 -7.39 -14.84
C ARG E 31 -31.80 -6.73 -15.46
N LEU E 32 -32.23 -7.25 -16.61
CA LEU E 32 -33.42 -6.75 -17.30
C LEU E 32 -34.23 -7.90 -17.87
N ALA E 33 -35.55 -7.77 -17.78
CA ALA E 33 -36.49 -8.79 -18.21
C ALA E 33 -37.48 -8.15 -19.16
N TRP E 34 -38.06 -8.96 -20.04
CA TRP E 34 -39.04 -8.49 -21.01
C TRP E 34 -40.31 -9.26 -20.85
N TYR E 35 -41.44 -8.57 -20.87
CA TYR E 35 -42.73 -9.24 -20.84
C TYR E 35 -43.53 -8.93 -22.10
N GLN E 36 -44.37 -9.88 -22.50
CA GLN E 36 -45.37 -9.66 -23.55
C GLN E 36 -46.74 -9.64 -22.91
N GLN E 37 -47.61 -8.73 -23.32
CA GLN E 37 -48.98 -8.67 -22.78
C GLN E 37 -50.02 -8.37 -23.85
N LYS E 38 -51.04 -9.23 -23.91
CA LYS E 38 -52.20 -9.07 -24.81
C LYS E 38 -53.43 -8.62 -24.01
N PRO E 39 -54.29 -7.77 -24.61
CA PRO E 39 -55.48 -7.18 -23.96
C PRO E 39 -56.25 -8.14 -23.08
N GLY E 40 -56.58 -7.70 -21.87
CA GLY E 40 -57.37 -8.51 -20.95
C GLY E 40 -56.60 -9.63 -20.27
N ASN E 41 -55.32 -9.80 -20.63
CA ASN E 41 -54.50 -10.82 -19.99
C ASN E 41 -53.35 -10.25 -19.17
N ALA E 42 -52.82 -11.08 -18.27
CA ALA E 42 -51.64 -10.73 -17.51
C ALA E 42 -50.39 -10.76 -18.39
N PRO E 43 -49.38 -9.95 -18.05
CA PRO E 43 -48.06 -10.05 -18.68
C PRO E 43 -47.51 -11.47 -18.67
N ARG E 44 -46.80 -11.81 -19.73
CA ARG E 44 -46.21 -13.15 -19.90
C ARG E 44 -44.71 -12.99 -20.08
N LEU E 45 -43.94 -13.66 -19.25
CA LEU E 45 -42.50 -13.53 -19.29
C LEU E 45 -41.87 -14.16 -20.52
N LEU E 46 -41.19 -13.30 -21.29
CA LEU E 46 -40.43 -13.71 -22.47
C LEU E 46 -38.97 -13.96 -22.13
N ILE E 47 -38.27 -12.94 -21.64
CA ILE E 47 -36.81 -12.99 -21.46
C ILE E 47 -36.37 -12.56 -20.06
N SER E 48 -35.37 -13.24 -19.51
CA SER E 48 -34.76 -12.78 -18.27
C SER E 48 -33.27 -12.59 -18.45
N GLY E 49 -32.65 -11.87 -17.52
CA GLY E 49 -31.23 -11.59 -17.61
C GLY E 49 -30.83 -11.12 -19.00
N ALA E 50 -31.62 -10.21 -19.57
CA ALA E 50 -31.28 -9.51 -20.81
C ALA E 50 -31.31 -10.33 -22.10
N THR E 51 -30.72 -11.52 -22.09
CA THR E 51 -30.56 -12.30 -23.32
C THR E 51 -31.12 -13.72 -23.21
N SER E 52 -31.61 -14.08 -22.03
CA SER E 52 -32.02 -15.45 -21.75
C SER E 52 -33.50 -15.70 -22.05
N LEU E 53 -33.74 -16.63 -22.96
CA LEU E 53 -35.09 -16.98 -23.42
C LEU E 53 -35.78 -17.98 -22.48
N GLU E 54 -36.91 -17.58 -21.89
CA GLU E 54 -37.65 -18.46 -20.97
C GLU E 54 -38.25 -19.69 -21.68
N THR E 55 -38.42 -20.79 -20.95
CA THR E 55 -38.90 -22.04 -21.56
C THR E 55 -40.27 -21.83 -22.19
N GLY E 56 -40.44 -22.38 -23.39
CA GLY E 56 -41.72 -22.29 -24.11
C GLY E 56 -41.80 -21.14 -25.08
N VAL E 57 -41.04 -20.09 -24.81
CA VAL E 57 -41.05 -18.89 -25.64
C VAL E 57 -40.45 -19.24 -27.02
N PRO E 58 -41.14 -18.86 -28.12
CA PRO E 58 -40.63 -19.13 -29.46
C PRO E 58 -39.27 -18.49 -29.77
N ASP E 59 -38.58 -19.11 -30.72
CA ASP E 59 -37.20 -18.82 -31.05
C ASP E 59 -36.99 -17.49 -31.78
N ARG E 60 -38.06 -16.94 -32.33
CA ARG E 60 -37.99 -15.65 -33.03
C ARG E 60 -37.79 -14.48 -32.07
N PHE E 61 -38.03 -14.70 -30.77
CA PHE E 61 -37.77 -13.69 -29.75
C PHE E 61 -36.32 -13.72 -29.29
N SER E 62 -35.71 -12.54 -29.19
CA SER E 62 -34.30 -12.42 -28.88
C SER E 62 -34.05 -11.14 -28.10
N GLY E 63 -33.06 -11.15 -27.22
CA GLY E 63 -32.70 -9.97 -26.44
C GLY E 63 -31.21 -9.65 -26.49
N SER E 64 -30.88 -8.36 -26.43
CA SER E 64 -29.48 -7.93 -26.34
C SER E 64 -29.32 -6.58 -25.64
N GLY E 65 -28.07 -6.14 -25.46
CA GLY E 65 -27.77 -4.86 -24.85
C GLY E 65 -26.82 -4.94 -23.67
N SER E 66 -26.33 -3.79 -23.22
CA SER E 66 -25.40 -3.70 -22.07
C SER E 66 -25.62 -2.43 -21.28
N ARG E 67 -24.96 -2.34 -20.13
CA ARG E 67 -25.05 -1.19 -19.24
C ARG E 67 -26.49 -0.73 -19.04
N LYS E 68 -26.90 0.22 -19.88
CA LYS E 68 -28.19 0.85 -19.75
C LYS E 68 -28.92 1.03 -21.09
N ASP E 69 -28.71 0.11 -22.03
CA ASP E 69 -29.35 0.18 -23.33
C ASP E 69 -29.59 -1.21 -23.85
N TYR E 70 -30.87 -1.57 -23.94
CA TYR E 70 -31.27 -2.95 -24.24
C TYR E 70 -32.30 -2.98 -25.36
N THR E 71 -32.38 -4.11 -26.06
CA THR E 71 -33.33 -4.25 -27.15
C THR E 71 -34.07 -5.58 -27.09
N LEU E 72 -35.36 -5.58 -27.44
CA LEU E 72 -36.07 -6.82 -27.71
C LEU E 72 -36.20 -7.01 -29.21
N ILE E 73 -35.81 -8.20 -29.69
CA ILE E 73 -35.88 -8.51 -31.11
C ILE E 73 -36.86 -9.65 -31.42
N ILE E 74 -37.70 -9.40 -32.42
CA ILE E 74 -38.57 -10.41 -32.97
C ILE E 74 -38.20 -10.49 -34.44
N THR E 75 -37.60 -11.60 -34.88
CA THR E 75 -36.98 -11.64 -36.22
C THR E 75 -37.96 -11.66 -37.40
N SER E 76 -39.10 -12.31 -37.20
CA SER E 76 -40.13 -12.37 -38.23
C SER E 76 -41.52 -12.36 -37.60
N LEU E 77 -42.07 -11.16 -37.48
CA LEU E 77 -43.33 -10.94 -36.79
C LEU E 77 -44.47 -11.83 -37.30
N GLN E 78 -44.91 -12.73 -36.44
CA GLN E 78 -46.11 -13.50 -36.68
C GLN E 78 -47.30 -12.73 -36.09
N THR E 79 -48.51 -13.13 -36.49
CA THR E 79 -49.72 -12.39 -36.17
C THR E 79 -50.06 -12.36 -34.67
N GLU E 80 -49.67 -13.40 -33.94
CA GLU E 80 -49.91 -13.46 -32.50
C GLU E 80 -48.83 -12.73 -31.68
N ASP E 81 -47.93 -12.02 -32.35
CA ASP E 81 -46.94 -11.21 -31.67
C ASP E 81 -47.44 -9.79 -31.51
N VAL E 82 -48.58 -9.50 -32.11
CA VAL E 82 -49.20 -8.20 -32.00
C VAL E 82 -49.65 -8.10 -30.56
N ALA E 83 -48.94 -7.27 -29.82
CA ALA E 83 -49.13 -7.13 -28.39
C ALA E 83 -48.47 -5.86 -27.92
N THR E 84 -48.40 -5.72 -26.60
CA THR E 84 -47.62 -4.66 -25.98
C THR E 84 -46.47 -5.31 -25.21
N TYR E 85 -45.33 -4.65 -25.20
CA TYR E 85 -44.13 -5.23 -24.61
C TYR E 85 -43.56 -4.34 -23.53
N TYR E 86 -43.15 -4.95 -22.42
CA TYR E 86 -42.63 -4.22 -21.27
C TYR E 86 -41.27 -4.76 -20.91
N CYS E 87 -40.36 -3.87 -20.58
CA CYS E 87 -39.08 -4.25 -19.98
C CYS E 87 -39.09 -3.87 -18.50
N GLN E 88 -38.43 -4.68 -17.69
CA GLN E 88 -38.39 -4.48 -16.25
C GLN E 88 -37.00 -4.74 -15.72
N GLN E 89 -36.46 -3.77 -14.99
CA GLN E 89 -35.13 -3.91 -14.41
C GLN E 89 -35.25 -4.44 -12.99
N TYR E 90 -34.19 -5.09 -12.53
CA TYR E 90 -34.15 -5.58 -11.16
C TYR E 90 -32.73 -5.50 -10.59
N TRP E 91 -31.96 -4.53 -11.06
CA TRP E 91 -30.65 -4.26 -10.48
C TRP E 91 -30.78 -3.64 -9.10
N SER E 92 -31.77 -2.77 -8.95
CA SER E 92 -32.03 -2.10 -7.68
C SER E 92 -33.50 -2.21 -7.38
N THR E 93 -33.86 -1.98 -6.13
CA THR E 93 -35.25 -1.95 -5.72
C THR E 93 -35.64 -0.50 -5.52
N PRO E 94 -36.91 -0.14 -5.78
CA PRO E 94 -38.01 -1.02 -6.20
C PRO E 94 -37.92 -1.41 -7.65
N LEU E 95 -38.19 -2.69 -7.93
CA LEU E 95 -38.41 -3.19 -9.28
C LEU E 95 -39.31 -2.21 -10.04
N THR E 96 -38.87 -1.84 -11.24
CA THR E 96 -39.55 -0.82 -12.04
C THR E 96 -39.66 -1.27 -13.49
N PHE E 97 -40.82 -1.04 -14.09
CA PHE E 97 -41.10 -1.43 -15.47
C PHE E 97 -41.08 -0.19 -16.39
N GLY E 98 -40.85 -0.40 -17.68
CA GLY E 98 -41.06 0.63 -18.68
C GLY E 98 -42.56 0.85 -18.85
N ALA E 99 -42.94 1.78 -19.72
CA ALA E 99 -44.36 2.08 -19.92
C ALA E 99 -44.96 1.30 -21.10
N GLY E 100 -44.21 0.36 -21.65
CA GLY E 100 -44.73 -0.47 -22.73
C GLY E 100 -44.62 0.08 -24.13
N THR E 101 -44.44 -0.84 -25.08
CA THR E 101 -44.43 -0.51 -26.49
C THR E 101 -45.49 -1.39 -27.14
N LYS E 102 -46.52 -0.78 -27.69
CA LYS E 102 -47.65 -1.50 -28.29
C LYS E 102 -47.49 -1.67 -29.80
N LEU E 103 -47.48 -2.90 -30.28
CA LEU E 103 -47.36 -3.14 -31.72
C LEU E 103 -48.71 -3.12 -32.42
N GLU E 104 -48.74 -2.62 -33.64
CA GLU E 104 -49.95 -2.68 -34.45
C GLU E 104 -49.59 -2.97 -35.90
N LEU E 105 -50.38 -3.86 -36.50
CA LEU E 105 -50.21 -4.25 -37.89
C LEU E 105 -50.39 -3.08 -38.86
N LYS E 106 -49.46 -2.99 -39.81
CA LYS E 106 -49.62 -2.11 -40.95
C LYS E 106 -50.59 -2.74 -41.94
N ARG E 107 -51.21 -1.89 -42.74
CA ARG E 107 -52.05 -2.32 -43.83
C ARG E 107 -52.15 -1.13 -44.75
N ALA E 108 -52.64 -1.33 -45.97
CA ALA E 108 -52.84 -0.21 -46.88
C ALA E 108 -53.82 0.79 -46.25
N ASP E 109 -53.59 2.08 -46.49
CA ASP E 109 -54.47 3.11 -45.98
C ASP E 109 -55.86 2.94 -46.61
N ALA E 110 -56.89 3.25 -45.82
CA ALA E 110 -58.28 3.12 -46.25
C ALA E 110 -59.12 4.26 -45.70
N ALA E 111 -59.98 4.81 -46.55
CA ALA E 111 -60.90 5.87 -46.14
C ALA E 111 -62.12 5.31 -45.40
N PRO E 112 -62.60 5.99 -44.35
CA PRO E 112 -63.79 5.47 -43.65
C PRO E 112 -65.05 5.51 -44.51
N THR E 113 -66.02 4.68 -44.17
CA THR E 113 -67.38 4.80 -44.69
C THR E 113 -68.13 5.54 -43.62
N VAL E 114 -68.60 6.73 -43.96
CA VAL E 114 -69.14 7.68 -42.98
C VAL E 114 -70.67 7.69 -43.02
N SER E 115 -71.31 7.76 -41.86
CA SER E 115 -72.77 7.72 -41.77
C SER E 115 -73.22 8.57 -40.60
N ILE E 116 -74.11 9.53 -40.87
CA ILE E 116 -74.64 10.39 -39.84
C ILE E 116 -76.03 9.87 -39.49
N PHE E 117 -76.44 10.05 -38.24
CA PHE E 117 -77.74 9.57 -37.77
C PHE E 117 -78.37 10.62 -36.87
N PRO E 118 -79.60 11.03 -37.18
CA PRO E 118 -80.29 12.08 -36.40
C PRO E 118 -80.88 11.50 -35.13
N PRO E 119 -81.24 12.35 -34.16
CA PRO E 119 -81.79 11.83 -32.92
C PRO E 119 -83.11 11.08 -33.14
N SER E 120 -83.31 10.04 -32.35
CA SER E 120 -84.53 9.27 -32.37
C SER E 120 -85.65 10.06 -31.69
N SER E 121 -86.89 9.77 -32.10
CA SER E 121 -88.07 10.29 -31.40
C SER E 121 -88.05 9.97 -29.90
N GLU E 122 -87.70 8.73 -29.58
CA GLU E 122 -87.68 8.30 -28.21
C GLU E 122 -86.84 9.26 -27.37
N GLN E 123 -85.64 9.62 -27.86
CA GLN E 123 -84.75 10.51 -27.11
C GLN E 123 -85.32 11.92 -27.04
N LEU E 124 -85.92 12.37 -28.13
CA LEU E 124 -86.44 13.73 -28.19
C LEU E 124 -87.59 13.93 -27.21
N THR E 125 -88.38 12.88 -26.97
CA THR E 125 -89.51 13.00 -26.06
C THR E 125 -89.00 13.20 -24.63
N SER E 126 -87.74 12.87 -24.40
CA SER E 126 -87.12 13.00 -23.09
C SER E 126 -86.30 14.29 -22.96
N GLY E 127 -86.28 15.11 -24.00
CA GLY E 127 -85.58 16.39 -23.98
C GLY E 127 -84.14 16.32 -24.43
N GLY E 128 -83.62 15.12 -24.66
CA GLY E 128 -82.25 14.96 -25.11
C GLY E 128 -82.17 14.81 -26.63
N ALA E 129 -81.05 15.23 -27.21
CA ALA E 129 -80.83 15.08 -28.65
C ALA E 129 -79.37 14.73 -28.99
N SER E 130 -79.14 13.47 -29.30
CA SER E 130 -77.82 13.05 -29.73
C SER E 130 -77.80 12.82 -31.23
N VAL E 131 -76.77 13.34 -31.87
CA VAL E 131 -76.52 13.11 -33.28
C VAL E 131 -75.34 12.17 -33.32
N VAL E 132 -75.44 11.09 -34.11
CA VAL E 132 -74.37 10.07 -34.17
C VAL E 132 -73.70 10.00 -35.52
N CYS E 133 -72.38 9.89 -35.52
CA CYS E 133 -71.59 9.78 -36.74
C CYS E 133 -70.62 8.60 -36.63
N PHE E 134 -70.90 7.53 -37.37
CA PHE E 134 -69.99 6.38 -37.46
C PHE E 134 -68.97 6.56 -38.57
N LEU E 135 -67.71 6.22 -38.31
CA LEU E 135 -66.67 6.23 -39.35
C LEU E 135 -65.96 4.89 -39.31
N ASN E 136 -66.35 4.01 -40.23
CA ASN E 136 -65.96 2.61 -40.12
C ASN E 136 -64.83 2.15 -41.06
N ASN E 137 -64.07 1.15 -40.61
CA ASN E 137 -63.08 0.44 -41.44
C ASN E 137 -62.06 1.29 -42.21
N PHE E 138 -61.25 2.04 -41.47
CA PHE E 138 -60.21 2.90 -42.06
C PHE E 138 -58.83 2.72 -41.42
N TYR E 139 -57.80 3.22 -42.11
CA TYR E 139 -56.42 3.13 -41.63
C TYR E 139 -55.58 4.20 -42.36
N PRO E 140 -54.63 4.83 -41.65
CA PRO E 140 -54.26 4.65 -40.24
C PRO E 140 -55.31 5.16 -39.27
N LYS E 141 -55.03 5.07 -37.97
CA LYS E 141 -55.96 5.53 -36.92
C LYS E 141 -56.16 7.04 -36.91
N ASP E 142 -55.12 7.80 -37.31
CA ASP E 142 -55.14 9.27 -37.28
C ASP E 142 -56.26 9.77 -38.16
N ILE E 143 -57.12 10.62 -37.60
CA ILE E 143 -58.25 11.16 -38.33
C ILE E 143 -58.75 12.42 -37.65
N ASN E 144 -59.28 13.35 -38.42
CA ASN E 144 -59.90 14.54 -37.85
C ASN E 144 -61.40 14.54 -38.12
N VAL E 145 -62.19 14.66 -37.06
CA VAL E 145 -63.62 14.74 -37.22
C VAL E 145 -64.15 16.09 -36.77
N LYS E 146 -64.69 16.85 -37.71
CA LYS E 146 -65.36 18.10 -37.40
C LYS E 146 -66.88 17.95 -37.43
N TRP E 147 -67.55 18.38 -36.38
CA TRP E 147 -69.01 18.55 -36.41
C TRP E 147 -69.33 19.97 -36.84
N LYS E 148 -70.13 20.12 -37.88
CA LYS E 148 -70.52 21.46 -38.31
C LYS E 148 -72.04 21.61 -38.26
N ILE E 149 -72.49 22.64 -37.55
CA ILE E 149 -73.91 22.99 -37.45
C ILE E 149 -74.21 24.26 -38.25
N ASP E 150 -75.01 24.11 -39.31
CA ASP E 150 -75.36 25.19 -40.24
C ASP E 150 -74.13 25.92 -40.81
N GLY E 151 -73.07 25.16 -41.06
CA GLY E 151 -71.87 25.69 -41.67
C GLY E 151 -70.70 25.86 -40.75
N SER E 152 -70.94 26.34 -39.52
CA SER E 152 -69.85 26.60 -38.58
C SER E 152 -69.63 25.43 -37.60
N GLU E 153 -68.42 25.36 -37.05
CA GLU E 153 -67.97 24.24 -36.22
C GLU E 153 -68.54 24.23 -34.79
N ARG E 154 -68.91 23.04 -34.35
CA ARG E 154 -69.26 22.81 -32.96
C ARG E 154 -68.08 22.15 -32.25
N GLN E 155 -67.65 22.77 -31.16
CA GLN E 155 -66.58 22.24 -30.32
C GLN E 155 -67.16 21.53 -29.09
N ASN E 156 -68.04 22.24 -28.37
CA ASN E 156 -68.64 21.76 -27.12
C ASN E 156 -69.65 20.59 -27.26
N GLY E 157 -69.45 19.56 -26.44
CA GLY E 157 -70.43 18.47 -26.28
C GLY E 157 -70.15 17.17 -27.05
N VAL E 158 -68.92 16.97 -27.50
CA VAL E 158 -68.59 15.81 -28.33
C VAL E 158 -67.91 14.71 -27.52
N LEU E 159 -68.29 13.46 -27.79
CA LEU E 159 -67.58 12.31 -27.25
C LEU E 159 -67.13 11.37 -28.35
N ASN E 160 -65.86 10.98 -28.33
CA ASN E 160 -65.28 10.10 -29.35
C ASN E 160 -64.75 8.77 -28.79
N SER E 161 -64.98 7.70 -29.54
CA SER E 161 -64.53 6.36 -29.14
C SER E 161 -64.05 5.58 -30.37
N TRP E 162 -62.86 5.02 -30.27
CA TRP E 162 -62.32 4.17 -31.35
C TRP E 162 -62.36 2.70 -30.93
N THR E 163 -62.44 1.80 -31.91
CA THR E 163 -62.27 0.37 -31.67
C THR E 163 -60.80 0.01 -31.75
N ASP E 164 -60.48 -1.19 -31.28
CA ASP E 164 -59.16 -1.78 -31.49
C ASP E 164 -59.00 -2.19 -32.94
N GLN E 165 -57.76 -2.46 -33.35
CA GLN E 165 -57.46 -3.01 -34.66
C GLN E 165 -58.34 -4.25 -34.90
N ASP E 166 -59.11 -4.24 -35.97
CA ASP E 166 -59.98 -5.38 -36.30
C ASP E 166 -59.13 -6.59 -36.67
N SER E 167 -59.44 -7.73 -36.05
CA SER E 167 -58.68 -8.96 -36.30
C SER E 167 -58.72 -9.44 -37.73
N LYS E 168 -59.86 -9.28 -38.40
CA LYS E 168 -60.03 -9.79 -39.77
C LYS E 168 -59.35 -8.97 -40.86
N ASP E 169 -59.43 -7.64 -40.77
CA ASP E 169 -58.94 -6.76 -41.84
C ASP E 169 -58.01 -5.62 -41.38
N SER E 170 -57.55 -5.72 -40.12
CA SER E 170 -56.57 -4.78 -39.56
C SER E 170 -56.95 -3.28 -39.57
N THR E 171 -58.23 -2.98 -39.78
CA THR E 171 -58.68 -1.58 -39.80
C THR E 171 -59.13 -1.06 -38.43
N TYR E 172 -59.35 0.26 -38.37
CA TYR E 172 -59.89 0.93 -37.19
C TYR E 172 -61.24 1.50 -37.53
N SER E 173 -62.05 1.72 -36.50
CA SER E 173 -63.39 2.30 -36.63
C SER E 173 -63.60 3.28 -35.50
N MET E 174 -64.38 4.33 -35.77
CA MET E 174 -64.62 5.38 -34.80
C MET E 174 -66.09 5.77 -34.77
N SER E 175 -66.56 6.17 -33.59
CA SER E 175 -67.91 6.67 -33.37
C SER E 175 -67.82 8.02 -32.74
N SER E 176 -68.58 8.97 -33.27
CA SER E 176 -68.61 10.33 -32.73
C SER E 176 -70.03 10.74 -32.36
N THR E 177 -70.20 11.23 -31.14
CA THR E 177 -71.51 11.67 -30.68
C THR E 177 -71.53 13.11 -30.23
N LEU E 178 -72.37 13.90 -30.86
CA LEU E 178 -72.64 15.26 -30.40
C LEU E 178 -74.00 15.28 -29.67
N THR E 179 -73.97 15.44 -28.35
CA THR E 179 -75.20 15.53 -27.57
C THR E 179 -75.57 16.98 -27.25
N LEU E 180 -76.79 17.36 -27.62
CA LEU E 180 -77.33 18.68 -27.37
C LEU E 180 -78.63 18.54 -26.60
N THR E 181 -79.20 19.67 -26.15
CA THR E 181 -80.55 19.66 -25.60
C THR E 181 -81.56 19.63 -26.75
N LYS E 182 -82.79 19.18 -26.47
CA LYS E 182 -83.86 19.25 -27.48
C LYS E 182 -84.02 20.70 -27.98
N ASP E 183 -84.01 21.65 -27.05
CA ASP E 183 -84.18 23.05 -27.43
C ASP E 183 -83.05 23.45 -28.36
N GLU E 184 -81.81 23.21 -27.96
CA GLU E 184 -80.67 23.62 -28.80
C GLU E 184 -80.66 22.92 -30.16
N TYR E 185 -81.01 21.61 -30.17
CA TYR E 185 -81.10 20.83 -31.40
C TYR E 185 -82.05 21.43 -32.43
N GLU E 186 -83.21 21.92 -31.96
CA GLU E 186 -84.28 22.39 -32.84
C GLU E 186 -84.02 23.81 -33.37
N ARG E 187 -83.00 24.47 -32.84
CA ARG E 187 -82.62 25.80 -33.31
C ARG E 187 -82.01 25.77 -34.72
N HIS E 188 -81.61 24.57 -35.17
CA HIS E 188 -80.84 24.41 -36.39
C HIS E 188 -81.45 23.40 -37.39
N ASN E 189 -81.04 23.48 -38.65
CA ASN E 189 -81.53 22.55 -39.67
C ASN E 189 -80.46 21.58 -40.15
N SER E 190 -79.30 22.11 -40.51
CA SER E 190 -78.22 21.36 -41.16
C SER E 190 -77.15 20.84 -40.18
N TYR E 191 -77.10 19.53 -39.99
CA TYR E 191 -76.08 18.90 -39.15
C TYR E 191 -75.14 18.04 -39.99
N THR E 192 -73.84 18.29 -39.87
CA THR E 192 -72.87 17.55 -40.67
C THR E 192 -71.67 17.10 -39.85
N CYS E 193 -71.17 15.89 -40.12
CA CYS E 193 -69.81 15.53 -39.71
C CYS E 193 -68.85 15.46 -40.89
N GLU E 194 -67.71 16.13 -40.72
CA GLU E 194 -66.62 16.17 -41.70
C GLU E 194 -65.45 15.31 -41.26
N ALA E 195 -65.00 14.41 -42.13
CA ALA E 195 -63.87 13.55 -41.85
C ALA E 195 -62.69 13.80 -42.79
N THR E 196 -61.63 14.37 -42.25
CA THR E 196 -60.37 14.54 -42.98
C THR E 196 -59.42 13.40 -42.61
N HIS E 197 -58.89 12.75 -43.64
CA HIS E 197 -58.02 11.57 -43.53
C HIS E 197 -56.90 11.73 -44.56
N LYS E 198 -55.79 11.03 -44.37
CA LYS E 198 -54.64 11.18 -45.27
C LYS E 198 -54.81 10.50 -46.65
N THR E 199 -55.90 9.74 -46.79
CA THR E 199 -56.22 9.05 -48.04
C THR E 199 -56.64 10.01 -49.15
N SER E 200 -57.14 11.18 -48.77
CA SER E 200 -57.60 12.16 -49.73
C SER E 200 -57.49 13.55 -49.13
N THR E 201 -57.26 14.55 -49.97
CA THR E 201 -57.26 15.95 -49.52
C THR E 201 -58.68 16.46 -49.29
N SER E 202 -59.64 15.89 -50.03
CA SER E 202 -61.05 16.21 -49.87
C SER E 202 -61.59 15.49 -48.63
N PRO E 203 -62.19 16.25 -47.70
CA PRO E 203 -62.80 15.65 -46.52
C PRO E 203 -64.09 14.92 -46.85
N ILE E 204 -64.34 13.79 -46.21
CA ILE E 204 -65.59 13.05 -46.44
C ILE E 204 -66.65 13.79 -45.65
N VAL E 205 -67.79 14.04 -46.29
CA VAL E 205 -68.84 14.83 -45.68
C VAL E 205 -70.18 14.08 -45.70
N LYS E 206 -70.76 13.89 -44.53
CA LYS E 206 -72.12 13.35 -44.38
C LYS E 206 -73.05 14.40 -43.76
N SER E 207 -74.30 14.45 -44.21
CA SER E 207 -75.22 15.47 -43.71
C SER E 207 -76.66 14.99 -43.59
N PHE E 208 -77.46 15.80 -42.91
CA PHE E 208 -78.91 15.67 -42.96
C PHE E 208 -79.53 16.99 -42.57
N ASN E 209 -80.76 17.20 -42.98
CA ASN E 209 -81.53 18.38 -42.62
C ASN E 209 -82.72 18.05 -41.72
N GLY F 1 3.33 5.87 1.07
CA GLY F 1 3.05 4.55 1.72
C GLY F 1 4.34 3.77 1.98
N PRO F 2 4.36 2.47 1.62
CA PRO F 2 5.58 1.69 1.76
C PRO F 2 6.60 2.03 0.68
N HIS F 3 7.89 1.90 1.01
CA HIS F 3 8.97 2.14 0.05
C HIS F 3 10.14 1.21 0.31
N SER F 4 11.01 1.07 -0.68
CA SER F 4 12.12 0.13 -0.59
C SER F 4 13.44 0.70 -1.12
N LEU F 5 14.54 0.32 -0.46
CA LEU F 5 15.90 0.60 -0.94
C LEU F 5 16.63 -0.72 -1.18
N ARG F 6 16.87 -1.04 -2.45
CA ARG F 6 17.49 -2.30 -2.82
C ARG F 6 18.78 -2.09 -3.59
N TYR F 7 19.75 -2.97 -3.35
CA TYR F 7 21.04 -2.98 -4.05
C TYR F 7 21.23 -4.29 -4.82
N PHE F 8 21.67 -4.17 -6.06
CA PHE F 8 21.80 -5.33 -6.95
C PHE F 8 23.26 -5.55 -7.35
N VAL F 9 23.92 -6.45 -6.61
CA VAL F 9 25.36 -6.67 -6.77
C VAL F 9 25.69 -7.81 -7.73
N THR F 10 26.74 -7.60 -8.55
CA THR F 10 27.17 -8.58 -9.54
C THR F 10 28.69 -8.64 -9.58
N ALA F 11 29.25 -9.84 -9.39
CA ALA F 11 30.67 -10.09 -9.64
C ALA F 11 30.84 -11.22 -10.65
N VAL F 12 31.65 -10.98 -11.69
CA VAL F 12 31.81 -11.92 -12.80
C VAL F 12 33.29 -12.20 -12.95
N SER F 13 33.69 -13.47 -12.87
CA SER F 13 35.10 -13.82 -13.03
C SER F 13 35.57 -13.72 -14.49
N ARG F 14 36.88 -13.53 -14.68
CA ARG F 14 37.51 -13.69 -15.99
C ARG F 14 39.01 -13.95 -15.85
N PRO F 15 39.43 -15.21 -16.12
CA PRO F 15 40.83 -15.64 -15.92
C PRO F 15 41.76 -15.09 -17.02
N GLY F 16 43.00 -14.80 -16.64
CA GLY F 16 43.98 -14.20 -17.55
C GLY F 16 43.69 -12.74 -17.89
N LEU F 17 42.45 -12.47 -18.30
CA LEU F 17 42.00 -11.12 -18.71
C LEU F 17 41.68 -10.24 -17.51
N GLY F 18 42.73 -9.76 -16.84
CA GLY F 18 42.62 -8.85 -15.70
C GLY F 18 41.68 -9.28 -14.57
N GLU F 19 41.39 -8.33 -13.68
CA GLU F 19 40.58 -8.58 -12.50
C GLU F 19 39.11 -8.85 -12.86
N PRO F 20 38.39 -9.57 -12.00
CA PRO F 20 36.94 -9.75 -12.15
C PRO F 20 36.20 -8.42 -12.23
N ARG F 21 35.08 -8.44 -12.94
CA ARG F 21 34.16 -7.30 -12.98
C ARG F 21 33.23 -7.31 -11.76
N TYR F 22 32.96 -6.13 -11.21
CA TYR F 22 32.14 -5.99 -10.03
C TYR F 22 31.19 -4.81 -10.18
N MET F 23 29.94 -5.03 -9.80
CA MET F 23 28.91 -4.02 -9.97
C MET F 23 28.03 -3.87 -8.75
N GLU F 24 27.65 -2.62 -8.48
CA GLU F 24 26.63 -2.32 -7.48
C GLU F 24 25.65 -1.36 -8.13
N VAL F 25 24.39 -1.79 -8.20
CA VAL F 25 23.32 -0.98 -8.76
C VAL F 25 22.29 -0.72 -7.67
N GLY F 26 22.04 0.55 -7.38
CA GLY F 26 21.07 0.91 -6.37
C GLY F 26 19.71 1.22 -6.96
N TYR F 27 18.67 0.79 -6.26
CA TYR F 27 17.31 1.11 -6.67
C TYR F 27 16.50 1.69 -5.52
N VAL F 28 15.86 2.83 -5.78
CA VAL F 28 14.83 3.33 -4.88
C VAL F 28 13.48 2.97 -5.48
N ASP F 29 12.70 2.23 -4.70
CA ASP F 29 11.49 1.55 -5.14
C ASP F 29 11.80 0.60 -6.30
N ASP F 30 11.54 1.02 -7.53
CA ASP F 30 11.78 0.18 -8.69
C ASP F 30 12.64 0.90 -9.74
N THR F 31 13.35 1.95 -9.31
CA THR F 31 14.08 2.83 -10.24
C THR F 31 15.55 2.98 -9.86
N GLU F 32 16.42 2.98 -10.88
CA GLU F 32 17.86 3.03 -10.66
C GLU F 32 18.26 4.45 -10.30
N PHE F 33 19.11 4.59 -9.28
CA PHE F 33 19.50 5.91 -8.80
C PHE F 33 21.01 6.04 -8.55
N VAL F 34 21.70 4.90 -8.44
CA VAL F 34 23.15 4.87 -8.31
C VAL F 34 23.69 3.65 -9.02
N ARG F 35 24.89 3.78 -9.58
CA ARG F 35 25.59 2.66 -10.19
C ARG F 35 27.10 2.72 -9.96
N PHE F 36 27.69 1.56 -9.65
CA PHE F 36 29.13 1.38 -9.66
C PHE F 36 29.50 0.25 -10.62
N ASP F 37 30.35 0.55 -11.59
CA ASP F 37 30.85 -0.45 -12.53
C ASP F 37 32.38 -0.41 -12.60
N SER F 38 33.01 -1.53 -12.28
CA SER F 38 34.48 -1.63 -12.32
C SER F 38 35.06 -1.73 -13.72
N ASP F 39 34.19 -1.81 -14.74
CA ASP F 39 34.63 -1.80 -16.15
C ASP F 39 35.05 -0.42 -16.66
N ALA F 40 34.86 0.61 -15.84
CA ALA F 40 35.45 1.92 -16.11
C ALA F 40 36.96 1.84 -15.92
N GLU F 41 37.67 2.74 -16.61
CA GLU F 41 39.13 2.89 -16.47
C GLU F 41 39.46 3.33 -15.05
N ASN F 42 38.62 4.18 -14.49
CA ASN F 42 38.77 4.67 -13.13
C ASN F 42 37.41 4.62 -12.45
N PRO F 43 37.04 3.45 -11.92
CA PRO F 43 35.70 3.14 -11.41
C PRO F 43 35.24 4.06 -10.28
N ARG F 44 34.06 4.65 -10.45
CA ARG F 44 33.48 5.57 -9.47
C ARG F 44 31.96 5.41 -9.41
N TYR F 45 31.39 5.64 -8.24
CA TYR F 45 29.94 5.69 -8.09
C TYR F 45 29.35 6.80 -8.97
N GLU F 46 28.21 6.51 -9.57
CA GLU F 46 27.58 7.44 -10.51
C GLU F 46 26.10 7.68 -10.15
N PRO F 47 25.65 8.94 -10.25
CA PRO F 47 24.21 9.21 -10.08
C PRO F 47 23.44 8.76 -11.31
N ARG F 48 22.31 8.07 -11.10
CA ARG F 48 21.50 7.58 -12.21
C ARG F 48 20.16 8.30 -12.31
N ALA F 49 19.98 9.32 -11.48
CA ALA F 49 18.79 10.17 -11.51
C ALA F 49 19.21 11.58 -11.12
N ARG F 50 18.72 12.59 -11.84
CA ARG F 50 19.19 13.96 -11.62
C ARG F 50 19.11 14.42 -10.16
N TRP F 51 18.04 14.07 -9.47
CA TRP F 51 17.86 14.44 -8.06
C TRP F 51 18.97 13.91 -7.16
N MET F 52 19.78 13.01 -7.70
CA MET F 52 20.88 12.42 -6.96
C MET F 52 22.12 13.31 -7.00
N GLU F 53 22.16 14.24 -7.96
CA GLU F 53 23.27 15.20 -8.07
C GLU F 53 23.35 16.11 -6.85
N GLN F 54 22.27 16.16 -6.07
CA GLN F 54 22.20 16.95 -4.85
C GLN F 54 23.22 16.54 -3.80
N GLU F 55 23.56 15.25 -3.78
CA GLU F 55 24.59 14.72 -2.89
C GLU F 55 25.95 15.34 -3.24
N GLY F 56 26.72 15.67 -2.22
CA GLY F 56 27.96 16.41 -2.39
C GLY F 56 29.13 15.57 -2.88
N PRO F 57 30.33 16.17 -2.95
CA PRO F 57 31.46 15.42 -3.48
C PRO F 57 31.97 14.35 -2.51
N GLU F 58 31.67 14.51 -1.22
CA GLU F 58 32.18 13.57 -0.23
C GLU F 58 31.38 12.27 -0.18
N TYR F 59 30.10 12.36 -0.57
CA TYR F 59 29.24 11.18 -0.62
C TYR F 59 29.72 10.23 -1.72
N TRP F 60 30.10 10.81 -2.86
CA TRP F 60 30.55 10.03 -4.00
C TRP F 60 31.87 9.33 -3.75
N GLU F 61 32.74 9.95 -2.98
CA GLU F 61 34.01 9.35 -2.60
C GLU F 61 33.82 8.21 -1.60
N ARG F 62 33.12 8.51 -0.50
CA ARG F 62 32.87 7.54 0.55
C ARG F 62 32.18 6.28 0.04
N GLU F 63 31.17 6.45 -0.81
CA GLU F 63 30.50 5.32 -1.44
C GLU F 63 31.41 4.57 -2.40
N THR F 64 32.26 5.31 -3.11
CA THR F 64 33.19 4.72 -4.08
C THR F 64 34.30 3.93 -3.38
N GLN F 65 34.75 4.42 -2.23
CA GLN F 65 35.73 3.71 -1.40
C GLN F 65 35.17 2.40 -0.87
N LYS F 66 33.95 2.47 -0.35
CA LYS F 66 33.26 1.31 0.17
C LYS F 66 33.11 0.25 -0.92
N ALA F 67 32.89 0.70 -2.15
CA ALA F 67 32.70 -0.20 -3.27
C ALA F 67 33.97 -0.96 -3.59
N LYS F 68 35.08 -0.23 -3.63
CA LYS F 68 36.42 -0.81 -3.82
C LYS F 68 36.65 -1.89 -2.77
N GLY F 69 36.28 -1.58 -1.53
CA GLY F 69 36.36 -2.53 -0.42
C GLY F 69 35.59 -3.80 -0.72
N ASN F 70 34.36 -3.64 -1.19
CA ASN F 70 33.53 -4.78 -1.56
C ASN F 70 34.06 -5.56 -2.77
N GLU F 71 34.56 -4.82 -3.77
CA GLU F 71 35.10 -5.43 -4.97
C GLU F 71 36.23 -6.39 -4.59
N GLN F 72 37.16 -5.91 -3.78
CA GLN F 72 38.26 -6.72 -3.28
C GLN F 72 37.72 -7.99 -2.64
N SER F 73 36.75 -7.82 -1.74
CA SER F 73 36.18 -8.96 -1.03
C SER F 73 35.55 -9.96 -1.99
N PHE F 74 34.66 -9.47 -2.86
CA PHE F 74 34.01 -10.33 -3.85
C PHE F 74 35.02 -11.04 -4.73
N ARG F 75 36.13 -10.35 -5.02
CA ARG F 75 37.23 -10.94 -5.79
C ARG F 75 37.76 -12.22 -5.13
N VAL F 76 37.79 -12.21 -3.80
CA VAL F 76 38.34 -13.33 -3.06
C VAL F 76 37.26 -14.37 -2.82
N ASP F 77 36.02 -13.91 -2.78
CA ASP F 77 34.89 -14.81 -2.62
C ASP F 77 34.78 -15.78 -3.80
N LEU F 78 34.85 -15.27 -5.02
CA LEU F 78 34.87 -16.11 -6.22
C LEU F 78 35.93 -17.20 -6.16
N ARG F 79 37.05 -16.89 -5.52
CA ARG F 79 38.11 -17.84 -5.29
C ARG F 79 37.72 -18.92 -4.27
N THR F 80 37.16 -18.50 -3.14
CA THR F 80 36.70 -19.42 -2.10
C THR F 80 35.66 -20.37 -2.67
N LEU F 81 34.71 -19.82 -3.42
CA LEU F 81 33.66 -20.59 -4.07
C LEU F 81 34.20 -21.70 -4.98
N LEU F 82 35.27 -21.40 -5.71
CA LEU F 82 35.96 -22.41 -6.50
C LEU F 82 36.47 -23.55 -5.62
N GLY F 83 36.87 -23.20 -4.40
CA GLY F 83 37.36 -24.19 -3.42
C GLY F 83 36.28 -25.04 -2.79
N TYR F 84 35.05 -24.53 -2.76
CA TYR F 84 33.91 -25.27 -2.18
C TYR F 84 33.35 -26.29 -3.17
N TYR F 85 33.24 -25.88 -4.43
CA TYR F 85 32.65 -26.70 -5.47
C TYR F 85 33.69 -27.50 -6.26
N ASN F 86 34.95 -27.49 -5.81
CA ASN F 86 36.04 -28.20 -6.49
C ASN F 86 36.05 -27.92 -8.00
N GLN F 87 36.01 -26.63 -8.35
CA GLN F 87 35.91 -26.19 -9.75
C GLN F 87 37.26 -25.74 -10.32
N SER F 88 37.36 -25.77 -11.65
CA SER F 88 38.58 -25.37 -12.36
C SER F 88 38.83 -23.86 -12.31
N LYS F 89 40.11 -23.49 -12.31
CA LYS F 89 40.55 -22.10 -12.18
C LYS F 89 40.48 -21.30 -13.49
N GLY F 90 40.15 -21.96 -14.59
CA GLY F 90 40.12 -21.31 -15.90
C GLY F 90 38.74 -20.94 -16.40
N GLY F 91 37.73 -21.05 -15.54
CA GLY F 91 36.35 -20.86 -15.96
C GLY F 91 35.73 -19.55 -15.50
N SER F 92 34.65 -19.15 -16.18
CA SER F 92 33.83 -18.01 -15.80
C SER F 92 32.74 -18.42 -14.81
N HIS F 93 32.54 -17.62 -13.77
CA HIS F 93 31.52 -17.88 -12.76
C HIS F 93 30.94 -16.58 -12.19
N THR F 94 29.68 -16.63 -11.74
CA THR F 94 28.97 -15.42 -11.32
C THR F 94 28.40 -15.48 -9.90
N ILE F 95 28.74 -14.46 -9.09
CA ILE F 95 28.08 -14.19 -7.81
C ILE F 95 27.20 -12.94 -7.93
N GLN F 96 25.97 -13.07 -7.45
CA GLN F 96 25.00 -11.99 -7.45
C GLN F 96 24.38 -11.85 -6.07
N VAL F 97 23.97 -10.63 -5.71
CA VAL F 97 23.30 -10.36 -4.44
C VAL F 97 22.20 -9.33 -4.59
N ILE F 98 21.05 -9.57 -3.96
CA ILE F 98 20.04 -8.52 -3.74
C ILE F 98 20.06 -8.15 -2.27
N SER F 99 20.30 -6.88 -1.98
CA SER F 99 20.37 -6.44 -0.59
C SER F 99 19.53 -5.20 -0.40
N GLY F 100 18.82 -5.14 0.72
CA GLY F 100 18.04 -3.95 1.05
C GLY F 100 16.81 -4.15 1.92
N CYS F 101 16.11 -3.04 2.15
CA CYS F 101 15.01 -2.97 3.11
C CYS F 101 13.73 -2.39 2.51
N GLU F 102 12.59 -2.95 2.91
CA GLU F 102 11.30 -2.35 2.60
C GLU F 102 10.70 -1.78 3.88
N VAL F 103 10.36 -0.50 3.83
CA VAL F 103 10.01 0.29 5.01
C VAL F 103 8.66 0.95 4.80
N GLY F 104 7.80 0.86 5.81
CA GLY F 104 6.49 1.50 5.78
C GLY F 104 6.54 3.00 6.02
N SER F 105 5.39 3.64 5.84
CA SER F 105 5.24 5.08 6.06
C SER F 105 5.50 5.48 7.51
N ASP F 106 5.23 4.57 8.44
CA ASP F 106 5.48 4.80 9.87
C ASP F 106 6.98 4.85 10.21
N GLY F 107 7.81 4.34 9.30
CA GLY F 107 9.26 4.31 9.48
C GLY F 107 9.79 2.98 9.93
N ARG F 108 8.88 2.05 10.22
CA ARG F 108 9.22 0.70 10.64
C ARG F 108 9.55 -0.19 9.46
N LEU F 109 10.55 -1.06 9.65
CA LEU F 109 10.94 -2.05 8.65
C LEU F 109 9.82 -3.07 8.45
N LEU F 110 9.25 -3.07 7.25
CA LEU F 110 8.30 -4.09 6.85
C LEU F 110 9.02 -5.40 6.52
N ARG F 111 9.90 -5.33 5.53
CA ARG F 111 10.66 -6.51 5.07
C ARG F 111 12.11 -6.13 4.84
N GLY F 112 13.01 -7.10 5.04
CA GLY F 112 14.44 -6.90 4.77
C GLY F 112 15.02 -8.03 3.96
N TYR F 113 15.77 -7.70 2.90
CA TYR F 113 16.27 -8.67 1.93
C TYR F 113 17.78 -8.87 2.03
N GLN F 114 18.22 -10.10 1.83
CA GLN F 114 19.66 -10.44 1.70
C GLN F 114 19.87 -11.83 1.09
N GLN F 115 19.96 -11.87 -0.24
CA GLN F 115 20.02 -13.13 -0.97
C GLN F 115 21.20 -13.19 -1.93
N TYR F 116 21.94 -14.30 -1.86
CA TYR F 116 23.05 -14.54 -2.78
C TYR F 116 22.67 -15.62 -3.79
N ALA F 117 23.22 -15.53 -5.00
CA ALA F 117 23.08 -16.62 -5.98
C ALA F 117 24.42 -16.95 -6.60
N TYR F 118 24.61 -18.22 -6.94
CA TYR F 118 25.84 -18.63 -7.61
C TYR F 118 25.55 -19.26 -8.96
N ASP F 119 26.20 -18.72 -9.99
CA ASP F 119 25.97 -19.10 -11.38
C ASP F 119 24.49 -19.24 -11.73
N GLY F 120 23.67 -18.32 -11.23
CA GLY F 120 22.25 -18.24 -11.56
C GLY F 120 21.31 -19.01 -10.65
N CYS F 121 21.87 -19.71 -9.66
CA CYS F 121 21.08 -20.51 -8.75
C CYS F 121 21.20 -20.02 -7.32
N ASP F 122 20.06 -19.96 -6.65
CA ASP F 122 19.98 -19.57 -5.25
C ASP F 122 21.12 -20.19 -4.48
N TYR F 123 21.81 -19.37 -3.69
CA TYR F 123 22.91 -19.87 -2.88
C TYR F 123 22.52 -19.80 -1.42
N ILE F 124 22.48 -18.60 -0.87
CA ILE F 124 22.06 -18.42 0.52
C ILE F 124 21.18 -17.19 0.64
N ALA F 125 20.32 -17.19 1.65
CA ALA F 125 19.45 -16.05 1.92
C ALA F 125 19.16 -15.91 3.41
N LEU F 126 18.93 -14.68 3.85
CA LEU F 126 18.43 -14.40 5.19
C LEU F 126 16.95 -14.74 5.27
N ASN F 127 16.57 -15.54 6.27
CA ASN F 127 15.17 -15.87 6.50
C ASN F 127 14.35 -14.64 6.91
N GLU F 128 13.04 -14.67 6.65
CA GLU F 128 12.17 -13.53 6.95
C GLU F 128 12.22 -13.13 8.43
N ASP F 129 12.56 -14.09 9.29
CA ASP F 129 12.73 -13.87 10.73
C ASP F 129 13.95 -13.01 11.06
N LEU F 130 14.83 -12.85 10.07
CA LEU F 130 16.04 -12.03 10.18
C LEU F 130 17.02 -12.55 11.24
N LYS F 131 16.98 -13.85 11.49
CA LYS F 131 17.84 -14.47 12.49
C LYS F 131 18.56 -15.72 12.00
N THR F 132 17.93 -16.46 11.10
CA THR F 132 18.51 -17.69 10.56
C THR F 132 18.71 -17.65 9.04
N TRP F 133 19.38 -18.68 8.51
CA TRP F 133 19.70 -18.75 7.08
C TRP F 133 19.07 -19.97 6.39
N THR F 134 19.04 -19.92 5.06
CA THR F 134 18.68 -21.06 4.25
C THR F 134 19.66 -21.24 3.08
N ALA F 135 20.31 -22.40 3.06
CA ALA F 135 21.30 -22.76 2.06
C ALA F 135 20.69 -23.68 1.03
N ALA F 136 21.07 -23.51 -0.23
CA ALA F 136 20.51 -24.31 -1.33
C ALA F 136 21.20 -25.66 -1.49
N ASP F 137 22.46 -25.75 -1.08
CA ASP F 137 23.23 -26.97 -1.29
C ASP F 137 24.37 -27.18 -0.28
N MET F 138 25.14 -28.25 -0.52
CA MET F 138 26.33 -28.58 0.27
C MET F 138 27.26 -27.38 0.51
N ALA F 139 27.59 -26.67 -0.56
CA ALA F 139 28.57 -25.58 -0.50
C ALA F 139 28.07 -24.36 0.27
N ALA F 140 26.78 -24.06 0.15
CA ALA F 140 26.18 -22.94 0.86
C ALA F 140 26.15 -23.15 2.38
N LEU F 141 26.34 -24.40 2.80
CA LEU F 141 26.45 -24.76 4.21
C LEU F 141 27.77 -24.32 4.86
N ILE F 142 28.85 -24.31 4.09
CA ILE F 142 30.14 -23.83 4.63
C ILE F 142 30.06 -22.36 5.01
N THR F 143 29.47 -21.55 4.12
CA THR F 143 29.22 -20.13 4.40
C THR F 143 28.27 -19.95 5.60
N LYS F 144 27.23 -20.79 5.68
CA LYS F 144 26.26 -20.76 6.80
C LYS F 144 26.94 -20.84 8.16
N HIS F 145 27.82 -21.83 8.33
CA HIS F 145 28.50 -22.02 9.60
C HIS F 145 29.38 -20.83 9.97
N LYS F 146 30.19 -20.38 9.00
CA LYS F 146 31.09 -19.25 9.18
C LYS F 146 30.37 -17.99 9.62
N TRP F 147 29.23 -17.72 8.98
CA TRP F 147 28.41 -16.56 9.30
C TRP F 147 27.78 -16.64 10.68
N GLU F 148 27.40 -17.86 11.09
CA GLU F 148 26.85 -18.10 12.41
C GLU F 148 27.94 -17.95 13.48
N GLN F 149 29.18 -18.22 13.09
CA GLN F 149 30.34 -18.03 13.94
C GLN F 149 30.68 -16.55 14.10
N ALA F 150 30.23 -15.74 13.15
CA ALA F 150 30.51 -14.31 13.14
C ALA F 150 29.41 -13.46 13.78
N GLY F 151 28.16 -13.83 13.52
CA GLY F 151 27.03 -12.99 13.88
C GLY F 151 26.66 -12.07 12.73
N GLU F 152 26.57 -12.67 11.54
CA GLU F 152 26.27 -11.96 10.31
C GLU F 152 24.81 -11.57 10.24
N ALA F 153 23.96 -12.42 10.81
CA ALA F 153 22.53 -12.16 10.91
C ALA F 153 22.21 -10.97 11.84
N GLU F 154 22.93 -10.90 12.96
CA GLU F 154 22.83 -9.78 13.86
C GLU F 154 23.25 -8.53 13.12
N ARG F 155 24.42 -8.61 12.48
CA ARG F 155 24.96 -7.50 11.71
C ARG F 155 23.96 -6.97 10.71
N LEU F 156 23.38 -7.87 9.91
CA LEU F 156 22.35 -7.49 8.94
C LEU F 156 21.11 -6.85 9.57
N ARG F 157 20.65 -7.37 10.70
CA ARG F 157 19.54 -6.74 11.42
C ARG F 157 19.85 -5.29 11.75
N ALA F 158 21.05 -5.04 12.25
CA ALA F 158 21.50 -3.69 12.55
C ALA F 158 21.47 -2.84 11.29
N TYR F 159 22.14 -3.31 10.25
CA TYR F 159 22.19 -2.58 8.98
C TYR F 159 20.79 -2.28 8.44
N LEU F 160 19.95 -3.31 8.39
CA LEU F 160 18.63 -3.22 7.76
C LEU F 160 17.69 -2.29 8.51
N GLU F 161 17.61 -2.47 9.83
CA GLU F 161 16.73 -1.65 10.67
C GLU F 161 17.31 -0.27 10.93
N GLY F 162 18.64 -0.16 10.85
CA GLY F 162 19.32 1.11 11.04
C GLY F 162 19.66 1.78 9.71
N THR F 163 20.92 1.63 9.31
CA THR F 163 21.49 2.21 8.09
C THR F 163 20.51 2.27 6.92
N CYS F 164 20.04 1.11 6.49
CA CYS F 164 19.17 1.01 5.31
C CYS F 164 17.94 1.92 5.36
N VAL F 165 17.21 1.84 6.49
CA VAL F 165 16.02 2.65 6.75
C VAL F 165 16.34 4.15 6.67
N GLU F 166 17.52 4.51 7.18
CA GLU F 166 17.90 5.91 7.31
C GLU F 166 18.24 6.54 5.96
N TRP F 167 18.96 5.79 5.14
CA TRP F 167 19.30 6.25 3.80
C TRP F 167 18.09 6.30 2.89
N LEU F 168 17.20 5.30 2.99
CA LEU F 168 15.98 5.32 2.20
C LEU F 168 15.24 6.62 2.44
N ARG F 169 15.08 6.96 3.72
CA ARG F 169 14.44 8.21 4.13
C ARG F 169 15.05 9.40 3.41
N ARG F 170 16.38 9.46 3.42
CA ARG F 170 17.11 10.54 2.77
C ARG F 170 16.84 10.58 1.27
N TYR F 171 17.08 9.48 0.59
CA TYR F 171 16.86 9.39 -0.86
C TYR F 171 15.43 9.76 -1.23
N LEU F 172 14.48 9.37 -0.39
CA LEU F 172 13.08 9.73 -0.56
C LEU F 172 12.87 11.24 -0.51
N LYS F 173 13.56 11.91 0.41
CA LYS F 173 13.45 13.36 0.51
C LYS F 173 14.02 14.05 -0.74
N ASN F 174 15.24 13.67 -1.14
CA ASN F 174 15.90 14.24 -2.31
C ASN F 174 15.11 14.06 -3.61
N GLY F 175 14.43 12.93 -3.76
CA GLY F 175 13.77 12.58 -5.00
C GLY F 175 12.25 12.55 -4.96
N ASN F 176 11.67 13.05 -3.88
CA ASN F 176 10.21 13.12 -3.70
C ASN F 176 9.47 13.42 -5.00
N ALA F 177 9.89 14.49 -5.68
CA ALA F 177 9.24 14.96 -6.90
C ALA F 177 9.32 13.96 -8.04
N THR F 178 10.54 13.55 -8.39
CA THR F 178 10.81 12.69 -9.54
C THR F 178 10.38 11.23 -9.32
N LEU F 179 10.51 10.76 -8.08
CA LEU F 179 10.16 9.38 -7.73
C LEU F 179 8.68 9.07 -7.85
N LEU F 180 7.85 10.10 -7.79
CA LEU F 180 6.40 9.93 -7.85
C LEU F 180 5.72 10.45 -9.14
N ARG F 181 6.54 10.83 -10.12
CA ARG F 181 6.09 11.15 -11.49
C ARG F 181 5.30 9.97 -12.04
N THR F 182 4.18 10.27 -12.68
CA THR F 182 3.39 9.27 -13.38
C THR F 182 3.11 9.77 -14.79
N ASP F 183 3.09 8.85 -15.74
CA ASP F 183 2.70 9.13 -17.11
C ASP F 183 1.63 8.15 -17.54
N SER F 184 0.48 8.71 -17.92
CA SER F 184 -0.67 7.91 -18.28
C SER F 184 -0.53 7.31 -19.67
N PRO F 185 -1.12 6.12 -19.89
CA PRO F 185 -1.11 5.44 -21.18
C PRO F 185 -1.80 6.20 -22.32
N LYS F 186 -1.48 5.84 -23.55
CA LYS F 186 -2.15 6.35 -24.74
C LYS F 186 -2.61 5.17 -25.57
N ALA F 187 -3.87 4.79 -25.39
CA ALA F 187 -4.40 3.53 -25.91
C ALA F 187 -5.17 3.67 -27.22
N HIS F 188 -5.01 2.66 -28.08
CA HIS F 188 -5.76 2.54 -29.33
C HIS F 188 -5.87 1.07 -29.69
N VAL F 189 -6.91 0.71 -30.45
CA VAL F 189 -7.03 -0.65 -30.95
C VAL F 189 -6.75 -0.68 -32.44
N THR F 190 -6.02 -1.70 -32.87
CA THR F 190 -5.77 -1.95 -34.29
C THR F 190 -6.39 -3.28 -34.68
N HIS F 191 -7.12 -3.28 -35.81
CA HIS F 191 -7.75 -4.52 -36.29
C HIS F 191 -6.94 -5.10 -37.46
N HIS F 192 -6.88 -6.42 -37.50
CA HIS F 192 -6.13 -7.14 -38.53
C HIS F 192 -6.96 -8.33 -39.03
N SER F 193 -7.45 -8.21 -40.26
CA SER F 193 -8.23 -9.27 -40.88
C SER F 193 -7.48 -10.61 -40.84
N ARG F 194 -8.23 -11.70 -40.75
CA ARG F 194 -7.67 -13.04 -40.58
C ARG F 194 -8.46 -14.10 -41.35
N PRO F 195 -7.83 -15.27 -41.63
CA PRO F 195 -8.47 -16.47 -42.16
C PRO F 195 -9.93 -16.63 -41.74
N GLU F 196 -10.81 -16.80 -42.73
CA GLU F 196 -12.26 -16.87 -42.57
C GLU F 196 -12.82 -15.58 -41.97
N ASP F 197 -13.67 -15.72 -40.96
CA ASP F 197 -14.28 -14.56 -40.30
C ASP F 197 -13.81 -14.46 -38.84
N LYS F 198 -12.49 -14.45 -38.66
CA LYS F 198 -11.89 -14.41 -37.32
C LYS F 198 -10.85 -13.28 -37.19
N VAL F 199 -11.31 -12.09 -36.78
CA VAL F 199 -10.46 -10.90 -36.70
C VAL F 199 -9.67 -10.84 -35.38
N THR F 200 -8.41 -10.38 -35.46
CA THR F 200 -7.56 -10.19 -34.28
C THR F 200 -7.52 -8.72 -33.82
N LEU F 201 -8.20 -8.44 -32.71
CA LEU F 201 -8.19 -7.12 -32.11
C LEU F 201 -6.99 -6.96 -31.19
N ARG F 202 -6.28 -5.85 -31.34
CA ARG F 202 -5.06 -5.60 -30.57
C ARG F 202 -5.14 -4.29 -29.78
N CYS F 203 -5.24 -4.41 -28.46
CA CYS F 203 -5.29 -3.24 -27.58
C CYS F 203 -3.90 -2.73 -27.20
N TRP F 204 -3.60 -1.50 -27.62
CA TRP F 204 -2.27 -0.92 -27.42
C TRP F 204 -2.25 0.07 -26.26
N ALA F 205 -1.15 0.09 -25.53
CA ALA F 205 -0.91 1.07 -24.48
C ALA F 205 0.56 1.48 -24.57
N LEU F 206 0.79 2.78 -24.79
CA LEU F 206 2.12 3.29 -25.09
C LEU F 206 2.47 4.53 -24.29
N GLY F 207 3.76 4.73 -24.06
CA GLY F 207 4.26 5.93 -23.40
C GLY F 207 3.74 6.10 -21.98
N PHE F 208 3.75 5.03 -21.19
CA PHE F 208 3.26 5.11 -19.82
C PHE F 208 4.35 4.89 -18.79
N TYR F 209 4.18 5.53 -17.62
CA TYR F 209 5.11 5.39 -16.50
C TYR F 209 4.38 5.51 -15.17
N PRO F 210 4.67 4.61 -14.21
CA PRO F 210 5.70 3.57 -14.27
C PRO F 210 5.30 2.34 -15.09
N ALA F 211 6.03 1.24 -14.90
CA ALA F 211 5.88 0.04 -15.71
C ALA F 211 4.60 -0.74 -15.45
N ASP F 212 4.12 -0.71 -14.22
CA ASP F 212 2.95 -1.50 -13.84
C ASP F 212 1.66 -1.10 -14.55
N ILE F 213 1.03 -2.08 -15.19
CA ILE F 213 -0.19 -1.85 -15.95
C ILE F 213 -0.94 -3.16 -16.12
N THR F 214 -2.25 -3.04 -16.32
CA THR F 214 -3.11 -4.19 -16.53
C THR F 214 -4.00 -3.91 -17.74
N LEU F 215 -4.02 -4.87 -18.66
CA LEU F 215 -4.85 -4.78 -19.86
C LEU F 215 -5.84 -5.94 -19.92
N THR F 216 -7.10 -5.61 -20.17
CA THR F 216 -8.12 -6.65 -20.24
C THR F 216 -8.96 -6.48 -21.48
N TRP F 217 -9.53 -7.59 -21.93
CA TRP F 217 -10.56 -7.56 -22.95
C TRP F 217 -11.86 -8.06 -22.34
N GLN F 218 -12.91 -7.25 -22.47
CA GLN F 218 -14.23 -7.62 -21.97
C GLN F 218 -15.25 -7.79 -23.11
N LEU F 219 -16.17 -8.73 -22.91
CA LEU F 219 -17.32 -8.89 -23.81
C LEU F 219 -18.62 -8.67 -23.04
N ASN F 220 -19.17 -7.46 -23.16
CA ASN F 220 -20.40 -7.05 -22.47
C ASN F 220 -20.39 -7.25 -20.94
N GLY F 221 -19.26 -6.88 -20.31
CA GLY F 221 -19.10 -7.04 -18.87
C GLY F 221 -18.25 -8.22 -18.46
N GLU F 222 -18.46 -9.37 -19.12
CA GLU F 222 -17.72 -10.59 -18.81
C GLU F 222 -16.25 -10.52 -19.27
N GLU F 223 -15.33 -10.54 -18.31
CA GLU F 223 -13.90 -10.45 -18.63
C GLU F 223 -13.32 -11.75 -19.20
N LEU F 224 -12.46 -11.62 -20.20
CA LEU F 224 -11.90 -12.77 -20.93
C LEU F 224 -10.62 -13.29 -20.30
N ILE F 225 -10.55 -14.61 -20.17
CA ILE F 225 -9.41 -15.28 -19.53
C ILE F 225 -8.68 -16.18 -20.53
N GLN F 226 -9.42 -17.09 -21.16
CA GLN F 226 -8.84 -18.17 -21.96
C GLN F 226 -8.16 -17.74 -23.27
N ASP F 227 -8.83 -16.92 -24.06
CA ASP F 227 -8.30 -16.51 -25.37
C ASP F 227 -7.14 -15.52 -25.26
N MET F 228 -7.37 -14.43 -24.52
CA MET F 228 -6.45 -13.29 -24.44
C MET F 228 -4.95 -13.64 -24.45
N GLU F 229 -4.26 -13.19 -25.49
CA GLU F 229 -2.81 -13.29 -25.59
C GLU F 229 -2.15 -11.92 -25.43
N LEU F 230 -1.11 -11.85 -24.61
CA LEU F 230 -0.41 -10.60 -24.32
C LEU F 230 1.11 -10.74 -24.38
N VAL F 231 1.82 -9.63 -24.24
CA VAL F 231 3.29 -9.63 -24.22
C VAL F 231 3.85 -9.02 -22.94
N GLU F 232 4.94 -9.61 -22.44
CA GLU F 232 5.65 -9.05 -21.30
C GLU F 232 5.94 -7.58 -21.59
N THR F 233 5.64 -6.72 -20.62
CA THR F 233 5.78 -5.28 -20.78
C THR F 233 7.23 -4.87 -21.10
N ARG F 234 7.36 -3.93 -22.01
CA ARG F 234 8.66 -3.61 -22.58
C ARG F 234 8.95 -2.12 -22.54
N PRO F 235 10.22 -1.75 -22.32
CA PRO F 235 10.58 -0.34 -22.26
C PRO F 235 10.60 0.26 -23.65
N ALA F 236 10.00 1.43 -23.79
CA ALA F 236 10.07 2.18 -25.04
C ALA F 236 11.52 2.50 -25.38
N GLY F 237 12.31 2.82 -24.36
CA GLY F 237 13.70 3.23 -24.55
C GLY F 237 13.90 4.68 -24.17
N ASP F 238 12.81 5.44 -24.10
CA ASP F 238 12.84 6.84 -23.75
C ASP F 238 12.36 7.10 -22.31
N GLY F 239 12.18 6.04 -21.53
CA GLY F 239 11.84 6.15 -20.12
C GLY F 239 10.47 5.63 -19.81
N THR F 240 9.58 5.70 -20.81
CA THR F 240 8.22 5.20 -20.70
C THR F 240 8.16 3.74 -21.17
N PHE F 241 7.00 3.10 -20.97
CA PHE F 241 6.82 1.69 -21.31
C PHE F 241 5.69 1.44 -22.30
N GLN F 242 5.71 0.25 -22.90
CA GLN F 242 4.62 -0.17 -23.77
C GLN F 242 4.25 -1.63 -23.58
N LYS F 243 2.97 -1.94 -23.83
CA LYS F 243 2.39 -3.27 -23.67
C LYS F 243 1.12 -3.35 -24.52
N TRP F 244 0.76 -4.56 -24.96
CA TRP F 244 -0.51 -4.77 -25.66
C TRP F 244 -1.21 -6.10 -25.32
N ALA F 245 -2.52 -6.14 -25.56
CA ALA F 245 -3.36 -7.33 -25.37
C ALA F 245 -4.23 -7.58 -26.60
N SER F 246 -4.26 -8.82 -27.07
CA SER F 246 -4.99 -9.20 -28.29
C SER F 246 -5.95 -10.35 -28.09
N VAL F 247 -7.03 -10.36 -28.88
CA VAL F 247 -8.06 -11.40 -28.80
C VAL F 247 -8.73 -11.64 -30.17
N VAL F 248 -9.23 -12.85 -30.37
CA VAL F 248 -9.89 -13.23 -31.64
C VAL F 248 -11.41 -12.97 -31.58
N VAL F 249 -11.94 -12.45 -32.68
CA VAL F 249 -13.33 -11.99 -32.72
C VAL F 249 -14.00 -12.38 -34.05
N PRO F 250 -15.23 -12.91 -33.99
CA PRO F 250 -16.01 -13.11 -35.21
C PRO F 250 -16.19 -11.81 -35.99
N LEU F 251 -15.90 -11.84 -37.29
CA LEU F 251 -16.02 -10.67 -38.17
C LEU F 251 -17.45 -10.11 -38.19
N GLY F 252 -17.55 -8.80 -37.97
CA GLY F 252 -18.84 -8.12 -37.92
C GLY F 252 -19.34 -7.93 -36.50
N LYS F 253 -18.62 -8.50 -35.54
CA LYS F 253 -18.97 -8.40 -34.12
C LYS F 253 -17.94 -7.56 -33.33
N GLU F 254 -17.25 -6.66 -34.03
CA GLU F 254 -16.17 -5.84 -33.46
C GLU F 254 -16.65 -4.90 -32.37
N GLN F 255 -17.81 -4.28 -32.58
CA GLN F 255 -18.39 -3.31 -31.64
C GLN F 255 -18.64 -3.87 -30.23
N TYR F 256 -18.86 -5.19 -30.15
CA TYR F 256 -19.20 -5.87 -28.89
C TYR F 256 -18.04 -5.93 -27.89
N TYR F 257 -16.81 -5.81 -28.41
CA TYR F 257 -15.57 -6.04 -27.64
C TYR F 257 -14.90 -4.75 -27.18
N THR F 258 -14.55 -4.72 -25.90
CA THR F 258 -14.10 -3.49 -25.24
C THR F 258 -12.82 -3.76 -24.46
N CYS F 259 -11.84 -2.88 -24.62
CA CYS F 259 -10.56 -3.02 -23.92
C CYS F 259 -10.47 -2.08 -22.74
N HIS F 260 -9.86 -2.56 -21.66
CA HIS F 260 -9.74 -1.78 -20.45
C HIS F 260 -8.30 -1.67 -19.97
N VAL F 261 -7.88 -0.43 -19.74
CA VAL F 261 -6.51 -0.09 -19.37
C VAL F 261 -6.43 0.50 -17.96
N TYR F 262 -5.79 -0.22 -17.05
CA TYR F 262 -5.68 0.20 -15.66
C TYR F 262 -4.27 0.66 -15.34
N HIS F 263 -4.13 1.91 -14.88
CA HIS F 263 -2.81 2.50 -14.58
C HIS F 263 -2.89 3.65 -13.57
N GLN F 264 -1.94 3.70 -12.64
CA GLN F 264 -1.97 4.68 -11.54
C GLN F 264 -1.96 6.13 -12.00
N GLY F 265 -1.50 6.38 -13.23
CA GLY F 265 -1.46 7.73 -13.77
C GLY F 265 -2.82 8.27 -14.16
N LEU F 266 -3.79 7.38 -14.35
CA LEU F 266 -5.09 7.74 -14.89
C LEU F 266 -6.10 8.12 -13.82
N PRO F 267 -6.91 9.16 -14.09
CA PRO F 267 -7.99 9.54 -13.17
C PRO F 267 -9.02 8.42 -13.06
N GLU F 268 -9.17 7.66 -14.15
CA GLU F 268 -10.07 6.52 -14.22
C GLU F 268 -9.60 5.60 -15.35
N PRO F 269 -9.95 4.30 -15.29
CA PRO F 269 -9.48 3.39 -16.33
C PRO F 269 -10.00 3.79 -17.71
N LEU F 270 -9.17 3.56 -18.74
CA LEU F 270 -9.56 3.91 -20.10
C LEU F 270 -10.45 2.82 -20.69
N THR F 271 -11.48 3.25 -21.42
CA THR F 271 -12.36 2.33 -22.12
C THR F 271 -12.28 2.65 -23.62
N LEU F 272 -12.03 1.61 -24.42
CA LEU F 272 -11.85 1.79 -25.86
C LEU F 272 -12.37 0.60 -26.67
N ARG F 273 -12.87 0.89 -27.87
CA ARG F 273 -13.33 -0.12 -28.83
C ARG F 273 -12.54 0.03 -30.14
N TRP F 274 -12.93 -0.71 -31.18
CA TRP F 274 -12.36 -0.46 -32.51
C TRP F 274 -12.90 0.86 -33.06
N ILE G 1 22.19 -23.67 -14.28
CA ILE G 1 23.46 -23.12 -14.85
C ILE G 1 23.13 -22.03 -15.89
N GLN G 2 22.83 -22.44 -17.12
CA GLN G 2 22.63 -21.49 -18.23
C GLN G 2 21.15 -21.30 -18.59
N LYS G 3 20.79 -20.08 -18.97
CA LYS G 3 19.40 -19.66 -19.17
C LYS G 3 19.20 -19.11 -20.59
N THR G 4 18.11 -19.53 -21.23
CA THR G 4 17.84 -19.14 -22.62
C THR G 4 17.25 -17.73 -22.71
N PRO G 5 17.92 -16.84 -23.48
CA PRO G 5 17.44 -15.47 -23.64
C PRO G 5 16.14 -15.36 -24.45
N GLN G 6 15.18 -14.61 -23.91
CA GLN G 6 13.97 -14.25 -24.63
C GLN G 6 14.17 -12.92 -25.31
N ILE G 7 13.43 -12.67 -26.39
CA ILE G 7 13.60 -11.46 -27.19
C ILE G 7 12.25 -10.89 -27.61
N GLN G 8 12.17 -9.57 -27.62
CA GLN G 8 11.10 -8.84 -28.31
C GLN G 8 11.74 -7.82 -29.23
N VAL G 9 11.13 -7.60 -30.39
CA VAL G 9 11.61 -6.58 -31.32
C VAL G 9 10.43 -5.69 -31.68
N TYR G 10 10.61 -4.39 -31.51
CA TYR G 10 9.49 -3.47 -31.61
C TYR G 10 10.02 -2.05 -31.69
N SER G 11 9.27 -1.21 -32.37
CA SER G 11 9.61 0.20 -32.50
C SER G 11 9.36 0.99 -31.22
N ARG G 12 9.98 2.16 -31.13
CA ARG G 12 9.77 3.11 -30.04
C ARG G 12 8.36 3.71 -30.14
N HIS G 13 8.01 4.13 -31.35
CA HIS G 13 6.70 4.70 -31.66
C HIS G 13 6.04 3.88 -32.77
N PRO G 14 4.69 3.81 -32.79
CA PRO G 14 4.03 3.15 -33.91
C PRO G 14 4.71 3.48 -35.24
N PRO G 15 5.08 2.45 -36.02
CA PRO G 15 5.83 2.63 -37.27
C PRO G 15 5.09 3.45 -38.32
N GLU G 16 5.84 4.20 -39.11
CA GLU G 16 5.27 5.04 -40.19
C GLU G 16 6.26 5.12 -41.36
N ASN G 17 5.84 4.60 -42.51
CA ASN G 17 6.69 4.48 -43.70
C ASN G 17 7.33 5.79 -44.15
N GLY G 18 8.62 5.94 -43.87
CA GLY G 18 9.33 7.17 -44.20
C GLY G 18 9.21 8.22 -43.11
N LYS G 19 9.27 7.78 -41.86
CA LYS G 19 9.33 8.69 -40.71
C LYS G 19 10.34 8.13 -39.70
N PRO G 20 11.33 8.97 -39.29
CA PRO G 20 12.41 8.56 -38.38
C PRO G 20 11.91 7.94 -37.07
N ASN G 21 12.32 6.70 -36.83
CA ASN G 21 11.87 5.94 -35.69
C ASN G 21 13.06 5.23 -35.02
N ILE G 22 12.79 4.44 -33.99
CA ILE G 22 13.81 3.68 -33.27
C ILE G 22 13.35 2.26 -33.04
N LEU G 23 14.25 1.30 -33.32
CA LEU G 23 13.93 -0.13 -33.22
C LEU G 23 14.59 -0.75 -32.00
N ASN G 24 13.75 -1.27 -31.09
CA ASN G 24 14.24 -1.87 -29.85
C ASN G 24 14.38 -3.38 -29.93
N CYS G 25 15.41 -3.90 -29.27
CA CYS G 25 15.56 -5.34 -29.09
C CYS G 25 15.75 -5.64 -27.61
N TYR G 26 14.66 -6.09 -26.99
CA TYR G 26 14.60 -6.29 -25.53
C TYR G 26 14.87 -7.74 -25.16
N VAL G 27 16.11 -8.02 -24.78
CA VAL G 27 16.54 -9.38 -24.45
C VAL G 27 16.52 -9.58 -22.94
N THR G 28 15.76 -10.58 -22.50
CA THR G 28 15.56 -10.86 -21.08
C THR G 28 15.82 -12.32 -20.79
N GLN G 29 15.89 -12.67 -19.51
CA GLN G 29 15.88 -14.06 -19.06
C GLN G 29 17.09 -14.88 -19.56
N PHE G 30 18.31 -14.37 -19.32
CA PHE G 30 19.52 -15.12 -19.68
C PHE G 30 20.61 -15.13 -18.63
N HIS G 31 21.56 -16.06 -18.79
CA HIS G 31 22.63 -16.32 -17.83
C HIS G 31 23.67 -17.27 -18.44
N PRO G 32 24.98 -16.93 -18.33
CA PRO G 32 25.65 -15.77 -17.71
C PRO G 32 25.33 -14.44 -18.42
N PRO G 33 25.89 -13.32 -17.93
CA PRO G 33 25.64 -12.03 -18.57
C PRO G 33 26.39 -11.81 -19.89
N HIS G 34 27.20 -12.80 -20.28
CA HIS G 34 27.94 -12.73 -21.53
C HIS G 34 26.96 -12.83 -22.69
N ILE G 35 26.89 -11.77 -23.49
CA ILE G 35 25.93 -11.71 -24.59
C ILE G 35 26.38 -10.76 -25.71
N GLU G 36 25.93 -11.07 -26.93
CA GLU G 36 26.15 -10.20 -28.10
C GLU G 36 24.83 -10.04 -28.83
N ILE G 37 24.47 -8.80 -29.12
CA ILE G 37 23.23 -8.50 -29.80
C ILE G 37 23.47 -7.71 -31.08
N GLN G 38 23.08 -8.30 -32.20
CA GLN G 38 23.18 -7.66 -33.50
C GLN G 38 21.78 -7.29 -33.96
N MET G 39 21.61 -6.09 -34.49
CA MET G 39 20.35 -5.69 -35.11
C MET G 39 20.56 -5.64 -36.61
N LEU G 40 19.62 -6.19 -37.37
CA LEU G 40 19.83 -6.43 -38.80
C LEU G 40 18.88 -5.67 -39.71
N LYS G 41 19.42 -5.19 -40.84
CA LYS G 41 18.62 -4.63 -41.92
C LYS G 41 18.81 -5.47 -43.18
N ASN G 42 17.77 -6.22 -43.55
CA ASN G 42 17.83 -7.15 -44.68
C ASN G 42 18.92 -8.21 -44.53
N GLY G 43 19.08 -8.70 -43.30
CA GLY G 43 20.09 -9.72 -43.00
C GLY G 43 21.51 -9.21 -42.92
N LYS G 44 21.71 -7.99 -43.40
CA LYS G 44 22.99 -7.28 -43.30
C LYS G 44 22.97 -6.45 -42.00
N LYS G 45 24.04 -6.59 -41.20
CA LYS G 45 24.08 -5.97 -39.87
C LYS G 45 24.24 -4.45 -39.88
N ILE G 46 23.41 -3.78 -39.09
CA ILE G 46 23.40 -2.32 -38.92
C ILE G 46 24.63 -1.85 -38.13
N PRO G 47 25.36 -0.84 -38.65
CA PRO G 47 26.63 -0.45 -38.02
C PRO G 47 26.48 0.13 -36.61
N LYS G 48 25.67 1.18 -36.43
CA LYS G 48 25.51 1.78 -35.10
C LYS G 48 24.33 1.20 -34.34
N VAL G 49 24.64 0.27 -33.43
CA VAL G 49 23.67 -0.35 -32.53
C VAL G 49 24.03 0.02 -31.09
N GLU G 50 23.13 0.75 -30.45
CA GLU G 50 23.29 1.18 -29.06
C GLU G 50 22.73 0.12 -28.13
N MET G 51 23.22 0.11 -26.89
CA MET G 51 22.77 -0.87 -25.91
C MET G 51 22.83 -0.29 -24.50
N SER G 52 21.79 -0.56 -23.72
CA SER G 52 21.65 -0.07 -22.36
C SER G 52 22.68 -0.71 -21.44
N ASP G 53 22.65 -0.32 -20.18
CA ASP G 53 23.54 -0.94 -19.21
C ASP G 53 22.94 -2.21 -18.63
N MET G 54 23.81 -3.14 -18.27
CA MET G 54 23.41 -4.44 -17.76
C MET G 54 22.78 -4.34 -16.36
N SER G 55 21.64 -5.00 -16.19
CA SER G 55 21.05 -5.22 -14.87
C SER G 55 20.37 -6.59 -14.80
N PHE G 56 19.87 -6.97 -13.62
CA PHE G 56 19.19 -8.26 -13.47
C PHE G 56 17.90 -8.24 -12.67
N SER G 57 16.99 -9.15 -13.01
CA SER G 57 15.66 -9.22 -12.38
C SER G 57 15.68 -9.96 -11.04
N LYS G 58 14.55 -9.92 -10.32
CA LYS G 58 14.45 -10.57 -9.00
C LYS G 58 14.60 -12.10 -9.07
N ASP G 59 14.72 -12.66 -10.27
CA ASP G 59 14.85 -14.11 -10.44
C ASP G 59 16.25 -14.53 -10.87
N TRP G 60 17.18 -13.57 -10.80
CA TRP G 60 18.61 -13.77 -11.11
C TRP G 60 19.02 -13.58 -12.58
N SER G 61 18.04 -13.60 -13.48
CA SER G 61 18.31 -13.50 -14.92
C SER G 61 18.62 -12.06 -15.37
N PHE G 62 19.48 -11.93 -16.37
CA PHE G 62 19.94 -10.62 -16.85
C PHE G 62 19.01 -10.07 -17.93
N TYR G 63 18.90 -8.74 -17.97
CA TYR G 63 18.13 -8.09 -19.02
C TYR G 63 18.83 -6.84 -19.56
N ILE G 64 18.66 -6.60 -20.85
CA ILE G 64 19.38 -5.56 -21.55
C ILE G 64 18.52 -5.02 -22.67
N LEU G 65 18.60 -3.71 -22.93
CA LEU G 65 17.90 -3.11 -24.06
C LEU G 65 18.84 -2.68 -25.19
N ALA G 66 18.68 -3.30 -26.35
CA ALA G 66 19.46 -2.92 -27.52
C ALA G 66 18.57 -2.16 -28.47
N HIS G 67 19.11 -1.09 -29.06
CA HIS G 67 18.32 -0.22 -29.92
C HIS G 67 19.17 0.45 -31.01
N THR G 68 18.54 0.70 -32.15
CA THR G 68 19.18 1.39 -33.27
C THR G 68 18.16 2.32 -33.97
N GLU G 69 18.66 3.23 -34.80
CA GLU G 69 17.82 4.20 -35.51
C GLU G 69 17.41 3.67 -36.88
N PHE G 70 16.12 3.79 -37.21
CA PHE G 70 15.63 3.28 -38.48
C PHE G 70 14.42 4.02 -39.01
N THR G 71 14.35 4.09 -40.33
CA THR G 71 13.18 4.59 -41.04
C THR G 71 12.45 3.37 -41.60
N PRO G 72 11.33 2.99 -40.97
CA PRO G 72 10.57 1.81 -41.38
C PRO G 72 10.04 2.00 -42.80
N THR G 73 10.72 1.40 -43.77
CA THR G 73 10.29 1.51 -45.15
C THR G 73 9.16 0.53 -45.41
N GLU G 74 8.44 0.77 -46.50
CA GLU G 74 7.46 -0.15 -47.05
C GLU G 74 8.05 -1.56 -47.19
N THR G 75 9.27 -1.64 -47.73
CA THR G 75 9.88 -2.90 -48.19
C THR G 75 10.94 -3.50 -47.27
N ASP G 76 11.73 -2.65 -46.63
CA ASP G 76 12.90 -3.11 -45.87
C ASP G 76 12.53 -3.95 -44.64
N THR G 77 13.34 -4.99 -44.41
CA THR G 77 13.14 -5.92 -43.31
C THR G 77 14.20 -5.74 -42.23
N TYR G 78 13.78 -5.88 -40.98
CA TYR G 78 14.64 -5.70 -39.82
C TYR G 78 14.52 -6.88 -38.86
N ALA G 79 15.58 -7.13 -38.08
CA ALA G 79 15.67 -8.27 -37.18
C ALA G 79 16.73 -8.10 -36.11
N CYS G 80 16.64 -8.91 -35.06
CA CYS G 80 17.60 -8.91 -33.96
C CYS G 80 18.22 -10.29 -33.80
N ARG G 81 19.55 -10.33 -33.80
CA ARG G 81 20.30 -11.58 -33.73
C ARG G 81 21.13 -11.62 -32.46
N VAL G 82 20.89 -12.66 -31.67
CA VAL G 82 21.49 -12.74 -30.35
C VAL G 82 22.42 -13.95 -30.22
N LYS G 83 23.68 -13.67 -29.97
CA LYS G 83 24.71 -14.69 -29.74
C LYS G 83 24.82 -14.89 -28.23
N HIS G 84 24.49 -16.08 -27.75
CA HIS G 84 24.60 -16.38 -26.33
C HIS G 84 25.13 -17.79 -26.09
N ASP G 85 26.00 -17.91 -25.08
CA ASP G 85 26.69 -19.17 -24.80
C ASP G 85 25.78 -20.31 -24.29
N SER G 86 24.47 -20.03 -24.19
CA SER G 86 23.49 -21.03 -23.73
C SER G 86 22.77 -21.73 -24.88
N MET G 87 23.04 -21.28 -26.10
CA MET G 87 22.49 -21.90 -27.30
C MET G 87 23.60 -21.99 -28.35
N ALA G 88 23.76 -23.16 -28.96
CA ALA G 88 24.86 -23.39 -29.91
C ALA G 88 24.73 -22.53 -31.17
N GLU G 89 23.51 -22.12 -31.49
CA GLU G 89 23.25 -21.28 -32.65
C GLU G 89 22.65 -19.96 -32.18
N PRO G 90 22.96 -18.84 -32.88
CA PRO G 90 22.33 -17.55 -32.60
C PRO G 90 20.82 -17.52 -32.91
N LYS G 91 20.07 -16.85 -32.05
CA LYS G 91 18.62 -16.73 -32.17
C LYS G 91 18.28 -15.45 -32.95
N THR G 92 17.43 -15.58 -33.97
CA THR G 92 17.01 -14.43 -34.78
C THR G 92 15.51 -14.19 -34.68
N VAL G 93 15.14 -12.98 -34.26
CA VAL G 93 13.74 -12.57 -34.21
C VAL G 93 13.50 -11.41 -35.18
N TYR G 94 12.59 -11.63 -36.13
CA TYR G 94 12.25 -10.62 -37.11
C TYR G 94 11.21 -9.62 -36.61
N TRP G 95 11.35 -8.37 -37.06
CA TRP G 95 10.47 -7.31 -36.62
C TRP G 95 9.11 -7.35 -37.31
N ASP G 96 8.08 -7.70 -36.54
CA ASP G 96 6.71 -7.63 -37.03
C ASP G 96 6.15 -6.26 -36.65
N ARG G 97 5.66 -5.52 -37.64
CA ARG G 97 5.21 -4.14 -37.45
C ARG G 97 3.77 -4.00 -36.95
N ASP G 98 2.87 -4.76 -37.56
CA ASP G 98 1.47 -4.81 -37.14
C ASP G 98 1.47 -5.16 -35.66
N MET G 99 2.08 -6.29 -35.33
CA MET G 99 2.42 -6.65 -33.96
C MET G 99 3.47 -5.66 -33.44
N SER H 1 22.87 3.93 1.00
CA SER H 1 24.25 3.40 1.15
C SER H 1 24.27 1.89 1.40
N ILE H 2 24.81 1.17 0.42
CA ILE H 2 24.87 -0.29 0.44
C ILE H 2 25.61 -0.85 1.66
N ILE H 3 25.19 -2.04 2.12
CA ILE H 3 25.89 -2.73 3.20
C ILE H 3 27.37 -2.95 2.92
N ASN H 4 28.14 -3.13 3.99
CA ASN H 4 29.50 -3.63 3.88
C ASN H 4 29.38 -5.15 3.85
N PHE H 5 29.84 -5.79 2.77
CA PHE H 5 29.63 -7.24 2.62
C PHE H 5 30.60 -8.10 3.40
N GLU H 6 30.10 -9.25 3.87
CA GLU H 6 30.89 -10.23 4.61
C GLU H 6 31.43 -11.34 3.71
N LYS H 7 32.62 -11.85 4.04
CA LYS H 7 33.29 -12.90 3.26
C LYS H 7 32.42 -14.14 3.10
N LEU H 8 32.45 -14.73 1.91
CA LEU H 8 31.80 -16.02 1.68
C LEU H 8 32.72 -17.17 2.11
N VAL I 1 48.85 -20.95 21.02
CA VAL I 1 48.43 -20.08 19.87
C VAL I 1 49.44 -18.95 19.64
N LEU I 2 50.53 -19.29 18.95
CA LEU I 2 51.65 -18.37 18.76
C LEU I 2 51.73 -17.81 17.35
N LEU I 3 52.26 -16.60 17.24
CA LEU I 3 52.60 -16.02 15.94
C LEU I 3 54.05 -15.57 15.96
N GLN I 4 54.89 -16.30 15.22
CA GLN I 4 56.34 -16.07 15.22
C GLN I 4 56.78 -15.16 14.08
N GLN I 5 57.41 -14.05 14.42
CA GLN I 5 57.89 -13.10 13.41
C GLN I 5 59.41 -13.03 13.44
N SER I 6 59.94 -11.83 13.27
CA SER I 6 61.38 -11.62 13.21
C SER I 6 61.87 -10.52 14.16
N GLY I 7 63.19 -10.41 14.29
CA GLY I 7 63.81 -9.35 15.08
C GLY I 7 63.85 -8.02 14.33
N PRO I 8 64.47 -7.00 14.95
CA PRO I 8 64.49 -5.66 14.34
C PRO I 8 65.21 -5.70 13.00
N GLU I 9 64.64 -5.01 12.02
CA GLU I 9 65.23 -4.96 10.69
C GLU I 9 65.71 -3.56 10.33
N LEU I 10 66.86 -3.50 9.66
CA LEU I 10 67.41 -2.24 9.18
C LEU I 10 67.30 -2.24 7.66
N VAL I 11 66.76 -1.17 7.10
CA VAL I 11 66.46 -1.13 5.67
C VAL I 11 67.00 0.12 4.99
N LYS I 12 67.44 -0.04 3.74
CA LYS I 12 67.84 1.07 2.88
C LYS I 12 66.59 1.76 2.31
N PRO I 13 66.59 3.11 2.27
CA PRO I 13 65.53 3.85 1.60
C PRO I 13 65.44 3.50 0.12
N GLY I 14 64.30 2.95 -0.28
CA GLY I 14 64.04 2.59 -1.68
C GLY I 14 64.07 1.10 -1.98
N ALA I 15 64.43 0.28 -0.99
CA ALA I 15 64.49 -1.17 -1.18
C ALA I 15 63.12 -1.80 -0.86
N SER I 16 63.15 -2.97 -0.23
CA SER I 16 61.93 -3.67 0.22
C SER I 16 62.25 -4.80 1.20
N VAL I 17 61.59 -4.77 2.37
CA VAL I 17 61.67 -5.87 3.34
C VAL I 17 60.45 -6.78 3.26
N LYS I 18 60.66 -8.04 3.62
CA LYS I 18 59.61 -9.05 3.65
C LYS I 18 59.58 -9.61 5.07
N ILE I 19 58.54 -9.26 5.82
CA ILE I 19 58.39 -9.74 7.19
C ILE I 19 57.66 -11.09 7.18
N PRO I 20 58.28 -12.12 7.77
CA PRO I 20 57.61 -13.40 7.94
C PRO I 20 56.71 -13.42 9.16
N CYS I 21 55.65 -14.23 9.09
CA CYS I 21 54.79 -14.52 10.24
C CYS I 21 54.35 -15.98 10.17
N LYS I 22 54.76 -16.78 11.15
CA LYS I 22 54.48 -18.21 11.17
C LYS I 22 53.52 -18.53 12.31
N ALA I 23 52.51 -19.34 12.00
CA ALA I 23 51.43 -19.64 12.95
C ALA I 23 51.40 -21.08 13.43
N SER I 24 51.16 -21.27 14.71
CA SER I 24 50.92 -22.59 15.29
C SER I 24 49.81 -22.50 16.35
N GLY I 25 49.13 -23.61 16.60
CA GLY I 25 48.07 -23.65 17.60
C GLY I 25 46.66 -23.90 17.09
N TYR I 26 46.39 -23.52 15.83
CA TYR I 26 45.04 -23.62 15.26
C TYR I 26 45.04 -24.17 13.84
N THR I 27 43.86 -24.53 13.36
CA THR I 27 43.69 -25.03 12.00
C THR I 27 43.83 -23.85 11.03
N PHE I 28 45.05 -23.70 10.51
CA PHE I 28 45.47 -22.58 9.68
C PHE I 28 44.57 -22.29 8.46
N THR I 29 44.01 -23.35 7.90
CA THR I 29 43.16 -23.25 6.70
C THR I 29 41.83 -22.53 6.97
N ASP I 30 41.41 -22.52 8.24
CA ASP I 30 40.09 -22.04 8.66
C ASP I 30 40.05 -20.54 8.95
N TYR I 31 41.22 -19.92 9.05
CA TYR I 31 41.32 -18.51 9.43
C TYR I 31 42.16 -17.71 8.41
N ASN I 32 41.88 -16.41 8.31
CA ASN I 32 42.73 -15.52 7.55
C ASN I 32 43.89 -14.99 8.39
N MET I 33 44.74 -14.16 7.80
CA MET I 33 45.81 -13.51 8.53
C MET I 33 45.80 -12.02 8.23
N ASP I 34 45.81 -11.21 9.29
CA ASP I 34 45.76 -9.75 9.16
C ASP I 34 47.12 -9.11 9.47
N TRP I 35 47.29 -7.84 9.10
CA TRP I 35 48.53 -7.11 9.32
C TRP I 35 48.27 -5.69 9.82
N VAL I 36 49.03 -5.28 10.83
CA VAL I 36 48.79 -4.00 11.49
C VAL I 36 50.08 -3.21 11.68
N LYS I 37 50.09 -2.00 11.12
CA LYS I 37 51.18 -1.04 11.32
C LYS I 37 50.96 -0.30 12.62
N GLN I 38 52.02 -0.12 13.39
CA GLN I 38 52.00 0.75 14.55
C GLN I 38 53.18 1.71 14.53
N SER I 39 52.86 3.00 14.37
CA SER I 39 53.86 4.07 14.35
C SER I 39 53.56 5.14 15.41
N HIS I 40 54.47 6.10 15.54
CA HIS I 40 54.33 7.20 16.49
C HIS I 40 53.16 8.12 16.12
N GLY I 41 53.28 8.82 14.99
CA GLY I 41 52.35 9.87 14.62
C GLY I 41 51.17 9.46 13.74
N LYS I 42 50.87 8.16 13.70
CA LYS I 42 49.69 7.62 13.00
C LYS I 42 49.04 6.46 13.76
N SER I 43 49.61 6.13 14.91
CA SER I 43 49.11 5.11 15.82
C SER I 43 48.99 3.74 15.12
N LEU I 44 47.91 3.01 15.43
CA LEU I 44 47.65 1.72 14.81
C LEU I 44 46.85 1.88 13.51
N GLU I 45 47.21 1.10 12.49
CA GLU I 45 46.51 1.08 11.21
C GLU I 45 46.44 -0.35 10.71
N TRP I 46 45.27 -0.74 10.21
CA TRP I 46 45.08 -2.05 9.58
C TRP I 46 45.64 -1.98 8.16
N ILE I 47 46.49 -2.96 7.80
CA ILE I 47 47.07 -2.99 6.46
C ILE I 47 46.24 -3.84 5.51
N GLY I 48 45.97 -5.08 5.89
CA GLY I 48 45.26 -6.00 5.01
C GLY I 48 45.04 -7.40 5.56
N ASP I 49 44.49 -8.27 4.70
CA ASP I 49 44.01 -9.58 5.10
C ASP I 49 44.26 -10.60 3.98
N ILE I 50 44.70 -11.80 4.36
CA ILE I 50 45.03 -12.81 3.35
C ILE I 50 44.42 -14.18 3.60
N ASN I 51 43.77 -14.71 2.57
CA ASN I 51 43.19 -16.06 2.56
C ASN I 51 44.30 -17.10 2.34
N PRO I 52 44.34 -18.12 3.21
CA PRO I 52 45.43 -19.12 3.14
C PRO I 52 45.23 -20.18 2.04
N ASN I 53 43.98 -20.42 1.66
CA ASN I 53 43.63 -21.50 0.73
C ASN I 53 43.83 -21.17 -0.74
N ASN I 54 43.29 -20.04 -1.18
CA ASN I 54 43.40 -19.61 -2.56
C ASN I 54 44.31 -18.40 -2.75
N GLY I 55 44.84 -17.89 -1.65
CA GLY I 55 45.83 -16.82 -1.68
C GLY I 55 45.26 -15.41 -1.81
N GLY I 56 43.93 -15.31 -1.72
CA GLY I 56 43.20 -14.05 -1.84
C GLY I 56 43.61 -12.97 -0.86
N THR I 57 43.42 -11.71 -1.25
CA THR I 57 43.93 -10.57 -0.50
C THR I 57 42.99 -9.36 -0.51
N ILE I 58 42.85 -8.72 0.64
CA ILE I 58 42.20 -7.43 0.78
C ILE I 58 43.18 -6.49 1.48
N TYR I 59 43.46 -5.36 0.84
CA TYR I 59 44.30 -4.31 1.44
C TYR I 59 43.47 -3.08 1.82
N ASN I 60 43.85 -2.42 2.91
CA ASN I 60 43.40 -1.08 3.19
C ASN I 60 43.91 -0.22 2.06
N GLN I 61 43.02 0.58 1.49
CA GLN I 61 43.35 1.39 0.33
C GLN I 61 44.65 2.17 0.52
N LYS I 62 44.79 2.80 1.70
CA LYS I 62 45.99 3.58 2.04
C LYS I 62 47.31 2.84 1.80
N PHE I 63 47.25 1.50 1.82
CA PHE I 63 48.43 0.65 1.73
C PHE I 63 48.58 -0.16 0.44
N LYS I 64 47.54 -0.18 -0.40
CA LYS I 64 47.64 -0.83 -1.70
C LYS I 64 48.71 -0.11 -2.53
N GLY I 65 49.71 -0.88 -2.97
CA GLY I 65 50.86 -0.36 -3.69
C GLY I 65 52.10 -0.31 -2.82
N LYS I 66 51.90 -0.32 -1.51
CA LYS I 66 52.98 -0.11 -0.54
C LYS I 66 53.35 -1.40 0.17
N ALA I 67 52.35 -2.24 0.43
CA ALA I 67 52.53 -3.54 1.07
C ALA I 67 52.01 -4.66 0.17
N THR I 68 52.72 -5.78 0.14
CA THR I 68 52.30 -6.92 -0.66
C THR I 68 52.26 -8.16 0.22
N LEU I 69 51.09 -8.77 0.29
CA LEU I 69 50.86 -9.93 1.15
C LEU I 69 50.86 -11.23 0.35
N THR I 70 51.51 -12.25 0.92
CA THR I 70 51.58 -13.58 0.33
C THR I 70 51.55 -14.66 1.41
N VAL I 71 51.23 -15.90 1.04
CA VAL I 71 51.06 -16.98 2.03
C VAL I 71 51.55 -18.36 1.55
N ASP I 72 52.27 -19.05 2.44
CA ASP I 72 52.71 -20.43 2.20
C ASP I 72 51.87 -21.37 3.07
N LYS I 73 50.84 -21.94 2.47
CA LYS I 73 49.91 -22.85 3.15
C LYS I 73 50.62 -23.95 3.95
N SER I 74 51.42 -24.76 3.25
CA SER I 74 52.08 -25.93 3.86
C SER I 74 52.95 -25.59 5.08
N SER I 75 53.67 -24.47 5.01
CA SER I 75 54.53 -24.02 6.09
C SER I 75 53.73 -23.39 7.24
N SER I 76 52.43 -23.15 7.00
CA SER I 76 51.54 -22.48 7.95
C SER I 76 52.05 -21.08 8.28
N ALA I 77 52.45 -20.36 7.23
CA ALA I 77 53.04 -19.04 7.37
C ALA I 77 52.58 -18.06 6.29
N ALA I 78 52.36 -16.81 6.69
CA ALA I 78 52.05 -15.71 5.78
C ALA I 78 53.11 -14.61 5.87
N TYR I 79 53.40 -13.94 4.75
CA TYR I 79 54.45 -12.94 4.71
C TYR I 79 53.88 -11.58 4.26
N MET I 80 54.55 -10.51 4.69
CA MET I 80 54.25 -9.16 4.22
C MET I 80 55.51 -8.47 3.71
N GLU I 81 55.45 -7.99 2.48
CA GLU I 81 56.57 -7.26 1.87
C GLU I 81 56.23 -5.78 1.70
N VAL I 82 57.05 -4.90 2.26
CA VAL I 82 56.81 -3.46 2.15
C VAL I 82 57.76 -2.85 1.11
N ARG I 83 57.18 -2.28 0.05
CA ARG I 83 57.94 -1.79 -1.09
C ARG I 83 58.24 -0.28 -1.01
N SER I 84 59.44 0.10 -1.47
CA SER I 84 59.92 1.49 -1.53
C SER I 84 59.73 2.27 -0.22
N LEU I 85 60.74 2.22 0.64
CA LEU I 85 60.60 2.72 2.01
C LEU I 85 60.98 4.19 2.17
N THR I 86 60.35 4.83 3.16
CA THR I 86 60.71 6.17 3.60
C THR I 86 60.76 6.16 5.14
N SER I 87 61.04 7.33 5.73
CA SER I 87 60.97 7.51 7.18
C SER I 87 59.54 7.41 7.73
N GLU I 88 58.56 7.45 6.82
CA GLU I 88 57.15 7.33 7.18
C GLU I 88 56.81 5.91 7.60
N ASP I 89 57.47 4.94 6.97
CA ASP I 89 57.20 3.54 7.20
C ASP I 89 57.96 2.98 8.39
N THR I 90 58.72 3.86 9.06
CA THR I 90 59.42 3.50 10.30
C THR I 90 58.38 3.26 11.39
N ALA I 91 58.16 1.98 11.69
CA ALA I 91 57.08 1.55 12.57
C ALA I 91 57.27 0.11 12.98
N VAL I 92 56.51 -0.31 13.99
CA VAL I 92 56.40 -1.71 14.34
C VAL I 92 55.23 -2.29 13.56
N TYR I 93 55.46 -3.45 12.95
CA TYR I 93 54.43 -4.13 12.16
C TYR I 93 54.04 -5.47 12.79
N TYR I 94 52.75 -5.63 13.10
CA TYR I 94 52.23 -6.85 13.69
C TYR I 94 51.40 -7.65 12.68
N CYS I 95 51.59 -8.97 12.69
CA CYS I 95 50.58 -9.87 12.13
C CYS I 95 49.63 -10.25 13.25
N ALA I 96 48.36 -10.45 12.91
CA ALA I 96 47.35 -10.75 13.92
C ALA I 96 46.34 -11.76 13.41
N ARG I 97 45.61 -12.38 14.34
CA ARG I 97 44.52 -13.26 13.98
C ARG I 97 43.25 -12.85 14.70
N LYS I 98 42.16 -12.79 13.92
CA LYS I 98 40.82 -12.56 14.45
C LYS I 98 40.34 -13.77 15.27
N PRO I 99 39.22 -13.63 16.01
CA PRO I 99 38.70 -14.76 16.77
C PRO I 99 38.00 -15.79 15.86
N TYR I 100 37.46 -15.30 14.75
CA TYR I 100 36.70 -16.11 13.79
C TYR I 100 36.93 -15.56 12.38
N TYR I 101 36.47 -16.30 11.38
CA TYR I 101 36.67 -15.97 9.97
C TYR I 101 35.66 -14.91 9.52
N GLY I 102 36.14 -13.73 9.15
CA GLY I 102 35.26 -12.69 8.65
C GLY I 102 35.88 -11.32 8.49
N ASN I 103 35.12 -10.41 7.88
CA ASN I 103 35.58 -9.05 7.59
C ASN I 103 35.53 -8.14 8.81
N PHE I 104 34.71 -8.51 9.79
CA PHE I 104 34.34 -7.59 10.85
C PHE I 104 34.55 -8.24 12.20
N ALA I 105 35.73 -8.03 12.78
CA ALA I 105 36.06 -8.56 14.09
C ALA I 105 37.19 -7.77 14.72
N TRP I 106 37.57 -8.15 15.93
CA TRP I 106 38.70 -7.60 16.62
C TRP I 106 39.85 -8.58 16.45
N PHE I 107 40.93 -8.39 17.21
CA PHE I 107 42.09 -9.24 17.10
C PHE I 107 42.36 -9.93 18.43
N ALA I 108 42.10 -11.23 18.46
CA ALA I 108 42.25 -12.03 19.67
C ALA I 108 43.72 -12.38 19.90
N TYR I 109 44.47 -12.52 18.82
CA TYR I 109 45.85 -12.99 18.89
C TYR I 109 46.77 -12.08 18.10
N TRP I 110 47.99 -11.93 18.62
CA TRP I 110 48.98 -11.05 18.01
C TRP I 110 50.37 -11.69 18.04
N GLY I 111 51.17 -11.37 17.01
CA GLY I 111 52.59 -11.67 17.03
C GLY I 111 53.30 -10.60 17.85
N GLN I 112 54.54 -10.87 18.23
CA GLN I 112 55.35 -9.89 18.97
C GLN I 112 55.66 -8.64 18.16
N GLY I 113 55.64 -8.78 16.83
CA GLY I 113 55.88 -7.66 15.94
C GLY I 113 57.28 -7.62 15.34
N THR I 114 57.57 -6.53 14.63
CA THR I 114 58.88 -6.32 14.02
C THR I 114 59.13 -4.83 13.82
N LEU I 115 59.94 -4.25 14.72
CA LEU I 115 60.37 -2.87 14.63
C LEU I 115 61.20 -2.68 13.36
N VAL I 116 60.75 -1.79 12.49
CA VAL I 116 61.47 -1.51 11.25
C VAL I 116 61.87 -0.04 11.17
N THR I 117 63.17 0.20 11.01
CA THR I 117 63.72 1.55 10.89
C THR I 117 64.43 1.70 9.54
N VAL I 118 64.26 2.86 8.92
CA VAL I 118 64.81 3.12 7.59
C VAL I 118 65.85 4.25 7.62
N SER I 119 67.10 3.88 7.36
CA SER I 119 68.22 4.85 7.33
C SER I 119 69.33 4.42 6.36
N ALA I 120 70.24 5.35 6.05
CA ALA I 120 71.31 5.10 5.06
C ALA I 120 72.64 4.64 5.67
N ALA I 121 72.78 4.77 6.99
CA ALA I 121 74.00 4.38 7.71
C ALA I 121 74.13 2.87 7.85
N LYS I 122 75.36 2.36 7.81
CA LYS I 122 75.63 0.94 8.02
C LYS I 122 76.69 0.71 9.09
N THR I 123 76.28 0.15 10.22
CA THR I 123 77.17 -0.22 11.33
C THR I 123 78.18 0.89 11.69
N THR I 124 77.70 1.96 12.31
CA THR I 124 78.54 3.09 12.70
C THR I 124 78.82 3.06 14.21
N PRO I 125 80.11 3.12 14.60
CA PRO I 125 80.52 3.13 16.02
C PRO I 125 80.14 4.41 16.77
N PRO I 126 79.90 4.31 18.09
CA PRO I 126 79.52 5.46 18.92
C PRO I 126 80.69 6.27 19.47
N SER I 127 80.76 7.54 19.10
CA SER I 127 81.80 8.45 19.58
C SER I 127 81.42 9.04 20.96
N VAL I 128 81.77 8.32 22.01
CA VAL I 128 81.33 8.65 23.37
C VAL I 128 82.12 9.82 23.97
N TYR I 129 81.39 10.86 24.35
CA TYR I 129 82.00 12.07 24.92
C TYR I 129 81.71 12.21 26.42
N PRO I 130 82.74 12.50 27.22
CA PRO I 130 82.56 12.86 28.62
C PRO I 130 81.87 14.22 28.72
N LEU I 131 81.10 14.42 29.80
CA LEU I 131 80.37 15.68 30.00
C LEU I 131 80.75 16.35 31.33
N ALA I 132 81.58 17.38 31.25
CA ALA I 132 82.11 18.10 32.42
C ALA I 132 81.17 19.21 32.89
N PRO I 133 80.89 19.29 34.21
CA PRO I 133 79.97 20.29 34.75
C PRO I 133 80.67 21.56 35.22
N VAL I 143 76.25 17.80 42.28
CA VAL I 143 77.12 17.27 41.24
C VAL I 143 76.35 16.38 40.27
N THR I 144 76.61 16.57 38.98
CA THR I 144 75.92 15.86 37.90
C THR I 144 76.79 15.81 36.63
N LEU I 145 76.85 14.63 36.00
CA LEU I 145 77.69 14.38 34.80
C LEU I 145 77.36 13.03 34.15
N GLY I 146 77.31 13.03 32.81
CA GLY I 146 76.94 11.83 32.05
C GLY I 146 77.77 11.54 30.80
N CYS I 147 77.25 10.64 29.96
CA CYS I 147 77.95 10.25 28.73
C CYS I 147 77.08 10.38 27.48
N LEU I 148 77.41 11.37 26.65
CA LEU I 148 76.72 11.59 25.38
C LEU I 148 77.21 10.61 24.32
N VAL I 149 76.49 9.50 24.18
CA VAL I 149 76.81 8.49 23.18
C VAL I 149 76.31 8.99 21.82
N LYS I 150 77.18 9.68 21.09
CA LYS I 150 76.81 10.36 19.85
C LYS I 150 77.22 9.62 18.57
N GLY I 151 76.35 9.68 17.56
CA GLY I 151 76.65 9.21 16.20
C GLY I 151 76.86 7.72 16.05
N TYR I 152 75.84 6.94 16.40
CA TYR I 152 75.93 5.48 16.27
C TYR I 152 74.80 4.85 15.45
N PHE I 153 75.07 3.65 14.95
CA PHE I 153 74.12 2.86 14.18
C PHE I 153 74.60 1.42 14.15
N PRO I 154 73.69 0.44 14.36
CA PRO I 154 72.27 0.59 14.71
C PRO I 154 72.06 0.74 16.22
N GLU I 155 70.99 0.11 16.73
CA GLU I 155 70.68 0.13 18.15
C GLU I 155 70.77 -1.28 18.77
N PRO I 156 70.76 -1.37 20.11
CA PRO I 156 70.69 -0.29 21.08
C PRO I 156 72.05 0.02 21.68
N VAL I 157 72.04 0.66 22.85
CA VAL I 157 73.22 0.79 23.70
C VAL I 157 72.82 0.61 25.17
N THR I 158 73.57 -0.23 25.87
CA THR I 158 73.40 -0.39 27.31
C THR I 158 74.34 0.59 28.00
N VAL I 159 74.00 1.02 29.22
CA VAL I 159 74.86 1.91 29.98
C VAL I 159 74.94 1.50 31.46
N THR I 160 76.15 1.47 32.01
CA THR I 160 76.40 1.19 33.43
C THR I 160 77.57 2.01 33.96
N TRP I 161 77.37 2.65 35.11
CA TRP I 161 78.44 3.36 35.79
C TRP I 161 79.13 2.40 36.77
N ASN I 162 80.40 2.13 36.52
CA ASN I 162 81.21 1.25 37.37
C ASN I 162 80.55 -0.12 37.61
N SER I 163 80.38 -0.91 36.54
CA SER I 163 79.70 -2.21 36.57
C SER I 163 78.19 -2.06 36.89
N GLY I 164 77.51 -3.19 37.08
CA GLY I 164 76.09 -3.19 37.46
C GLY I 164 75.87 -2.84 38.91
N SER I 165 76.40 -1.69 39.33
CA SER I 165 76.39 -1.25 40.72
C SER I 165 75.16 -0.43 41.09
N LEU I 166 74.72 0.44 40.18
CA LEU I 166 73.63 1.38 40.43
C LEU I 166 72.30 0.68 40.70
N SER I 167 71.82 0.81 41.93
CA SER I 167 70.56 0.20 42.35
C SER I 167 69.48 1.26 42.61
N SER I 168 69.87 2.53 42.57
CA SER I 168 68.99 3.62 42.97
C SER I 168 69.07 4.85 42.06
N GLY I 169 70.29 5.26 41.72
CA GLY I 169 70.52 6.49 40.96
C GLY I 169 70.51 6.33 39.46
N VAL I 170 69.75 5.36 38.96
CA VAL I 170 69.63 5.11 37.52
C VAL I 170 68.74 6.14 36.81
N HIS I 171 69.27 6.73 35.74
CA HIS I 171 68.52 7.65 34.89
C HIS I 171 69.04 7.61 33.45
N THR I 172 68.50 6.69 32.66
CA THR I 172 68.94 6.52 31.27
C THR I 172 67.85 6.92 30.30
N PHE I 173 68.22 7.70 29.28
CA PHE I 173 67.28 8.26 28.32
C PHE I 173 67.25 7.49 27.00
N PRO I 174 66.10 7.48 26.29
CA PRO I 174 66.01 6.77 25.01
C PRO I 174 66.65 7.55 23.86
N ALA I 175 67.02 6.82 22.80
CA ALA I 175 67.75 7.39 21.67
C ALA I 175 66.96 8.42 20.85
N VAL I 176 67.68 9.29 20.15
CA VAL I 176 67.09 10.22 19.19
C VAL I 176 67.83 10.05 17.85
N LEU I 177 67.49 10.86 16.86
CA LEU I 177 68.11 10.74 15.53
C LEU I 177 68.46 12.10 14.90
N GLN I 178 69.77 12.37 14.83
CA GLN I 178 70.29 13.60 14.22
C GLN I 178 71.19 13.30 13.02
N SER I 179 70.88 13.93 11.90
CA SER I 179 71.67 13.80 10.66
C SER I 179 71.88 12.35 10.24
N ASP I 180 70.79 11.58 10.23
CA ASP I 180 70.77 10.18 9.76
C ASP I 180 71.51 9.20 10.70
N LEU I 181 71.81 9.66 11.92
CA LEU I 181 72.58 8.87 12.88
C LEU I 181 72.08 9.06 14.32
N TYR I 182 71.98 7.96 15.07
CA TYR I 182 71.50 7.98 16.46
C TYR I 182 72.39 8.77 17.41
N THR I 183 71.76 9.49 18.34
CA THR I 183 72.47 10.17 19.42
C THR I 183 71.75 9.90 20.75
N LEU I 184 72.51 9.48 21.75
CA LEU I 184 71.97 9.14 23.06
C LEU I 184 72.61 9.96 24.17
N SER I 185 71.89 10.10 25.28
CA SER I 185 72.38 10.78 26.46
C SER I 185 71.90 10.07 27.73
N SER I 186 72.58 10.32 28.85
CA SER I 186 72.24 9.73 30.16
C SER I 186 72.94 10.46 31.29
N SER I 187 72.42 10.30 32.51
CA SER I 187 73.00 10.91 33.72
C SER I 187 72.86 10.01 34.95
N VAL I 188 73.42 10.47 36.06
CA VAL I 188 73.34 9.77 37.35
C VAL I 188 73.43 10.77 38.51
N THR I 189 72.45 10.72 39.40
CA THR I 189 72.46 11.55 40.62
C THR I 189 73.54 11.04 41.56
N VAL I 190 74.35 11.96 42.09
CA VAL I 190 75.50 11.59 42.91
C VAL I 190 75.67 12.39 44.22
N PRO I 191 75.60 11.69 45.38
CA PRO I 191 76.01 12.26 46.66
C PRO I 191 77.55 12.35 46.74
N SER I 192 78.05 13.36 47.45
CA SER I 192 79.50 13.55 47.61
C SER I 192 80.11 12.68 48.71
N SER I 193 79.87 11.38 48.61
CA SER I 193 80.54 10.40 49.47
C SER I 193 81.85 9.98 48.81
N THR I 194 81.86 9.96 47.48
CA THR I 194 83.05 9.67 46.67
C THR I 194 82.99 10.25 45.24
N TRP I 195 83.31 11.55 45.12
CA TRP I 195 83.56 12.22 43.83
C TRP I 195 84.36 13.53 44.02
N PRO I 196 85.44 13.71 43.23
CA PRO I 196 85.98 12.75 42.29
C PRO I 196 87.04 11.83 42.93
N SER I 197 86.99 11.70 44.25
CA SER I 197 87.89 10.83 45.01
C SER I 197 87.80 9.38 44.54
N GLU I 198 86.59 8.97 44.14
CA GLU I 198 86.40 7.76 43.34
C GLU I 198 85.65 8.17 42.08
N THR I 199 86.41 8.66 41.09
CA THR I 199 85.86 9.20 39.84
C THR I 199 85.06 8.14 39.08
N VAL I 200 83.93 8.58 38.52
CA VAL I 200 83.02 7.69 37.80
C VAL I 200 83.56 7.32 36.43
N THR I 201 82.98 6.26 35.84
CA THR I 201 83.30 5.82 34.49
C THR I 201 82.06 5.18 33.88
N CYS I 202 81.62 5.72 32.74
CA CYS I 202 80.49 5.14 32.03
C CYS I 202 80.95 3.94 31.20
N ASN I 203 80.21 2.84 31.31
CA ASN I 203 80.49 1.62 30.54
C ASN I 203 79.38 1.38 29.52
N VAL I 204 79.51 2.03 28.36
CA VAL I 204 78.53 1.90 27.29
C VAL I 204 78.75 0.63 26.47
N ALA I 205 77.66 -0.02 26.09
CA ALA I 205 77.75 -1.27 25.32
C ALA I 205 77.17 -1.11 23.91
N HIS I 206 77.98 -1.43 22.90
CA HIS I 206 77.53 -1.44 21.51
C HIS I 206 77.94 -2.76 20.87
N PRO I 207 77.04 -3.77 20.92
CA PRO I 207 77.35 -5.13 20.46
C PRO I 207 77.21 -5.31 18.94
N ALA I 208 76.94 -4.23 18.22
CA ALA I 208 76.80 -4.27 16.77
C ALA I 208 78.07 -3.78 16.07
N SER I 209 78.63 -2.68 16.57
CA SER I 209 79.96 -2.23 16.15
C SER I 209 81.03 -2.99 16.93
N SER I 210 80.57 -3.84 17.85
CA SER I 210 81.41 -4.74 18.65
C SER I 210 82.43 -3.98 19.52
N THR I 211 82.04 -2.80 20.00
CA THR I 211 82.89 -1.97 20.84
C THR I 211 82.21 -1.51 22.13
N LYS I 212 82.67 -2.06 23.25
CA LYS I 212 82.25 -1.63 24.57
C LYS I 212 83.25 -0.58 25.05
N VAL I 213 83.13 0.63 24.50
CA VAL I 213 84.07 1.72 24.78
C VAL I 213 83.96 2.20 26.23
N ASP I 214 85.09 2.65 26.79
CA ASP I 214 85.17 3.03 28.19
C ASP I 214 85.73 4.45 28.35
N LYS I 215 85.17 5.22 29.29
CA LYS I 215 85.49 6.65 29.41
C LYS I 215 85.46 7.16 30.84
N LYS I 216 86.52 7.88 31.23
CA LYS I 216 86.61 8.50 32.55
C LYS I 216 86.27 9.99 32.50
N ILE I 217 85.40 10.42 33.42
CA ILE I 217 84.94 11.82 33.49
C ILE I 217 85.76 12.63 34.51
N VAL I 218 86.76 13.34 34.00
CA VAL I 218 87.60 14.25 34.79
C VAL I 218 86.92 15.62 34.93
N PRO I 219 86.93 16.21 36.16
CA PRO I 219 86.36 17.56 36.33
C PRO I 219 87.02 18.56 35.37
N ILE J 1 35.67 5.35 8.43
CA ILE J 1 35.25 5.67 9.83
C ILE J 1 36.47 5.95 10.71
N GLN J 2 36.58 7.18 11.19
CA GLN J 2 37.64 7.56 12.11
C GLN J 2 37.11 7.57 13.53
N VAL J 3 37.86 6.96 14.44
CA VAL J 3 37.48 6.95 15.86
C VAL J 3 38.44 7.80 16.71
N THR J 4 37.86 8.72 17.47
CA THR J 4 38.63 9.66 18.27
C THR J 4 38.71 9.26 19.73
N GLN J 5 39.94 9.19 20.24
CA GLN J 5 40.21 8.78 21.61
C GLN J 5 40.07 9.92 22.60
N SER J 6 40.14 11.17 22.10
CA SER J 6 39.86 12.38 22.88
C SER J 6 40.79 12.53 24.09
N SER J 7 41.85 13.32 23.91
CA SER J 7 42.92 13.48 24.91
C SER J 7 43.82 12.24 25.01
N SER J 8 45.13 12.46 24.91
CA SER J 8 46.11 11.37 24.85
C SER J 8 46.64 10.94 26.21
N SER J 9 46.48 11.78 27.22
CA SER J 9 46.99 11.46 28.56
C SER J 9 45.95 11.66 29.67
N PHE J 10 46.05 10.83 30.70
CA PHE J 10 45.25 10.95 31.91
C PHE J 10 46.08 10.62 33.14
N SER J 11 46.27 11.61 34.01
CA SER J 11 46.97 11.42 35.27
C SER J 11 45.97 11.32 36.42
N VAL J 12 45.99 10.19 37.13
CA VAL J 12 45.00 9.91 38.18
C VAL J 12 45.57 9.12 39.36
N SER J 13 44.98 9.35 40.54
CA SER J 13 45.34 8.63 41.78
C SER J 13 44.97 7.14 41.73
N LEU J 14 45.37 6.41 42.77
CA LEU J 14 45.12 4.97 42.88
C LEU J 14 43.74 4.70 43.48
N GLY J 15 43.15 3.56 43.10
CA GLY J 15 41.81 3.20 43.54
C GLY J 15 40.79 4.26 43.18
N ASP J 16 40.84 4.68 41.90
CA ASP J 16 40.10 5.84 41.41
C ASP J 16 39.19 5.43 40.26
N ARG J 17 38.09 6.17 40.06
CA ARG J 17 37.21 5.91 38.90
C ARG J 17 37.73 6.65 37.66
N VAL J 18 38.45 5.91 36.83
CA VAL J 18 39.04 6.45 35.60
C VAL J 18 38.10 6.20 34.43
N THR J 19 37.87 7.25 33.64
CA THR J 19 36.95 7.17 32.50
C THR J 19 37.58 7.67 31.18
N ILE J 20 37.75 6.73 30.24
CA ILE J 20 38.30 7.02 28.92
C ILE J 20 37.21 6.90 27.86
N THR J 21 37.01 7.97 27.09
CA THR J 21 35.98 8.02 26.06
C THR J 21 36.54 7.73 24.67
N CYS J 22 35.65 7.32 23.77
CA CYS J 22 35.99 6.98 22.41
C CYS J 22 34.79 7.27 21.51
N LYS J 23 34.93 8.29 20.65
CA LYS J 23 33.84 8.81 19.81
C LYS J 23 34.03 8.48 18.32
N ALA J 24 33.04 7.81 17.74
CA ALA J 24 33.07 7.43 16.33
C ALA J 24 32.45 8.50 15.44
N SER J 25 33.07 8.73 14.28
CA SER J 25 32.58 9.71 13.32
C SER J 25 31.20 9.35 12.80
N GLU J 26 30.91 8.05 12.75
CA GLU J 26 29.62 7.53 12.31
C GLU J 26 29.10 6.49 13.30
N ASP J 27 27.82 6.13 13.15
CA ASP J 27 27.16 5.15 14.02
C ASP J 27 27.72 3.75 13.78
N ILE J 28 28.27 3.14 14.82
CA ILE J 28 28.94 1.82 14.68
C ILE J 28 28.29 0.63 15.40
N TYR J 29 27.08 0.83 15.94
CA TYR J 29 26.24 -0.27 16.46
C TYR J 29 26.95 -1.25 17.41
N ASN J 30 27.50 -0.72 18.51
CA ASN J 30 28.18 -1.54 19.54
C ASN J 30 29.36 -2.39 19.06
N ARG J 31 29.71 -2.30 17.78
CA ARG J 31 30.81 -3.10 17.22
C ARG J 31 32.16 -2.42 17.44
N LEU J 32 32.61 -2.38 18.69
CA LEU J 32 33.93 -1.83 19.02
C LEU J 32 34.62 -2.63 20.11
N ALA J 33 35.96 -2.64 20.07
CA ALA J 33 36.77 -3.38 21.02
C ALA J 33 37.76 -2.47 21.74
N TRP J 34 38.15 -2.83 22.95
CA TRP J 34 39.19 -2.11 23.70
C TRP J 34 40.44 -2.95 23.84
N TYR J 35 41.59 -2.29 23.70
CA TYR J 35 42.88 -2.93 23.81
C TYR J 35 43.73 -2.23 24.86
N GLN J 36 44.57 -2.99 25.54
CA GLN J 36 45.61 -2.44 26.42
C GLN J 36 46.99 -2.78 25.87
N GLN J 37 47.88 -1.80 25.86
CA GLN J 37 49.24 -2.01 25.39
C GLN J 37 50.27 -1.46 26.39
N LYS J 38 51.23 -2.32 26.75
CA LYS J 38 52.36 -1.93 27.58
C LYS J 38 53.59 -1.73 26.68
N PRO J 39 54.42 -0.70 26.98
CA PRO J 39 55.60 -0.39 26.16
C PRO J 39 56.49 -1.60 25.87
N GLY J 40 56.58 -1.98 24.60
CA GLY J 40 57.40 -3.11 24.15
C GLY J 40 56.64 -4.40 23.95
N ASN J 41 55.31 -4.33 24.01
CA ASN J 41 54.44 -5.50 23.90
C ASN J 41 53.35 -5.32 22.86
N ALA J 42 52.78 -6.43 22.41
CA ALA J 42 51.61 -6.42 21.54
C ALA J 42 50.37 -6.00 22.34
N PRO J 43 49.38 -5.34 21.68
CA PRO J 43 48.17 -4.95 22.40
C PRO J 43 47.36 -6.15 22.87
N ARG J 44 46.92 -6.10 24.14
CA ARG J 44 46.11 -7.17 24.75
C ARG J 44 44.63 -6.79 24.77
N LEU J 45 43.78 -7.72 24.35
CA LEU J 45 42.34 -7.49 24.26
C LEU J 45 41.68 -7.38 25.63
N LEU J 46 40.75 -6.45 25.76
CA LEU J 46 39.98 -6.31 26.99
C LEU J 46 38.51 -6.59 26.76
N ILE J 47 37.92 -5.90 25.78
CA ILE J 47 36.47 -5.88 25.59
C ILE J 47 36.03 -6.21 24.15
N SER J 48 34.97 -7.01 24.05
CA SER J 48 34.33 -7.34 22.78
C SER J 48 32.92 -6.75 22.74
N GLY J 49 32.46 -6.34 21.56
CA GLY J 49 31.10 -5.84 21.36
C GLY J 49 30.62 -4.90 22.46
N ALA J 50 31.38 -3.83 22.69
CA ALA J 50 31.07 -2.78 23.68
C ALA J 50 31.09 -3.22 25.15
N THR J 51 30.30 -4.24 25.50
CA THR J 51 30.07 -4.61 26.90
C THR J 51 30.69 -5.95 27.35
N SER J 52 31.05 -6.79 26.39
CA SER J 52 31.56 -8.15 26.70
C SER J 52 32.98 -8.12 27.29
N LEU J 53 33.12 -8.77 28.43
CA LEU J 53 34.42 -8.87 29.10
C LEU J 53 35.12 -10.11 28.56
N GLU J 54 36.21 -9.90 27.81
CA GLU J 54 36.96 -10.99 27.21
C GLU J 54 37.74 -11.75 28.29
N THR J 55 37.78 -13.07 28.12
CA THR J 55 38.33 -14.01 29.11
C THR J 55 39.73 -13.64 29.61
N GLY J 56 39.93 -13.80 30.92
CA GLY J 56 41.23 -13.55 31.55
C GLY J 56 41.43 -12.16 32.13
N VAL J 57 40.49 -11.26 31.84
CA VAL J 57 40.52 -9.87 32.31
C VAL J 57 39.67 -9.73 33.57
N PRO J 58 40.18 -9.01 34.59
CA PRO J 58 39.40 -8.78 35.82
C PRO J 58 38.17 -7.89 35.60
N ASP J 59 37.15 -8.08 36.44
CA ASP J 59 35.88 -7.36 36.35
C ASP J 59 35.97 -5.87 36.72
N ARG J 60 37.21 -5.42 36.95
CA ARG J 60 37.51 -4.01 37.16
C ARG J 60 37.25 -3.21 35.90
N PHE J 61 37.32 -3.91 34.76
CA PHE J 61 37.11 -3.32 33.45
C PHE J 61 35.69 -3.55 32.93
N SER J 62 34.98 -2.46 32.66
CA SER J 62 33.67 -2.52 32.04
C SER J 62 33.56 -1.47 30.95
N GLY J 63 32.90 -1.82 29.85
CA GLY J 63 32.71 -0.92 28.72
C GLY J 63 31.24 -0.70 28.42
N SER J 64 30.89 0.54 28.12
CA SER J 64 29.48 0.91 27.92
C SER J 64 29.30 1.97 26.84
N GLY J 65 28.11 2.01 26.26
CA GLY J 65 27.75 3.01 25.26
C GLY J 65 26.79 2.50 24.19
N SER J 66 26.60 3.34 23.17
CA SER J 66 25.78 3.03 21.99
C SER J 66 25.98 4.11 20.93
N ARG J 67 25.41 3.90 19.74
CA ARG J 67 25.47 4.87 18.64
C ARG J 67 26.90 5.31 18.27
N LYS J 68 27.35 6.40 18.89
CA LYS J 68 28.63 7.02 18.55
C LYS J 68 29.60 6.99 19.73
N ASP J 69 29.09 7.34 20.90
CA ASP J 69 29.94 7.55 22.07
C ASP J 69 30.05 6.29 22.92
N TYR J 70 31.30 5.93 23.25
CA TYR J 70 31.58 4.75 24.06
C TYR J 70 32.55 5.10 25.18
N THR J 71 32.56 4.29 26.23
CA THR J 71 33.47 4.54 27.34
C THR J 71 33.98 3.27 27.99
N LEU J 72 35.28 3.24 28.25
CA LEU J 72 35.89 2.21 29.06
C LEU J 72 36.02 2.75 30.48
N ILE J 73 35.39 2.05 31.42
CA ILE J 73 35.39 2.48 32.81
C ILE J 73 36.31 1.59 33.63
N ILE J 74 37.32 2.20 34.24
CA ILE J 74 38.16 1.52 35.22
C ILE J 74 37.72 1.95 36.60
N THR J 75 37.15 0.99 37.34
CA THR J 75 36.46 1.27 38.61
C THR J 75 37.39 1.75 39.73
N SER J 76 38.43 0.97 40.02
CA SER J 76 39.45 1.36 40.99
C SER J 76 40.83 1.07 40.44
N LEU J 77 41.62 2.14 40.25
CA LEU J 77 42.90 2.05 39.56
C LEU J 77 43.87 1.09 40.25
N GLN J 78 44.22 0.02 39.55
CA GLN J 78 45.15 -0.98 40.03
C GLN J 78 46.54 -0.82 39.40
N THR J 79 47.56 -1.08 40.21
CA THR J 79 48.96 -0.99 39.77
C THR J 79 49.22 -1.68 38.43
N GLU J 80 48.65 -2.87 38.25
CA GLU J 80 48.86 -3.71 37.06
C GLU J 80 48.47 -3.02 35.75
N ASP J 81 47.58 -2.03 35.84
CA ASP J 81 47.16 -1.25 34.68
C ASP J 81 48.24 -0.23 34.33
N VAL J 82 47.88 1.05 34.35
CA VAL J 82 48.82 2.14 34.10
C VAL J 82 49.52 1.94 32.75
N ALA J 83 48.76 2.06 31.67
CA ALA J 83 49.24 1.76 30.32
C ALA J 83 48.66 2.72 29.31
N THR J 84 48.80 2.39 28.03
CA THR J 84 48.08 3.08 26.97
C THR J 84 46.90 2.21 26.50
N TYR J 85 45.78 2.86 26.19
CA TYR J 85 44.54 2.16 25.83
C TYR J 85 44.00 2.58 24.48
N TYR J 86 43.58 1.59 23.69
CA TYR J 86 43.05 1.83 22.33
C TYR J 86 41.64 1.24 22.16
N CYS J 87 40.75 1.99 21.50
CA CYS J 87 39.48 1.45 21.03
C CYS J 87 39.54 1.16 19.53
N GLN J 88 38.72 0.20 19.08
CA GLN J 88 38.73 -0.22 17.68
C GLN J 88 37.33 -0.57 17.17
N GLN J 89 36.90 0.10 16.09
CA GLN J 89 35.60 -0.21 15.47
C GLN J 89 35.71 -1.35 14.46
N TYR J 90 34.62 -2.08 14.29
CA TYR J 90 34.54 -3.11 13.27
C TYR J 90 33.15 -3.21 12.62
N TRP J 91 32.46 -2.07 12.56
CA TRP J 91 31.20 -1.98 11.83
C TRP J 91 31.40 -1.82 10.32
N SER J 92 32.57 -1.31 9.93
CA SER J 92 32.89 -1.13 8.53
C SER J 92 34.38 -1.36 8.28
N THR J 93 34.69 -1.68 7.05
CA THR J 93 36.04 -2.00 6.65
C THR J 93 36.62 -0.84 5.84
N PRO J 94 37.88 -0.45 6.08
CA PRO J 94 38.90 -1.04 6.95
C PRO J 94 38.71 -0.72 8.44
N LEU J 95 39.03 -1.69 9.30
CA LEU J 95 38.95 -1.50 10.75
C LEU J 95 39.87 -0.37 11.20
N THR J 96 39.45 0.36 12.23
CA THR J 96 40.17 1.56 12.63
C THR J 96 40.34 1.68 14.14
N PHE J 97 41.46 2.26 14.54
CA PHE J 97 41.86 2.38 15.92
C PHE J 97 41.93 3.86 16.31
N GLY J 98 41.91 4.12 17.60
CA GLY J 98 42.12 5.49 18.11
C GLY J 98 43.59 5.89 18.09
N ALA J 99 43.87 7.07 18.64
CA ALA J 99 45.25 7.53 18.83
C ALA J 99 45.83 6.88 20.08
N GLY J 100 44.96 6.59 21.04
CA GLY J 100 45.34 6.01 22.31
C GLY J 100 45.22 6.99 23.46
N THR J 101 45.07 6.47 24.67
CA THR J 101 45.14 7.27 25.90
C THR J 101 46.01 6.53 26.91
N LYS J 102 47.11 7.16 27.31
CA LYS J 102 47.99 6.56 28.32
C LYS J 102 47.72 7.14 29.71
N LEU J 103 47.74 6.26 30.70
CA LEU J 103 47.44 6.65 32.08
C LEU J 103 48.71 6.94 32.87
N GLU J 104 48.80 8.18 33.36
CA GLU J 104 49.93 8.61 34.18
C GLU J 104 49.47 8.62 35.64
N LEU J 105 50.44 8.53 36.57
CA LEU J 105 50.12 8.46 38.00
C LEU J 105 50.32 9.80 38.70
N LYS J 106 49.46 10.08 39.68
CA LYS J 106 49.44 11.39 40.36
C LYS J 106 50.60 11.59 41.37
N ARG J 107 50.45 11.02 42.57
CA ARG J 107 51.47 11.12 43.64
C ARG J 107 51.82 12.58 44.00
N ALA J 108 53.09 12.94 43.90
CA ALA J 108 53.55 14.27 44.30
C ALA J 108 53.98 15.14 43.12
N ASP J 109 53.59 16.42 43.17
CA ASP J 109 54.02 17.43 42.20
C ASP J 109 55.49 17.81 42.44
N ALA J 110 56.34 17.57 41.45
CA ALA J 110 57.79 17.71 41.63
C ALA J 110 58.48 18.68 40.66
N ALA J 111 59.60 19.25 41.09
CA ALA J 111 60.41 20.18 40.30
C ALA J 111 61.74 19.56 39.85
N PRO J 112 62.14 19.81 38.58
CA PRO J 112 63.33 19.18 37.97
C PRO J 112 64.69 19.80 38.32
N THR J 113 65.73 18.97 38.38
CA THR J 113 67.11 19.44 38.59
C THR J 113 67.77 19.75 37.25
N VAL J 114 67.98 21.04 37.00
CA VAL J 114 68.53 21.51 35.72
C VAL J 114 70.05 21.39 35.69
N SER J 115 70.54 20.51 34.83
CA SER J 115 71.96 20.24 34.71
C SER J 115 72.41 20.59 33.29
N ILE J 116 73.24 21.62 33.18
CA ILE J 116 73.74 22.09 31.89
C ILE J 116 75.23 21.74 31.71
N PHE J 117 75.61 21.34 30.49
CA PHE J 117 76.99 20.91 30.20
C PHE J 117 77.54 21.45 28.88
N PRO J 118 78.81 21.92 28.89
CA PRO J 118 79.57 22.22 27.68
C PRO J 118 79.91 20.96 26.87
N PRO J 119 80.31 21.12 25.59
CA PRO J 119 80.70 20.05 24.66
C PRO J 119 81.54 18.92 25.26
N SER J 120 82.86 19.11 25.29
CA SER J 120 83.84 18.12 25.74
C SER J 120 85.18 18.42 25.05
N SER J 121 86.25 18.47 25.83
CA SER J 121 87.57 18.81 25.29
C SER J 121 87.89 18.01 24.02
N GLU J 122 87.48 16.74 24.02
CA GLU J 122 87.65 15.86 22.87
C GLU J 122 86.69 16.18 21.72
N GLN J 123 85.43 16.48 22.04
CA GLN J 123 84.41 16.80 21.03
C GLN J 123 84.79 18.01 20.18
N LEU J 124 85.67 18.84 20.71
CA LEU J 124 86.17 20.00 19.99
C LEU J 124 87.17 19.60 18.89
N THR J 125 87.30 18.30 18.66
CA THR J 125 88.08 17.78 17.52
C THR J 125 87.15 17.29 16.40
N SER J 126 85.89 17.02 16.75
CA SER J 126 84.91 16.43 15.84
C SER J 126 84.34 17.43 14.81
N GLY J 127 84.34 18.70 15.17
CA GLY J 127 83.76 19.73 14.33
C GLY J 127 82.30 20.02 14.67
N GLY J 128 81.73 19.19 15.54
CA GLY J 128 80.34 19.37 15.97
C GLY J 128 80.24 19.49 17.48
N ALA J 129 80.38 20.72 17.98
CA ALA J 129 80.23 20.99 19.40
C ALA J 129 78.75 20.95 19.80
N SER J 130 78.43 20.18 20.85
CA SER J 130 77.06 20.06 21.36
C SER J 130 76.94 20.25 22.88
N VAL J 131 75.93 21.02 23.29
CA VAL J 131 75.65 21.28 24.70
C VAL J 131 74.42 20.51 25.18
N VAL J 132 74.45 20.05 26.43
CA VAL J 132 73.40 19.19 26.98
C VAL J 132 72.70 19.86 28.18
N CYS J 133 71.40 19.58 28.34
CA CYS J 133 70.57 20.20 29.38
C CYS J 133 69.57 19.17 29.94
N PHE J 134 70.06 18.32 30.83
CA PHE J 134 69.23 17.28 31.47
C PHE J 134 68.19 17.85 32.41
N LEU J 135 67.11 17.11 32.61
CA LEU J 135 66.09 17.40 33.63
C LEU J 135 65.80 16.13 34.44
N ASN J 136 66.06 16.20 35.75
CA ASN J 136 65.99 15.04 36.65
C ASN J 136 64.57 14.55 36.94
N ASN J 137 64.21 14.50 38.22
CA ASN J 137 62.90 14.01 38.63
C ASN J 137 61.88 15.15 38.72
N PHE J 138 60.76 15.00 38.02
CA PHE J 138 59.71 16.02 38.03
C PHE J 138 58.33 15.45 37.70
N TYR J 139 57.30 16.28 37.95
CA TYR J 139 55.90 15.97 37.65
C TYR J 139 55.07 17.26 37.74
N PRO J 140 54.20 17.51 36.74
CA PRO J 140 53.82 16.70 35.57
C PRO J 140 54.86 16.68 34.45
N LYS J 141 54.49 16.14 33.29
CA LYS J 141 55.42 15.89 32.19
C LYS J 141 55.68 17.07 31.23
N ASP J 142 55.00 18.19 31.46
CA ASP J 142 55.12 19.36 30.60
C ASP J 142 56.28 20.30 30.96
N ILE J 143 57.18 20.48 30.00
CA ILE J 143 58.29 21.44 30.09
C ILE J 143 58.68 21.95 28.70
N ASN J 144 58.79 23.27 28.56
CA ASN J 144 59.28 23.88 27.32
C ASN J 144 60.68 24.46 27.49
N VAL J 145 61.68 23.63 27.16
CA VAL J 145 63.09 23.98 27.33
C VAL J 145 63.63 24.77 26.14
N LYS J 146 64.08 25.99 26.41
CA LYS J 146 64.61 26.87 25.37
C LYS J 146 66.09 27.21 25.55
N TRP J 147 66.85 27.07 24.46
CA TRP J 147 68.26 27.39 24.42
C TRP J 147 68.51 28.87 24.08
N LYS J 148 69.31 29.53 24.91
CA LYS J 148 69.61 30.95 24.71
C LYS J 148 71.08 31.18 24.40
N ILE J 149 71.37 31.44 23.12
CA ILE J 149 72.72 31.77 22.66
C ILE J 149 72.93 33.29 22.62
N ASP J 150 73.80 33.77 23.51
CA ASP J 150 74.08 35.21 23.68
C ASP J 150 72.88 36.02 24.16
N GLY J 151 72.03 35.38 24.97
CA GLY J 151 70.82 36.00 25.51
C GLY J 151 69.67 36.11 24.52
N SER J 152 69.81 35.45 23.37
CA SER J 152 68.82 35.53 22.30
C SER J 152 68.21 34.18 21.91
N GLU J 153 67.00 34.23 21.36
CA GLU J 153 66.24 33.05 20.98
C GLU J 153 66.78 32.45 19.67
N ARG J 154 67.53 31.36 19.79
CA ARG J 154 68.12 30.69 18.63
C ARG J 154 68.48 29.22 18.93
N GLN J 155 67.60 28.31 18.53
CA GLN J 155 67.87 26.87 18.63
C GLN J 155 67.69 26.11 17.31
N ASN J 156 68.81 25.80 16.67
CA ASN J 156 68.84 25.03 15.43
C ASN J 156 69.51 23.67 15.64
N GLY J 157 68.76 22.61 15.35
CA GLY J 157 69.25 21.25 15.54
C GLY J 157 69.27 20.85 17.01
N VAL J 158 68.08 20.77 17.60
CA VAL J 158 67.93 20.39 19.01
C VAL J 158 67.17 19.07 19.14
N LEU J 159 67.78 18.12 19.85
CA LEU J 159 67.18 16.81 20.12
C LEU J 159 66.59 16.76 21.52
N ASN J 160 65.36 16.24 21.62
CA ASN J 160 64.68 16.12 22.90
C ASN J 160 64.21 14.69 23.18
N SER J 161 64.78 14.07 24.20
CA SER J 161 64.39 12.73 24.64
C SER J 161 63.54 12.79 25.90
N TRP J 162 62.60 11.85 26.01
CA TRP J 162 61.72 11.75 27.17
C TRP J 162 61.59 10.30 27.66
N THR J 163 61.86 10.07 28.95
CA THR J 163 61.62 8.76 29.57
C THR J 163 60.18 8.67 30.07
N ASP J 164 59.64 7.44 30.09
CA ASP J 164 58.31 7.18 30.63
C ASP J 164 58.24 7.53 32.12
N GLN J 165 57.01 7.63 32.63
CA GLN J 165 56.78 7.87 34.05
C GLN J 165 57.53 6.82 34.88
N ASP J 166 58.61 7.27 35.53
CA ASP J 166 59.48 6.41 36.34
C ASP J 166 58.67 5.59 37.35
N SER J 167 58.89 4.28 37.35
CA SER J 167 58.15 3.38 38.24
C SER J 167 58.64 3.45 39.68
N LYS J 168 57.85 2.89 40.60
CA LYS J 168 58.16 2.82 42.04
C LYS J 168 57.99 4.13 42.81
N ASP J 169 58.49 5.23 42.25
CA ASP J 169 58.42 6.55 42.90
C ASP J 169 57.48 7.53 42.19
N SER J 170 57.24 7.29 40.91
CA SER J 170 56.34 8.09 40.06
C SER J 170 56.85 9.51 39.79
N THR J 171 57.95 9.61 39.05
CA THR J 171 58.50 10.88 38.59
C THR J 171 58.78 10.80 37.09
N TYR J 172 59.15 11.92 36.47
CA TYR J 172 59.44 11.97 35.04
C TYR J 172 60.87 12.48 34.80
N SER J 173 61.40 12.23 33.61
CA SER J 173 62.72 12.75 33.21
C SER J 173 62.78 13.11 31.72
N MET J 174 63.53 14.17 31.41
CA MET J 174 63.60 14.76 30.07
C MET J 174 65.04 15.16 29.71
N SER J 175 65.41 14.96 28.45
CA SER J 175 66.72 15.36 27.95
C SER J 175 66.61 16.34 26.77
N SER J 176 67.42 17.39 26.81
CA SER J 176 67.46 18.40 25.76
C SER J 176 68.90 18.67 25.33
N THR J 177 69.16 18.57 24.02
CA THR J 177 70.52 18.65 23.48
C THR J 177 70.62 19.53 22.24
N LEU J 178 71.46 20.57 22.31
CA LEU J 178 71.72 21.48 21.19
C LEU J 178 73.11 21.22 20.58
N THR J 179 73.15 20.95 19.28
CA THR J 179 74.40 20.74 18.54
C THR J 179 74.61 21.85 17.51
N LEU J 180 75.85 22.36 17.45
CA LEU J 180 76.23 23.39 16.49
C LEU J 180 77.41 22.90 15.67
N THR J 181 78.42 23.76 15.52
CA THR J 181 79.67 23.41 14.86
C THR J 181 80.85 23.87 15.72
N LYS J 182 82.06 23.47 15.31
CA LYS J 182 83.29 23.91 15.96
C LYS J 182 83.63 25.34 15.55
N ASP J 183 83.10 25.76 14.41
CA ASP J 183 83.37 27.10 13.87
C ASP J 183 82.35 28.13 14.41
N GLU J 184 81.27 27.64 15.00
CA GLU J 184 80.25 28.48 15.61
C GLU J 184 79.92 28.00 17.03
N TYR J 185 80.84 28.26 17.96
CA TYR J 185 80.66 27.92 19.37
C TYR J 185 81.64 28.66 20.29
N GLU J 186 82.94 28.42 20.09
CA GLU J 186 84.00 28.77 21.04
C GLU J 186 84.12 30.25 21.39
N ARG J 187 84.03 31.11 20.38
CA ARG J 187 84.19 32.56 20.52
C ARG J 187 83.06 33.28 21.28
N HIS J 188 81.88 32.66 21.33
CA HIS J 188 80.72 33.24 22.03
C HIS J 188 80.79 33.02 23.55
N ASN J 189 80.92 31.75 23.95
CA ASN J 189 80.99 31.33 25.36
C ASN J 189 80.00 32.01 26.32
N SER J 190 78.73 32.01 25.92
CA SER J 190 77.63 32.48 26.78
C SER J 190 76.32 31.78 26.42
N TYR J 191 76.04 30.66 27.07
CA TYR J 191 74.81 29.88 26.82
C TYR J 191 74.10 29.52 28.13
N THR J 192 72.77 29.66 28.15
CA THR J 192 71.97 29.52 29.37
C THR J 192 70.57 28.88 29.16
N CYS J 193 70.48 27.56 29.31
CA CYS J 193 69.19 26.86 29.11
C CYS J 193 68.20 27.03 30.27
N GLU J 194 66.96 27.35 29.93
CA GLU J 194 65.89 27.57 30.92
C GLU J 194 64.67 26.69 30.65
N ALA J 195 64.16 26.06 31.71
CA ALA J 195 62.96 25.24 31.62
C ALA J 195 61.74 25.96 32.21
N THR J 196 60.62 25.92 31.50
CA THR J 196 59.39 26.55 31.95
C THR J 196 58.38 25.52 32.47
N HIS J 197 58.50 25.20 33.76
CA HIS J 197 57.66 24.19 34.41
C HIS J 197 56.57 24.84 35.28
N LYS J 198 55.57 24.05 35.66
CA LYS J 198 54.45 24.56 36.48
C LYS J 198 54.80 24.73 37.97
N THR J 199 55.67 23.85 38.49
CA THR J 199 56.05 23.88 39.89
C THR J 199 56.90 25.10 40.21
N SER J 200 57.68 25.53 39.22
CA SER J 200 58.49 26.73 39.31
C SER J 200 57.61 27.95 39.19
N THR J 201 57.65 28.81 40.21
CA THR J 201 56.96 30.11 40.19
C THR J 201 57.54 30.99 39.08
N SER J 202 58.81 30.74 38.76
CA SER J 202 59.52 31.37 37.64
C SER J 202 60.57 30.38 37.10
N PRO J 203 60.88 30.45 35.79
CA PRO J 203 61.80 29.47 35.17
C PRO J 203 63.13 29.32 35.92
N ILE J 204 63.36 28.13 36.48
CA ILE J 204 64.61 27.81 37.20
C ILE J 204 65.73 27.56 36.19
N VAL J 205 66.55 28.59 35.96
CA VAL J 205 67.58 28.57 34.93
C VAL J 205 68.93 28.10 35.49
N LYS J 206 69.74 27.48 34.64
CA LYS J 206 71.11 27.13 34.99
C LYS J 206 72.11 27.51 33.89
N SER J 207 73.26 28.04 34.31
CA SER J 207 74.34 28.45 33.40
C SER J 207 75.68 28.57 34.11
N PHE J 208 76.76 28.44 33.34
CA PHE J 208 78.12 28.65 33.82
C PHE J 208 78.58 30.07 33.52
N ASN J 209 79.65 30.52 34.19
CA ASN J 209 80.28 31.80 33.90
C ASN J 209 81.80 31.80 34.14
#